data_1EQR
#
_entry.id   1EQR
#
_cell.length_a   117.749
_cell.length_b   161.958
_cell.length_c   131.599
_cell.angle_alpha   90.00
_cell.angle_beta   110.36
_cell.angle_gamma   90.00
#
_symmetry.space_group_name_H-M   'C 1 2 1'
#
loop_
_entity.id
_entity.type
_entity.pdbx_description
1 polymer 'ASPARTYL-TRNA SYNTHETASE'
2 non-polymer 'MAGNESIUM ION'
3 water water
#
_entity_poly.entity_id   1
_entity_poly.type   'polypeptide(L)'
_entity_poly.pdbx_seq_one_letter_code
;MRTEYCGQLRLSHVGQQVTLCGWVNRRRDLGSLIFIDMRDREGIVQVFFDPDRADALKLASELRNEFCIQVTGTVRARDE
KNINRDMATGEIEVLASSLTIINRADVLPLDSNHVNTEEARLKYRYLDLRRPEMAQRLKTRAKITSLVRRFMDDHGFLDI
ETPMLTKATPEGARDYLVPSRVHKGKFYALPQSPQLFKQLLMMSGFDRYYQIVKCFRDEDLRADRQPEFTQIDVETSFMT
APQVREVMEALVRHLWLEVKGVDLGDFPVMTFAEAERRYGSDKPDLRNPMELTDVADLLKSVEFAVFAGPANDPKGRVAA
LRVPGGASLTRKQIDEYGNFVKIYGAKGLAYIKVNERAKGLEGINSPVAKFLNAEIIEDILDRTAAQDGDMIFFGADNKK
IVADAMGALRLKVGKDLGLTDESKWAPLWVIDFPMFEDDGEGGLTAMHHPFTSPKDMTAAELKAAPENAVANAYDMVING
YEVGGGSVRIHNGDMQQTVFGILGINEEEQREKFGFLLDALKYGTPPHAGLAFGLDRLTMLLTGTDNIRDVIAFPKTTAA
ACLMTEAPSFANPTALAELSIQVVKKAENN
;
_entity_poly.pdbx_strand_id   A,B,C
#
loop_
_chem_comp.id
_chem_comp.type
_chem_comp.name
_chem_comp.formula
MG non-polymer 'MAGNESIUM ION' 'Mg 2'
#
# COMPACT_ATOMS: atom_id res chain seq x y z
N MET A 1 -38.30 0.63 0.39
CA MET A 1 -37.80 1.35 -0.84
C MET A 1 -38.80 2.44 -1.23
N ARG A 2 -38.50 3.68 -0.91
CA ARG A 2 -39.44 4.73 -1.22
C ARG A 2 -39.62 4.91 -2.71
N THR A 3 -40.66 5.67 -3.03
CA THR A 3 -41.07 5.99 -4.38
C THR A 3 -41.04 7.50 -4.49
N GLU A 4 -41.07 8.16 -3.34
CA GLU A 4 -41.05 9.61 -3.27
C GLU A 4 -40.68 10.06 -1.86
N TYR A 5 -40.27 11.31 -1.72
CA TYR A 5 -39.94 11.87 -0.41
C TYR A 5 -41.18 12.59 0.14
N CYS A 6 -41.47 12.33 1.41
CA CYS A 6 -42.63 12.91 2.08
C CYS A 6 -42.87 14.38 1.78
N GLY A 7 -41.80 15.15 1.82
CA GLY A 7 -41.92 16.59 1.63
C GLY A 7 -42.03 17.16 0.24
N GLN A 8 -41.81 16.35 -0.79
CA GLN A 8 -41.88 16.85 -2.15
C GLN A 8 -43.29 16.83 -2.71
N LEU A 9 -44.12 15.88 -2.25
CA LEU A 9 -45.52 15.75 -2.72
C LEU A 9 -46.33 17.06 -2.79
N ARG A 10 -46.92 17.31 -3.94
CA ARG A 10 -47.74 18.52 -4.09
C ARG A 10 -49.04 18.09 -4.77
N LEU A 11 -49.90 19.05 -5.07
CA LEU A 11 -51.16 18.70 -5.71
C LEU A 11 -50.91 17.89 -7.01
N SER A 12 -49.83 18.25 -7.71
CA SER A 12 -49.47 17.60 -8.94
C SER A 12 -49.36 16.08 -8.82
N HIS A 13 -49.18 15.59 -7.59
CA HIS A 13 -49.05 14.15 -7.40
C HIS A 13 -50.36 13.47 -7.15
N VAL A 14 -51.43 14.26 -7.03
CA VAL A 14 -52.72 13.67 -6.71
C VAL A 14 -53.08 12.53 -7.63
N GLY A 15 -53.31 11.37 -7.03
CA GLY A 15 -53.69 10.24 -7.83
C GLY A 15 -52.71 9.12 -7.74
N GLN A 16 -51.43 9.42 -7.59
CA GLN A 16 -50.46 8.35 -7.55
C GLN A 16 -50.38 7.52 -6.27
N GLN A 17 -49.91 6.28 -6.43
CA GLN A 17 -49.70 5.41 -5.31
C GLN A 17 -48.21 5.63 -5.03
N VAL A 18 -47.90 5.96 -3.79
CA VAL A 18 -46.54 6.24 -3.38
C VAL A 18 -46.07 5.38 -2.23
N THR A 19 -44.76 5.18 -2.12
CA THR A 19 -44.22 4.44 -0.99
C THR A 19 -43.30 5.41 -0.24
N LEU A 20 -43.72 5.78 0.97
CA LEU A 20 -42.96 6.69 1.77
C LEU A 20 -42.17 5.96 2.84
N CYS A 21 -40.99 6.51 3.12
CA CYS A 21 -40.09 5.99 4.13
C CYS A 21 -39.73 7.22 4.95
N GLY A 22 -39.59 7.03 6.26
CA GLY A 22 -39.29 8.19 7.08
C GLY A 22 -39.69 7.99 8.54
N TRP A 23 -39.89 9.11 9.24
CA TRP A 23 -40.21 9.08 10.68
C TRP A 23 -41.53 9.69 11.08
N VAL A 24 -42.11 9.18 12.17
CA VAL A 24 -43.35 9.74 12.68
C VAL A 24 -42.95 11.02 13.40
N ASN A 25 -43.39 12.16 12.88
CA ASN A 25 -43.08 13.46 13.49
C ASN A 25 -44.05 13.75 14.63
N ARG A 26 -45.34 13.66 14.34
CA ARG A 26 -46.42 13.91 15.29
C ARG A 26 -47.47 12.83 15.03
N ARG A 27 -48.46 12.71 15.91
CA ARG A 27 -49.54 11.78 15.71
C ARG A 27 -50.76 12.41 16.32
N ARG A 28 -51.89 12.32 15.65
CA ARG A 28 -53.11 12.90 16.14
C ARG A 28 -54.32 11.99 15.84
N ASP A 29 -54.97 11.51 16.89
CA ASP A 29 -56.17 10.68 16.74
C ASP A 29 -57.32 11.67 16.58
N LEU A 30 -58.24 11.36 15.67
CA LEU A 30 -59.43 12.17 15.38
C LEU A 30 -60.54 11.13 15.29
N GLY A 31 -61.03 10.74 16.46
CA GLY A 31 -62.04 9.72 16.53
C GLY A 31 -61.34 8.38 16.36
N SER A 32 -61.83 7.57 15.44
CA SER A 32 -61.23 6.27 15.16
C SER A 32 -60.20 6.48 14.05
N LEU A 33 -60.08 7.73 13.61
CA LEU A 33 -59.16 8.08 12.55
C LEU A 33 -57.76 8.34 13.10
N ILE A 34 -56.72 7.81 12.47
CA ILE A 34 -55.35 8.07 12.95
C ILE A 34 -54.57 8.86 11.88
N PHE A 35 -54.04 10.01 12.29
CA PHE A 35 -53.28 10.90 11.42
C PHE A 35 -51.83 10.96 11.85
N ILE A 36 -50.94 10.86 10.86
CA ILE A 36 -49.52 10.91 11.13
C ILE A 36 -48.85 11.95 10.26
N ASP A 37 -47.97 12.75 10.86
CA ASP A 37 -47.20 13.71 10.10
C ASP A 37 -45.87 12.99 9.89
N MET A 38 -45.72 12.34 8.72
CA MET A 38 -44.54 11.56 8.38
C MET A 38 -43.46 12.45 7.85
N ARG A 39 -42.23 12.19 8.31
CA ARG A 39 -41.09 13.02 7.97
C ARG A 39 -39.87 12.34 7.33
N ASP A 40 -39.21 13.08 6.42
CA ASP A 40 -37.94 12.68 5.76
C ASP A 40 -37.25 13.99 5.31
N ARG A 41 -35.96 13.95 4.95
CA ARG A 41 -35.22 15.18 4.58
C ARG A 41 -35.97 16.22 3.73
N GLU A 42 -36.96 15.81 2.93
CA GLU A 42 -37.67 16.82 2.17
C GLU A 42 -38.74 17.53 2.99
N GLY A 43 -39.15 16.94 4.11
CA GLY A 43 -40.16 17.62 4.89
C GLY A 43 -41.22 16.69 5.41
N ILE A 44 -42.35 17.29 5.77
CA ILE A 44 -43.47 16.56 6.35
C ILE A 44 -44.73 16.41 5.48
N VAL A 45 -45.32 15.23 5.51
CA VAL A 45 -46.54 15.00 4.75
C VAL A 45 -47.52 14.36 5.73
N GLN A 46 -48.78 14.78 5.65
CA GLN A 46 -49.81 14.21 6.50
C GLN A 46 -50.25 12.85 5.94
N VAL A 47 -50.28 11.83 6.79
CA VAL A 47 -50.72 10.51 6.35
C VAL A 47 -52.01 10.13 7.09
N PHE A 48 -53.04 9.79 6.32
CA PHE A 48 -54.33 9.42 6.87
C PHE A 48 -54.54 7.93 6.84
N PHE A 49 -54.89 7.35 7.99
CA PHE A 49 -55.15 5.92 8.05
C PHE A 49 -56.66 5.70 8.25
N ASP A 50 -57.29 5.09 7.26
CA ASP A 50 -58.73 4.79 7.27
C ASP A 50 -59.00 3.43 7.90
N PRO A 51 -60.11 3.31 8.62
CA PRO A 51 -60.50 2.06 9.29
C PRO A 51 -60.92 1.01 8.27
N ASP A 52 -60.99 1.43 7.01
CA ASP A 52 -61.35 0.55 5.91
C ASP A 52 -60.25 -0.48 5.68
N ARG A 53 -59.02 -0.14 6.05
CA ARG A 53 -57.92 -1.09 5.89
C ARG A 53 -57.40 -1.50 7.27
N ALA A 54 -58.20 -2.34 7.91
CA ALA A 54 -57.99 -2.88 9.24
C ALA A 54 -56.59 -3.07 9.79
N ASP A 55 -55.69 -3.70 9.01
CA ASP A 55 -54.33 -3.96 9.48
C ASP A 55 -53.36 -2.76 9.52
N ALA A 56 -53.51 -1.83 8.61
CA ALA A 56 -52.62 -0.67 8.61
C ALA A 56 -53.01 0.23 9.78
N LEU A 57 -54.30 0.32 10.04
CA LEU A 57 -54.83 1.13 11.13
C LEU A 57 -54.51 0.39 12.44
N LYS A 58 -54.35 -0.93 12.35
CA LYS A 58 -54.06 -1.69 13.54
C LYS A 58 -52.68 -1.32 14.02
N LEU A 59 -51.71 -1.42 13.12
CA LEU A 59 -50.33 -1.10 13.44
C LEU A 59 -50.13 0.37 13.77
N ALA A 60 -50.89 1.21 13.07
CA ALA A 60 -50.79 2.65 13.24
C ALA A 60 -51.16 3.16 14.64
N SER A 61 -51.86 2.37 15.42
CA SER A 61 -52.24 2.79 16.76
C SER A 61 -51.11 2.59 17.78
N GLU A 62 -49.96 2.13 17.29
CA GLU A 62 -48.79 1.91 18.14
C GLU A 62 -47.74 2.92 17.83
N LEU A 63 -47.97 3.71 16.79
CA LEU A 63 -47.00 4.71 16.37
C LEU A 63 -46.82 5.83 17.36
N ARG A 64 -45.57 6.07 17.72
CA ARG A 64 -45.21 7.15 18.62
C ARG A 64 -44.21 7.95 17.85
N ASN A 65 -43.86 9.12 18.35
CA ASN A 65 -42.92 9.98 17.67
C ASN A 65 -41.61 9.29 17.40
N GLU A 66 -41.04 9.62 16.25
CA GLU A 66 -39.74 9.08 15.82
C GLU A 66 -39.68 7.63 15.41
N PHE A 67 -40.82 6.94 15.35
CA PHE A 67 -40.81 5.55 14.90
C PHE A 67 -40.34 5.58 13.46
N CYS A 68 -39.56 4.59 13.05
CA CYS A 68 -39.12 4.54 11.66
C CYS A 68 -40.14 3.68 10.96
N ILE A 69 -40.79 4.27 9.96
CA ILE A 69 -41.85 3.56 9.27
C ILE A 69 -41.79 3.67 7.76
N GLN A 70 -42.63 2.88 7.12
CA GLN A 70 -42.78 2.86 5.68
C GLN A 70 -44.29 2.76 5.46
N VAL A 71 -44.80 3.58 4.55
CA VAL A 71 -46.22 3.53 4.26
C VAL A 71 -46.42 3.70 2.80
N THR A 72 -47.21 2.81 2.23
CA THR A 72 -47.50 2.96 0.85
C THR A 72 -48.96 3.43 0.88
N GLY A 73 -49.26 4.50 0.15
CA GLY A 73 -50.62 5.00 0.15
C GLY A 73 -50.96 5.71 -1.14
N THR A 74 -52.04 6.47 -1.14
CA THR A 74 -52.49 7.23 -2.31
C THR A 74 -52.52 8.71 -1.95
N VAL A 75 -51.96 9.54 -2.81
CA VAL A 75 -51.96 10.97 -2.56
C VAL A 75 -53.32 11.50 -2.95
N ARG A 76 -53.83 12.47 -2.21
CA ARG A 76 -55.13 13.03 -2.55
C ARG A 76 -55.28 14.44 -2.00
N ALA A 77 -56.14 15.21 -2.66
CA ALA A 77 -56.37 16.58 -2.24
C ALA A 77 -57.05 16.64 -0.87
N ARG A 78 -56.56 17.53 -0.02
CA ARG A 78 -57.15 17.71 1.28
C ARG A 78 -58.39 18.51 0.93
N ASP A 79 -59.35 18.61 1.84
CA ASP A 79 -60.51 19.44 1.53
C ASP A 79 -60.07 20.89 1.67
N GLU A 80 -60.80 21.81 1.04
CA GLU A 80 -60.45 23.22 1.10
C GLU A 80 -60.29 23.64 2.55
N LYS A 81 -61.21 23.22 3.41
CA LYS A 81 -61.17 23.59 4.83
C LYS A 81 -60.03 22.98 5.62
N ASN A 82 -59.35 21.99 5.07
CA ASN A 82 -58.22 21.35 5.74
C ASN A 82 -56.87 21.70 5.11
N ILE A 83 -56.86 22.59 4.13
CA ILE A 83 -55.61 22.94 3.48
C ILE A 83 -54.76 23.66 4.52
N ASN A 84 -53.49 23.31 4.59
CA ASN A 84 -52.57 23.94 5.53
C ASN A 84 -51.57 24.72 4.74
N ARG A 85 -51.86 26.00 4.58
CA ARG A 85 -51.01 26.88 3.81
C ARG A 85 -49.59 27.06 4.35
N ASP A 86 -49.27 26.48 5.52
CA ASP A 86 -47.91 26.63 6.04
C ASP A 86 -47.01 25.41 5.87
N MET A 87 -47.50 24.36 5.23
CA MET A 87 -46.68 23.19 4.97
C MET A 87 -46.54 23.17 3.45
N ALA A 88 -45.36 22.82 2.93
CA ALA A 88 -45.20 22.77 1.49
C ALA A 88 -46.19 21.75 0.90
N THR A 89 -46.51 20.70 1.66
CA THR A 89 -47.44 19.67 1.19
C THR A 89 -48.83 19.93 1.73
N GLY A 90 -49.03 21.14 2.24
CA GLY A 90 -50.29 21.51 2.84
C GLY A 90 -51.59 21.32 2.08
N GLU A 91 -51.55 20.94 0.81
CA GLU A 91 -52.80 20.73 0.06
C GLU A 91 -53.14 19.29 -0.19
N ILE A 92 -52.33 18.37 0.30
CA ILE A 92 -52.61 16.97 0.09
C ILE A 92 -52.35 16.20 1.34
N GLU A 93 -52.61 14.90 1.26
CA GLU A 93 -52.37 14.00 2.38
C GLU A 93 -52.31 12.67 1.69
N VAL A 94 -51.82 11.67 2.39
CA VAL A 94 -51.73 10.37 1.79
C VAL A 94 -52.64 9.42 2.53
N LEU A 95 -53.63 8.90 1.82
CA LEU A 95 -54.55 7.94 2.35
C LEU A 95 -53.78 6.63 2.32
N ALA A 96 -53.24 6.23 3.46
CA ALA A 96 -52.47 5.00 3.57
C ALA A 96 -53.29 3.77 3.24
N SER A 97 -52.61 2.68 2.89
CA SER A 97 -53.25 1.42 2.56
C SER A 97 -52.38 0.35 3.17
N SER A 98 -51.19 0.76 3.60
CA SER A 98 -50.24 -0.18 4.18
C SER A 98 -49.21 0.53 5.03
N LEU A 99 -48.80 -0.13 6.10
CA LEU A 99 -47.83 0.42 7.03
C LEU A 99 -46.88 -0.66 7.52
N THR A 100 -45.61 -0.30 7.64
CA THR A 100 -44.65 -1.24 8.19
C THR A 100 -43.79 -0.46 9.15
N ILE A 101 -43.79 -0.92 10.40
CA ILE A 101 -43.00 -0.26 11.42
C ILE A 101 -41.61 -0.83 11.28
N ILE A 102 -40.69 -0.05 10.76
CA ILE A 102 -39.33 -0.57 10.61
C ILE A 102 -38.60 -0.64 11.96
N ASN A 103 -38.84 0.35 12.81
CA ASN A 103 -38.18 0.39 14.11
C ASN A 103 -38.86 1.36 15.07
N ARG A 104 -39.06 0.90 16.30
CA ARG A 104 -39.66 1.72 17.33
C ARG A 104 -38.58 2.72 17.79
N ALA A 105 -38.94 3.69 18.62
CA ALA A 105 -37.93 4.61 19.10
C ALA A 105 -38.11 5.01 20.58
N ASP A 106 -37.01 5.02 21.31
CA ASP A 106 -37.04 5.40 22.71
C ASP A 106 -37.47 6.86 22.73
N VAL A 107 -37.88 7.33 23.91
CA VAL A 107 -38.28 8.71 24.05
C VAL A 107 -36.98 9.48 23.89
N LEU A 108 -37.00 10.54 23.11
CA LEU A 108 -35.81 11.32 22.86
C LEU A 108 -35.32 12.04 24.11
N PRO A 109 -34.00 11.92 24.43
CA PRO A 109 -33.46 12.59 25.62
C PRO A 109 -33.29 14.08 25.35
N LEU A 110 -33.61 14.47 24.13
CA LEU A 110 -33.52 15.87 23.74
C LEU A 110 -34.96 16.31 23.46
N ASP A 111 -35.57 16.99 24.43
CA ASP A 111 -36.95 17.47 24.27
C ASP A 111 -37.09 18.41 23.09
N SER A 112 -38.18 18.28 22.35
CA SER A 112 -38.40 19.11 21.17
C SER A 112 -39.40 20.26 21.28
N ASN A 113 -40.50 20.06 22.00
CA ASN A 113 -41.49 21.12 22.15
C ASN A 113 -40.93 22.27 22.99
N HIS A 114 -39.70 22.10 23.45
CA HIS A 114 -39.04 23.11 24.27
C HIS A 114 -37.63 23.39 23.74
N VAL A 115 -37.02 24.44 24.26
CA VAL A 115 -35.67 24.81 23.85
C VAL A 115 -34.65 24.04 24.68
N ASN A 116 -33.49 23.77 24.07
CA ASN A 116 -32.42 23.05 24.75
C ASN A 116 -31.13 23.87 24.77
N THR A 117 -30.16 23.43 25.57
CA THR A 117 -28.88 24.12 25.69
C THR A 117 -28.01 23.60 24.57
N GLU A 118 -27.29 24.48 23.90
CA GLU A 118 -26.42 24.05 22.81
C GLU A 118 -25.64 22.81 23.24
N GLU A 119 -25.43 22.68 24.55
CA GLU A 119 -24.72 21.54 25.13
C GLU A 119 -25.46 20.22 25.00
N ALA A 120 -26.70 20.17 25.48
CA ALA A 120 -27.48 18.94 25.41
C ALA A 120 -27.67 18.56 23.94
N ARG A 121 -27.81 19.56 23.09
CA ARG A 121 -27.97 19.34 21.66
C ARG A 121 -26.71 18.72 21.09
N LEU A 122 -25.54 19.23 21.48
CA LEU A 122 -24.28 18.69 20.99
C LEU A 122 -23.97 17.26 21.43
N LYS A 123 -24.49 16.85 22.60
CA LYS A 123 -24.24 15.49 23.09
C LYS A 123 -25.09 14.51 22.28
N TYR A 124 -26.26 14.99 21.85
CA TYR A 124 -27.19 14.20 21.07
C TYR A 124 -27.27 14.80 19.68
N ARG A 125 -26.11 15.26 19.21
CA ARG A 125 -25.96 15.90 17.91
C ARG A 125 -26.73 15.16 16.86
N TYR A 126 -26.61 13.84 16.83
CA TYR A 126 -27.33 13.06 15.85
C TYR A 126 -28.81 13.40 15.89
N LEU A 127 -29.38 13.51 17.09
CA LEU A 127 -30.80 13.83 17.26
C LEU A 127 -31.12 15.25 16.86
N ASP A 128 -30.30 16.18 17.29
CA ASP A 128 -30.53 17.59 17.00
C ASP A 128 -30.47 17.87 15.50
N LEU A 129 -29.82 16.97 14.75
CA LEU A 129 -29.69 17.17 13.31
C LEU A 129 -30.95 16.75 12.58
N ARG A 130 -31.88 16.10 13.29
CA ARG A 130 -33.15 15.69 12.70
C ARG A 130 -34.08 16.89 12.59
N ARG A 131 -33.75 18.00 13.23
CA ARG A 131 -34.59 19.17 13.15
C ARG A 131 -34.48 19.84 11.79
N PRO A 132 -35.60 20.36 11.28
CA PRO A 132 -35.57 21.02 9.97
C PRO A 132 -34.66 22.24 9.90
N GLU A 133 -34.79 23.17 10.85
CA GLU A 133 -33.95 24.39 10.87
C GLU A 133 -32.48 23.97 10.72
N MET A 134 -32.09 22.94 11.46
CA MET A 134 -30.73 22.40 11.45
C MET A 134 -30.36 21.78 10.11
N ALA A 135 -31.10 20.74 9.74
CA ALA A 135 -30.85 20.03 8.50
C ALA A 135 -30.89 20.90 7.26
N GLN A 136 -31.60 22.03 7.31
CA GLN A 136 -31.67 22.92 6.15
C GLN A 136 -30.34 23.66 5.99
N ARG A 137 -29.66 23.89 7.11
CA ARG A 137 -28.36 24.56 7.11
C ARG A 137 -27.33 23.69 6.39
N LEU A 138 -27.33 22.41 6.70
CA LEU A 138 -26.38 21.51 6.09
C LEU A 138 -26.71 21.31 4.62
N LYS A 139 -28.02 21.29 4.28
CA LYS A 139 -28.43 21.12 2.88
C LYS A 139 -28.09 22.36 2.07
N THR A 140 -28.14 23.53 2.67
CA THR A 140 -27.75 24.70 1.91
C THR A 140 -26.22 24.72 1.83
N ARG A 141 -25.54 24.12 2.83
CA ARG A 141 -24.07 24.11 2.79
C ARG A 141 -23.66 23.22 1.65
N ALA A 142 -24.40 22.13 1.44
CA ALA A 142 -24.11 21.21 0.34
C ALA A 142 -24.40 21.95 -0.96
N LYS A 143 -25.52 22.65 -1.00
CA LYS A 143 -25.87 23.42 -2.18
C LYS A 143 -24.77 24.43 -2.50
N ILE A 144 -24.29 25.17 -1.50
CA ILE A 144 -23.27 26.17 -1.76
C ILE A 144 -21.94 25.59 -2.32
N THR A 145 -21.45 24.51 -1.74
CA THR A 145 -20.19 23.96 -2.22
C THR A 145 -20.38 23.48 -3.64
N SER A 146 -21.59 23.02 -3.91
CA SER A 146 -21.93 22.55 -5.24
C SER A 146 -21.97 23.72 -6.23
N LEU A 147 -22.49 24.87 -5.81
CA LEU A 147 -22.54 26.03 -6.70
C LEU A 147 -21.14 26.58 -6.92
N VAL A 148 -20.27 26.37 -5.93
CA VAL A 148 -18.88 26.82 -5.99
C VAL A 148 -18.13 25.97 -7.00
N ARG A 149 -18.18 24.66 -6.82
CA ARG A 149 -17.51 23.71 -7.67
C ARG A 149 -17.84 23.87 -9.14
N ARG A 150 -19.13 23.99 -9.45
CA ARG A 150 -19.53 24.17 -10.84
C ARG A 150 -18.94 25.47 -11.36
N PHE A 151 -18.90 26.48 -10.50
CA PHE A 151 -18.31 27.77 -10.87
C PHE A 151 -16.81 27.64 -11.22
N MET A 152 -16.05 27.06 -10.30
CA MET A 152 -14.64 26.93 -10.50
C MET A 152 -14.39 26.14 -11.75
N ASP A 153 -15.18 25.10 -11.93
CA ASP A 153 -15.02 24.27 -13.12
C ASP A 153 -15.30 25.11 -14.36
N ASP A 154 -16.47 25.76 -14.41
CA ASP A 154 -16.74 26.55 -15.60
C ASP A 154 -15.62 27.54 -15.85
N HIS A 155 -14.97 28.05 -14.80
CA HIS A 155 -13.88 29.02 -15.00
C HIS A 155 -12.49 28.42 -15.12
N GLY A 156 -12.40 27.10 -15.15
CA GLY A 156 -11.13 26.44 -15.35
C GLY A 156 -10.15 26.15 -14.24
N PHE A 157 -10.61 26.21 -13.00
CA PHE A 157 -9.76 25.93 -11.86
C PHE A 157 -9.84 24.42 -11.68
N LEU A 158 -8.69 23.79 -11.51
CA LEU A 158 -8.60 22.36 -11.29
C LEU A 158 -8.67 22.07 -9.79
N ASP A 159 -9.38 21.02 -9.42
CA ASP A 159 -9.49 20.64 -8.03
C ASP A 159 -8.35 19.66 -7.79
N ILE A 160 -7.29 20.13 -7.16
CA ILE A 160 -6.15 19.28 -6.87
C ILE A 160 -6.01 19.23 -5.36
N GLU A 161 -5.89 17.99 -4.86
CA GLU A 161 -5.76 17.75 -3.43
C GLU A 161 -4.34 18.00 -2.95
N THR A 162 -4.22 18.50 -1.74
CA THR A 162 -2.93 18.74 -1.12
C THR A 162 -2.83 17.90 0.11
N PRO A 163 -1.62 17.64 0.58
CA PRO A 163 -1.57 16.80 1.77
C PRO A 163 -1.99 17.41 3.10
N MET A 164 -2.54 16.53 3.94
CA MET A 164 -2.99 16.88 5.28
C MET A 164 -1.82 16.60 6.26
N LEU A 165 -1.01 15.57 5.95
CA LEU A 165 0.19 15.25 6.74
C LEU A 165 1.32 16.15 6.17
N THR A 166 1.51 17.30 6.80
CA THR A 166 2.44 18.33 6.39
C THR A 166 3.72 18.43 7.20
N LYS A 167 4.52 19.42 6.86
CA LYS A 167 5.75 19.69 7.56
C LYS A 167 5.57 20.92 8.43
N ALA A 168 5.89 20.80 9.72
CA ALA A 168 5.77 21.93 10.63
C ALA A 168 6.73 23.05 10.15
N THR A 169 6.17 24.17 9.69
CA THR A 169 7.00 25.29 9.21
C THR A 169 7.06 26.49 10.16
N PRO A 170 8.08 27.35 10.01
CA PRO A 170 8.33 28.55 10.81
C PRO A 170 7.44 29.78 10.57
N GLU A 171 7.07 30.43 11.67
CA GLU A 171 6.22 31.60 11.66
C GLU A 171 4.78 31.20 11.35
N GLY A 172 4.02 32.10 10.74
CA GLY A 172 2.64 31.78 10.45
C GLY A 172 1.89 31.70 11.76
N ALA A 173 1.86 30.51 12.36
CA ALA A 173 1.17 30.31 13.63
C ALA A 173 1.46 28.96 14.33
N ARG A 174 0.43 28.35 14.93
CA ARG A 174 0.56 27.10 15.66
C ARG A 174 -0.09 25.87 14.97
N ASP A 175 0.61 24.74 14.96
CA ASP A 175 0.07 23.56 14.32
C ASP A 175 -0.25 22.45 15.31
N TYR A 176 -0.97 21.46 14.79
CA TYR A 176 -1.32 20.25 15.52
C TYR A 176 -0.24 19.28 15.09
N LEU A 177 0.52 18.74 16.03
CA LEU A 177 1.56 17.83 15.65
C LEU A 177 1.04 16.40 15.56
N VAL A 178 1.72 15.57 14.77
CA VAL A 178 1.37 14.16 14.60
C VAL A 178 2.66 13.34 14.70
N PRO A 179 2.89 12.69 15.84
CA PRO A 179 4.13 11.91 15.94
C PRO A 179 4.17 10.82 14.88
N SER A 180 5.36 10.33 14.53
CA SER A 180 5.46 9.25 13.55
C SER A 180 5.93 7.95 14.18
N ARG A 181 5.26 6.86 13.84
CA ARG A 181 5.61 5.54 14.35
C ARG A 181 6.77 4.97 13.49
N VAL A 182 7.00 5.55 12.30
CA VAL A 182 8.07 5.10 11.41
C VAL A 182 9.31 5.94 11.63
N HIS A 183 9.12 7.23 11.86
CA HIS A 183 10.26 8.11 12.13
C HIS A 183 10.05 8.56 13.57
N LYS A 184 10.40 7.67 14.49
CA LYS A 184 10.23 7.91 15.91
C LYS A 184 10.98 9.14 16.40
N GLY A 185 10.23 10.11 16.91
CA GLY A 185 10.81 11.35 17.39
C GLY A 185 10.51 12.49 16.44
N LYS A 186 9.79 12.23 15.35
CA LYS A 186 9.47 13.27 14.37
C LYS A 186 7.97 13.42 14.14
N PHE A 187 7.57 14.62 13.73
CA PHE A 187 6.17 14.90 13.51
C PHE A 187 5.81 15.48 12.15
N TYR A 188 4.50 15.51 11.89
CA TYR A 188 3.92 16.12 10.69
C TYR A 188 3.10 17.23 11.32
N ALA A 189 2.40 17.99 10.50
CA ALA A 189 1.55 19.04 11.06
C ALA A 189 0.26 19.08 10.24
N LEU A 190 -0.88 19.20 10.88
CA LEU A 190 -2.11 19.31 10.12
C LEU A 190 -1.88 20.66 9.51
N PRO A 191 -2.27 20.86 8.25
CA PRO A 191 -2.05 22.15 7.59
C PRO A 191 -2.93 23.27 8.06
N GLN A 192 -2.40 24.49 8.11
CA GLN A 192 -3.24 25.62 8.47
C GLN A 192 -3.98 25.85 7.13
N SER A 193 -3.28 25.53 6.05
CA SER A 193 -3.79 25.68 4.69
C SER A 193 -2.79 25.15 3.65
N PRO A 194 -3.28 24.89 2.42
CA PRO A 194 -2.48 24.40 1.29
C PRO A 194 -1.58 25.50 0.72
N GLN A 195 -1.37 26.52 1.56
CA GLN A 195 -0.58 27.70 1.28
C GLN A 195 0.64 27.54 0.42
N LEU A 196 1.62 26.76 0.86
CA LEU A 196 2.81 26.64 0.03
C LEU A 196 2.69 25.61 -1.08
N PHE A 197 1.85 24.60 -0.87
CA PHE A 197 1.60 23.55 -1.87
C PHE A 197 0.87 24.05 -3.12
N LYS A 198 -0.04 25.03 -2.99
CA LYS A 198 -0.78 25.54 -4.14
C LYS A 198 0.10 26.41 -4.99
N GLN A 199 1.06 27.09 -4.35
CA GLN A 199 1.97 27.92 -5.10
C GLN A 199 2.91 26.97 -5.87
N LEU A 200 3.27 25.90 -5.21
CA LEU A 200 4.14 24.93 -5.82
C LEU A 200 3.42 24.38 -7.05
N LEU A 201 2.09 24.36 -7.01
CA LEU A 201 1.32 23.84 -8.15
C LEU A 201 1.24 24.84 -9.30
N MET A 202 1.38 26.12 -8.98
CA MET A 202 1.36 27.13 -10.02
C MET A 202 2.72 27.07 -10.69
N MET A 203 3.71 26.60 -9.95
CA MET A 203 5.02 26.50 -10.54
C MET A 203 5.14 25.18 -11.28
N SER A 204 4.23 24.26 -11.00
CA SER A 204 4.22 22.96 -11.69
C SER A 204 3.47 23.01 -13.02
N GLY A 205 2.96 24.16 -13.40
CA GLY A 205 2.28 24.22 -14.68
C GLY A 205 0.77 24.27 -14.66
N PHE A 206 0.16 23.72 -13.62
CA PHE A 206 -1.29 23.79 -13.48
C PHE A 206 -1.45 25.29 -13.47
N ASP A 207 -2.54 25.80 -13.99
CA ASP A 207 -2.63 27.25 -14.13
C ASP A 207 -3.59 27.94 -13.15
N ARG A 208 -4.62 27.20 -12.75
CA ARG A 208 -5.64 27.67 -11.84
C ARG A 208 -6.02 26.49 -10.98
N TYR A 209 -5.90 26.67 -9.68
CA TYR A 209 -6.20 25.62 -8.74
C TYR A 209 -7.24 26.09 -7.76
N TYR A 210 -7.97 25.13 -7.23
CA TYR A 210 -8.90 25.44 -6.16
C TYR A 210 -9.08 24.12 -5.43
N GLN A 211 -9.57 24.18 -4.20
CA GLN A 211 -9.81 22.99 -3.39
C GLN A 211 -10.74 23.47 -2.26
N ILE A 212 -11.63 22.60 -1.80
CA ILE A 212 -12.46 22.92 -0.65
C ILE A 212 -11.82 21.97 0.35
N VAL A 213 -10.96 22.55 1.18
CA VAL A 213 -10.15 21.77 2.11
C VAL A 213 -10.21 22.16 3.59
N LYS A 214 -9.76 21.26 4.46
CA LYS A 214 -9.74 21.48 5.91
C LYS A 214 -8.41 22.10 6.32
N CYS A 215 -8.50 23.02 7.28
CA CYS A 215 -7.39 23.75 7.86
C CYS A 215 -7.52 23.65 9.37
N PHE A 216 -6.39 23.65 10.06
CA PHE A 216 -6.39 23.52 11.50
C PHE A 216 -5.58 24.60 12.19
N ARG A 217 -6.21 25.34 13.09
CA ARG A 217 -5.54 26.40 13.86
C ARG A 217 -5.54 25.94 15.33
N ASP A 218 -4.36 25.64 15.88
CA ASP A 218 -4.29 25.21 17.28
C ASP A 218 -4.17 26.37 18.25
N GLU A 219 -4.66 27.53 17.85
CA GLU A 219 -4.65 28.70 18.72
C GLU A 219 -5.96 28.61 19.50
N ASP A 220 -6.08 29.38 20.58
CA ASP A 220 -7.30 29.35 21.37
C ASP A 220 -8.53 29.67 20.52
N LEU A 221 -9.59 28.92 20.77
CA LEU A 221 -10.83 29.06 20.03
C LEU A 221 -11.74 30.16 20.56
N ARG A 222 -12.02 31.14 19.71
CA ARG A 222 -12.88 32.26 20.06
C ARG A 222 -14.35 31.87 19.90
N ALA A 223 -15.19 32.87 19.65
CA ALA A 223 -16.63 32.69 19.47
C ALA A 223 -16.94 31.66 18.38
N ASP A 224 -16.98 32.13 17.14
CA ASP A 224 -17.24 31.25 16.00
C ASP A 224 -15.91 30.76 15.41
N ARG A 225 -15.14 30.11 16.29
CA ARG A 225 -13.82 29.57 16.00
C ARG A 225 -13.65 28.11 16.35
N GLN A 226 -13.59 27.27 15.33
CA GLN A 226 -13.41 25.85 15.49
C GLN A 226 -11.93 25.47 15.29
N PRO A 227 -11.50 24.35 15.85
CA PRO A 227 -10.09 24.01 15.64
C PRO A 227 -9.83 23.66 14.17
N GLU A 228 -10.88 23.18 13.51
CA GLU A 228 -10.88 22.81 12.09
C GLU A 228 -11.86 23.72 11.39
N PHE A 229 -11.56 24.09 10.17
CA PHE A 229 -12.50 24.87 9.44
C PHE A 229 -12.27 24.56 7.99
N THR A 230 -13.21 24.93 7.14
CA THR A 230 -13.10 24.61 5.73
C THR A 230 -12.95 25.85 4.89
N GLN A 231 -11.97 25.84 4.00
CA GLN A 231 -11.73 26.97 3.14
C GLN A 231 -11.97 26.64 1.70
N ILE A 232 -12.35 27.66 0.94
CA ILE A 232 -12.47 27.50 -0.49
C ILE A 232 -11.14 28.11 -0.86
N ASP A 233 -10.15 27.24 -1.01
CA ASP A 233 -8.80 27.64 -1.36
C ASP A 233 -8.66 27.87 -2.87
N VAL A 234 -8.13 29.02 -3.27
CA VAL A 234 -7.93 29.37 -4.69
C VAL A 234 -6.51 29.89 -5.01
N GLU A 235 -5.99 29.55 -6.19
CA GLU A 235 -4.65 30.02 -6.64
C GLU A 235 -4.68 30.20 -8.16
N THR A 236 -4.16 31.34 -8.64
CA THR A 236 -4.15 31.64 -10.06
C THR A 236 -2.77 31.98 -10.57
N SER A 237 -2.59 31.88 -11.89
CA SER A 237 -1.32 32.25 -12.53
C SER A 237 -1.63 33.31 -13.56
N PHE A 238 -0.56 33.95 -14.02
CA PHE A 238 -0.63 34.99 -15.05
C PHE A 238 -1.78 35.98 -14.85
N MET A 239 -2.07 36.32 -13.59
CA MET A 239 -3.14 37.28 -13.28
C MET A 239 -2.75 38.29 -12.20
N THR A 240 -3.24 39.50 -12.39
CA THR A 240 -3.02 40.59 -11.46
C THR A 240 -4.03 40.43 -10.33
N ALA A 241 -3.87 41.27 -9.30
CA ALA A 241 -4.77 41.20 -8.15
C ALA A 241 -6.18 41.67 -8.53
N PRO A 242 -6.29 42.79 -9.27
CA PRO A 242 -7.61 43.30 -9.66
C PRO A 242 -8.36 42.20 -10.45
N GLN A 243 -7.63 41.46 -11.27
CA GLN A 243 -8.22 40.39 -12.05
C GLN A 243 -8.68 39.24 -11.15
N VAL A 244 -7.87 38.94 -10.14
CA VAL A 244 -8.15 37.87 -9.19
C VAL A 244 -9.42 38.24 -8.40
N ARG A 245 -9.51 39.48 -7.96
CA ARG A 245 -10.67 39.93 -7.20
C ARG A 245 -11.92 39.90 -8.06
N GLU A 246 -11.73 40.17 -9.34
CA GLU A 246 -12.87 40.22 -10.24
C GLU A 246 -13.62 38.89 -10.24
N VAL A 247 -12.95 37.84 -10.68
CA VAL A 247 -13.60 36.55 -10.72
C VAL A 247 -13.99 36.09 -9.34
N MET A 248 -13.20 36.42 -8.33
CA MET A 248 -13.53 36.04 -6.96
C MET A 248 -14.77 36.79 -6.47
N GLU A 249 -14.94 38.03 -6.94
CA GLU A 249 -16.12 38.81 -6.59
C GLU A 249 -17.34 38.25 -7.36
N ALA A 250 -17.07 37.50 -8.43
CA ALA A 250 -18.12 36.91 -9.25
C ALA A 250 -18.67 35.65 -8.59
N LEU A 251 -17.79 34.85 -8.02
CA LEU A 251 -18.19 33.62 -7.35
C LEU A 251 -19.13 33.99 -6.18
N VAL A 252 -18.82 35.06 -5.46
CA VAL A 252 -19.65 35.44 -4.32
C VAL A 252 -20.99 36.00 -4.76
N ARG A 253 -21.01 36.88 -5.76
CA ARG A 253 -22.30 37.42 -6.23
C ARG A 253 -23.19 36.26 -6.71
N HIS A 254 -22.58 35.33 -7.43
CA HIS A 254 -23.28 34.17 -7.92
C HIS A 254 -23.93 33.42 -6.75
N LEU A 255 -23.20 33.29 -5.65
CA LEU A 255 -23.70 32.59 -4.49
C LEU A 255 -24.91 33.29 -3.89
N TRP A 256 -24.83 34.61 -3.77
CA TRP A 256 -25.90 35.42 -3.19
C TRP A 256 -27.11 35.52 -4.09
N LEU A 257 -26.92 35.33 -5.39
CA LEU A 257 -28.02 35.33 -6.35
C LEU A 257 -28.66 33.93 -6.36
N GLU A 258 -27.86 32.89 -6.38
CA GLU A 258 -28.44 31.56 -6.39
C GLU A 258 -29.07 31.15 -5.07
N VAL A 259 -28.46 31.54 -3.95
CA VAL A 259 -28.93 31.16 -2.62
C VAL A 259 -29.98 32.03 -1.96
N LYS A 260 -29.64 33.29 -1.66
CA LYS A 260 -30.60 34.20 -1.01
C LYS A 260 -31.32 34.99 -2.08
N GLY A 261 -30.87 34.84 -3.32
CA GLY A 261 -31.49 35.56 -4.41
C GLY A 261 -31.31 37.08 -4.35
N VAL A 262 -30.16 37.55 -3.87
CA VAL A 262 -29.91 38.99 -3.82
C VAL A 262 -28.79 39.35 -4.78
N ASP A 263 -28.82 40.58 -5.26
CA ASP A 263 -27.75 41.02 -6.13
C ASP A 263 -26.96 41.95 -5.26
N LEU A 264 -25.64 41.96 -5.45
CA LEU A 264 -24.81 42.80 -4.61
C LEU A 264 -24.21 44.03 -5.31
N GLY A 265 -24.10 43.98 -6.63
CA GLY A 265 -23.53 45.13 -7.33
C GLY A 265 -22.03 45.04 -7.29
N ASP A 266 -21.32 45.97 -7.94
CA ASP A 266 -19.85 45.94 -7.95
C ASP A 266 -19.45 46.27 -6.49
N PHE A 267 -18.59 45.45 -5.90
CA PHE A 267 -18.14 45.69 -4.51
C PHE A 267 -17.30 46.96 -4.42
N PRO A 268 -17.61 47.85 -3.48
CA PRO A 268 -16.74 49.03 -3.44
C PRO A 268 -15.31 48.60 -3.05
N VAL A 269 -14.32 49.48 -3.19
CA VAL A 269 -12.95 49.08 -2.86
C VAL A 269 -12.24 50.08 -1.99
N MET A 270 -11.85 49.66 -0.80
CA MET A 270 -11.20 50.54 0.16
C MET A 270 -9.78 50.06 0.50
N THR A 271 -8.89 50.97 0.89
CA THR A 271 -7.53 50.55 1.25
C THR A 271 -7.53 50.34 2.75
N PHE A 272 -6.56 49.60 3.22
CA PHE A 272 -6.41 49.34 4.65
C PHE A 272 -6.41 50.66 5.40
N ALA A 273 -5.67 51.63 4.89
CA ALA A 273 -5.57 52.93 5.52
C ALA A 273 -6.94 53.60 5.65
N GLU A 274 -7.67 53.73 4.55
CA GLU A 274 -9.00 54.34 4.59
C GLU A 274 -9.87 53.61 5.59
N ALA A 275 -9.90 52.29 5.48
CA ALA A 275 -10.69 51.45 6.37
C ALA A 275 -10.44 51.75 7.85
N GLU A 276 -9.19 51.98 8.23
CA GLU A 276 -8.81 52.28 9.61
C GLU A 276 -9.06 53.73 10.02
N ARG A 277 -8.72 54.64 9.13
CA ARG A 277 -8.93 56.05 9.36
C ARG A 277 -10.43 56.21 9.66
N ARG A 278 -11.27 55.58 8.84
CA ARG A 278 -12.72 55.71 8.96
C ARG A 278 -13.56 54.78 9.80
N TYR A 279 -13.07 53.61 10.13
CA TYR A 279 -13.93 52.69 10.88
C TYR A 279 -13.24 51.98 12.02
N GLY A 280 -11.93 52.16 12.13
CA GLY A 280 -11.21 51.48 13.20
C GLY A 280 -11.02 49.97 13.09
N SER A 281 -11.19 49.41 11.89
CA SER A 281 -10.98 47.97 11.68
C SER A 281 -10.68 47.71 10.20
N ASP A 282 -10.06 46.56 9.94
CA ASP A 282 -9.70 46.14 8.58
C ASP A 282 -10.79 45.22 7.99
N LYS A 283 -11.97 45.27 8.61
CA LYS A 283 -13.14 44.50 8.18
C LYS A 283 -14.39 45.30 8.52
N PRO A 284 -14.49 46.54 8.03
CA PRO A 284 -15.65 47.39 8.30
C PRO A 284 -17.02 46.84 7.92
N ASP A 285 -18.02 47.29 8.68
CA ASP A 285 -19.40 46.94 8.44
C ASP A 285 -19.97 48.20 7.84
N LEU A 286 -20.16 48.25 6.53
CA LEU A 286 -20.70 49.44 5.89
C LEU A 286 -22.23 49.54 6.02
N ARG A 287 -22.82 48.66 6.84
CA ARG A 287 -24.25 48.73 7.06
C ARG A 287 -24.51 49.94 7.96
N ASN A 288 -23.49 50.30 8.73
CA ASN A 288 -23.53 51.41 9.67
C ASN A 288 -22.95 52.64 8.97
N PRO A 289 -23.78 53.67 8.73
CA PRO A 289 -23.38 54.90 8.03
C PRO A 289 -22.36 55.78 8.73
N MET A 290 -22.23 55.62 10.04
CA MET A 290 -21.30 56.47 10.77
C MET A 290 -19.84 56.22 10.40
N GLU A 291 -19.01 57.20 10.68
CA GLU A 291 -17.57 57.04 10.47
C GLU A 291 -16.74 57.98 11.36
N LEU A 292 -15.57 57.50 11.75
CA LEU A 292 -14.66 58.24 12.62
C LEU A 292 -14.00 59.41 11.92
N THR A 293 -13.52 60.38 12.69
CA THR A 293 -12.81 61.54 12.15
C THR A 293 -11.57 61.78 13.00
N ASP A 294 -10.49 62.28 12.39
CA ASP A 294 -9.26 62.53 13.12
C ASP A 294 -9.10 63.99 13.44
N VAL A 295 -8.69 64.28 14.67
CA VAL A 295 -8.50 65.66 15.12
C VAL A 295 -7.22 65.91 15.91
N ALA A 296 -6.41 64.88 16.13
CA ALA A 296 -5.19 65.07 16.88
C ALA A 296 -4.42 66.33 16.46
N ASP A 297 -4.35 66.58 15.16
CA ASP A 297 -3.64 67.73 14.64
C ASP A 297 -4.16 69.06 15.17
N LEU A 298 -5.43 69.04 15.57
CA LEU A 298 -6.11 70.22 16.11
C LEU A 298 -5.94 70.35 17.62
N LEU A 299 -5.41 69.31 18.25
CA LEU A 299 -5.29 69.31 19.69
C LEU A 299 -3.86 69.15 20.22
N LYS A 300 -2.87 69.54 19.43
CA LYS A 300 -1.49 69.41 19.87
C LYS A 300 -1.09 70.43 20.95
N SER A 301 -1.62 71.64 20.85
CA SER A 301 -1.30 72.72 21.77
C SER A 301 -2.28 72.92 22.92
N VAL A 302 -3.09 71.92 23.24
CA VAL A 302 -4.04 72.06 24.34
C VAL A 302 -3.41 71.77 25.69
N GLU A 303 -4.00 72.32 26.74
CA GLU A 303 -3.51 72.10 28.10
C GLU A 303 -3.94 70.71 28.50
N PHE A 304 -5.18 70.38 28.16
CA PHE A 304 -5.81 69.11 28.46
C PHE A 304 -4.96 67.87 28.12
N ALA A 305 -4.47 67.18 29.15
CA ALA A 305 -3.62 66.00 28.99
C ALA A 305 -4.23 64.81 28.24
N VAL A 306 -5.54 64.62 28.38
CA VAL A 306 -6.25 63.52 27.71
C VAL A 306 -6.18 63.58 26.18
N PHE A 307 -6.06 64.78 25.61
CA PHE A 307 -5.92 64.96 24.15
C PHE A 307 -4.45 65.18 23.80
N ALA A 308 -3.91 66.30 24.25
CA ALA A 308 -2.51 66.67 23.99
C ALA A 308 -1.59 65.47 23.97
N GLY A 309 -1.68 64.65 25.02
CA GLY A 309 -0.84 63.47 25.08
C GLY A 309 -0.93 62.61 23.85
N PRO A 310 -2.06 61.90 23.63
CA PRO A 310 -2.14 61.07 22.43
C PRO A 310 -2.03 61.83 21.12
N ALA A 311 -2.16 63.15 21.14
CA ALA A 311 -2.07 63.94 19.92
C ALA A 311 -0.63 64.26 19.58
N ASN A 312 0.25 64.13 20.56
CA ASN A 312 1.68 64.40 20.36
C ASN A 312 2.43 63.07 20.36
N ASP A 313 1.68 61.99 20.52
CA ASP A 313 2.24 60.65 20.51
C ASP A 313 2.24 60.20 19.05
N PRO A 314 3.40 59.79 18.54
CA PRO A 314 3.50 59.34 17.14
C PRO A 314 2.56 58.16 16.83
N LYS A 315 2.33 57.33 17.85
CA LYS A 315 1.49 56.14 17.71
C LYS A 315 0.09 56.38 18.28
N GLY A 316 -0.31 57.63 18.35
CA GLY A 316 -1.62 57.93 18.88
C GLY A 316 -2.48 58.71 17.91
N ARG A 317 -3.78 58.74 18.21
CA ARG A 317 -4.74 59.47 17.40
C ARG A 317 -5.91 59.82 18.30
N VAL A 318 -6.57 60.92 18.02
CA VAL A 318 -7.77 61.29 18.77
C VAL A 318 -8.89 61.24 17.71
N ALA A 319 -9.72 60.20 17.78
CA ALA A 319 -10.80 60.03 16.82
C ALA A 319 -12.13 60.54 17.35
N ALA A 320 -12.81 61.34 16.54
CA ALA A 320 -14.11 61.88 16.89
C ALA A 320 -15.18 61.05 16.15
N LEU A 321 -16.26 60.75 16.86
CA LEU A 321 -17.36 59.98 16.28
C LEU A 321 -18.66 60.76 16.34
N ARG A 322 -19.06 61.36 15.23
CA ARG A 322 -20.30 62.13 15.18
C ARG A 322 -21.47 61.17 15.09
N VAL A 323 -22.27 61.15 16.15
CA VAL A 323 -23.44 60.27 16.24
C VAL A 323 -24.72 61.11 16.16
N PRO A 324 -25.38 61.11 14.98
CA PRO A 324 -26.61 61.86 14.73
C PRO A 324 -27.72 61.72 15.78
N GLY A 325 -28.28 62.85 16.21
CA GLY A 325 -29.33 62.85 17.21
C GLY A 325 -28.77 62.41 18.56
N GLY A 326 -27.45 62.42 18.65
CA GLY A 326 -26.77 61.99 19.84
C GLY A 326 -26.85 62.90 21.05
N ALA A 327 -27.16 64.18 20.83
CA ALA A 327 -27.25 65.12 21.94
C ALA A 327 -28.25 64.63 22.97
N SER A 328 -29.29 63.98 22.45
CA SER A 328 -30.39 63.44 23.24
C SER A 328 -29.94 62.42 24.29
N LEU A 329 -28.68 61.98 24.24
CA LEU A 329 -28.22 61.00 25.21
C LEU A 329 -28.32 61.46 26.65
N THR A 330 -28.45 60.48 27.54
CA THR A 330 -28.57 60.72 28.97
C THR A 330 -27.23 60.48 29.65
N ARG A 331 -27.14 60.83 30.93
CA ARG A 331 -25.92 60.63 31.67
C ARG A 331 -25.64 59.13 31.84
N LYS A 332 -26.65 58.37 32.22
CA LYS A 332 -26.52 56.93 32.40
C LYS A 332 -26.07 56.33 31.07
N GLN A 333 -26.62 56.89 29.99
CA GLN A 333 -26.35 56.48 28.61
C GLN A 333 -24.90 56.76 28.23
N ILE A 334 -24.51 58.02 28.36
CA ILE A 334 -23.16 58.44 28.04
C ILE A 334 -22.12 57.66 28.85
N ASP A 335 -22.50 57.23 30.04
CA ASP A 335 -21.57 56.48 30.89
C ASP A 335 -21.40 55.03 30.48
N GLU A 336 -22.45 54.38 30.01
CA GLU A 336 -22.28 53.00 29.58
C GLU A 336 -21.22 53.04 28.50
N TYR A 337 -21.41 53.91 27.51
CA TYR A 337 -20.48 54.09 26.41
C TYR A 337 -19.09 54.34 26.96
N GLY A 338 -19.01 55.28 27.91
CA GLY A 338 -17.73 55.59 28.52
C GLY A 338 -17.08 54.34 29.07
N ASN A 339 -17.87 53.50 29.72
CA ASN A 339 -17.35 52.26 30.29
C ASN A 339 -17.09 51.26 29.16
N PHE A 340 -17.97 51.27 28.16
CA PHE A 340 -17.86 50.36 27.05
C PHE A 340 -16.47 50.41 26.42
N VAL A 341 -16.04 51.61 26.04
CA VAL A 341 -14.74 51.76 25.43
C VAL A 341 -13.60 51.29 26.36
N LYS A 342 -13.86 51.27 27.66
CA LYS A 342 -12.87 50.84 28.64
C LYS A 342 -12.53 49.38 28.38
N ILE A 343 -13.56 48.61 28.00
CA ILE A 343 -13.40 47.19 27.71
C ILE A 343 -12.27 46.98 26.70
N TYR A 344 -12.18 47.88 25.72
CA TYR A 344 -11.15 47.77 24.71
C TYR A 344 -9.89 48.52 25.12
N GLY A 345 -9.72 48.67 26.44
CA GLY A 345 -8.56 49.32 27.00
C GLY A 345 -8.45 50.82 26.84
N ALA A 346 -9.57 51.49 26.57
CA ALA A 346 -9.53 52.94 26.41
C ALA A 346 -9.79 53.62 27.75
N LYS A 347 -9.47 54.91 27.84
CA LYS A 347 -9.68 55.64 29.07
C LYS A 347 -11.16 55.96 29.26
N GLY A 348 -11.57 57.17 28.88
CA GLY A 348 -12.95 57.57 29.03
C GLY A 348 -13.64 57.76 27.70
N LEU A 349 -14.28 58.91 27.51
CA LEU A 349 -14.97 59.19 26.27
C LEU A 349 -15.50 60.62 26.26
N ALA A 350 -14.61 61.59 26.07
CA ALA A 350 -15.00 62.99 26.03
C ALA A 350 -16.14 63.19 25.03
N TYR A 351 -16.82 64.34 25.11
CA TYR A 351 -17.91 64.57 24.19
C TYR A 351 -18.33 66.04 24.03
N ILE A 352 -19.11 66.31 22.99
CA ILE A 352 -19.61 67.64 22.73
C ILE A 352 -21.04 67.53 22.23
N LYS A 353 -21.96 68.27 22.85
CA LYS A 353 -23.33 68.28 22.40
C LYS A 353 -23.38 69.50 21.51
N VAL A 354 -23.80 69.32 20.28
CA VAL A 354 -23.93 70.41 19.35
C VAL A 354 -25.43 70.67 19.27
N ASN A 355 -25.87 71.72 19.97
CA ASN A 355 -27.28 72.10 20.00
C ASN A 355 -27.54 73.17 18.96
N GLU A 356 -26.54 74.00 18.67
CA GLU A 356 -26.70 75.05 17.67
C GLU A 356 -25.42 75.79 17.30
N ARG A 357 -24.82 75.40 16.18
CA ARG A 357 -23.59 76.02 15.70
C ARG A 357 -23.83 77.50 15.39
N ALA A 358 -25.06 77.95 15.64
CA ALA A 358 -25.45 79.33 15.40
C ALA A 358 -25.17 80.18 16.64
N LYS A 359 -24.50 79.57 17.60
CA LYS A 359 -24.16 80.23 18.85
C LYS A 359 -22.71 79.95 19.22
N GLY A 360 -21.89 79.62 18.22
CA GLY A 360 -20.48 79.32 18.45
C GLY A 360 -20.29 78.38 19.62
N LEU A 361 -19.42 78.75 20.54
CA LEU A 361 -19.16 77.94 21.73
C LEU A 361 -20.47 77.83 22.51
N GLU A 362 -21.27 78.89 22.45
CA GLU A 362 -22.56 78.95 23.16
C GLU A 362 -23.57 77.94 22.63
N GLY A 363 -23.36 77.49 21.39
CA GLY A 363 -24.27 76.53 20.82
C GLY A 363 -23.90 75.10 21.17
N ILE A 364 -22.78 74.93 21.88
CA ILE A 364 -22.30 73.61 22.27
C ILE A 364 -22.11 73.49 23.78
N ASN A 365 -22.41 72.33 24.32
CA ASN A 365 -22.28 72.05 25.76
C ASN A 365 -21.21 70.97 25.93
N SER A 366 -20.30 71.12 26.88
CA SER A 366 -19.27 70.10 27.02
C SER A 366 -18.31 70.12 28.21
N PRO A 367 -18.06 68.93 28.79
CA PRO A 367 -17.16 68.76 29.93
C PRO A 367 -15.74 69.20 29.57
N VAL A 368 -15.49 69.42 28.28
CA VAL A 368 -14.17 69.84 27.82
C VAL A 368 -14.12 71.12 26.99
N ALA A 369 -15.22 71.85 26.92
CA ALA A 369 -15.25 73.10 26.16
C ALA A 369 -14.23 74.11 26.68
N LYS A 370 -14.06 74.16 28.00
CA LYS A 370 -13.12 75.08 28.62
C LYS A 370 -11.67 74.78 28.28
N PHE A 371 -11.41 73.55 27.85
CA PHE A 371 -10.05 73.16 27.49
C PHE A 371 -9.73 73.54 26.05
N LEU A 372 -10.71 73.42 25.16
CA LEU A 372 -10.48 73.80 23.78
C LEU A 372 -10.67 75.30 23.73
N ASN A 373 -11.27 75.81 22.64
CA ASN A 373 -11.56 77.24 22.50
C ASN A 373 -12.43 77.49 21.27
N ALA A 374 -12.81 78.75 21.08
CA ALA A 374 -13.65 79.13 19.94
C ALA A 374 -13.17 78.58 18.60
N GLU A 375 -11.88 78.73 18.30
CA GLU A 375 -11.32 78.26 17.03
C GLU A 375 -11.30 76.73 16.89
N ILE A 376 -10.62 76.06 17.80
CA ILE A 376 -10.51 74.60 17.78
C ILE A 376 -11.86 73.88 17.70
N ILE A 377 -12.88 74.41 18.37
CA ILE A 377 -14.18 73.77 18.36
C ILE A 377 -14.92 73.97 17.04
N GLU A 378 -14.61 75.06 16.36
CA GLU A 378 -15.24 75.32 15.07
C GLU A 378 -14.67 74.35 14.04
N ASP A 379 -13.36 74.12 14.10
CA ASP A 379 -12.72 73.21 13.17
C ASP A 379 -13.15 71.78 13.41
N ILE A 380 -13.36 71.44 14.67
CA ILE A 380 -13.76 70.09 15.03
C ILE A 380 -15.15 69.84 14.49
N LEU A 381 -16.00 70.86 14.53
CA LEU A 381 -17.36 70.71 14.05
C LEU A 381 -17.39 70.67 12.53
N ASP A 382 -16.66 71.58 11.90
CA ASP A 382 -16.59 71.61 10.45
C ASP A 382 -16.06 70.25 10.00
N ARG A 383 -14.87 69.90 10.49
CA ARG A 383 -14.24 68.63 10.14
C ARG A 383 -15.17 67.46 10.27
N THR A 384 -16.05 67.49 11.28
CA THR A 384 -17.02 66.42 11.51
C THR A 384 -18.37 66.73 10.86
N ALA A 385 -18.48 67.93 10.31
CA ALA A 385 -19.73 68.34 9.67
C ALA A 385 -20.86 68.03 10.65
N ALA A 386 -20.67 68.43 11.91
CA ALA A 386 -21.65 68.18 12.95
C ALA A 386 -22.97 68.88 12.64
N GLN A 387 -24.07 68.24 13.04
CA GLN A 387 -25.40 68.79 12.82
C GLN A 387 -25.96 69.21 14.17
N ASP A 388 -26.86 70.18 14.16
CA ASP A 388 -27.50 70.62 15.39
C ASP A 388 -28.27 69.38 15.88
N GLY A 389 -28.04 69.03 17.14
CA GLY A 389 -28.69 67.87 17.71
C GLY A 389 -27.82 66.64 17.60
N ASP A 390 -26.53 66.88 17.35
CA ASP A 390 -25.54 65.81 17.18
C ASP A 390 -24.61 65.70 18.38
N MET A 391 -24.18 64.49 18.68
CA MET A 391 -23.25 64.24 19.76
C MET A 391 -21.91 63.89 19.15
N ILE A 392 -20.83 64.27 19.82
CA ILE A 392 -19.50 63.95 19.32
C ILE A 392 -18.67 63.35 20.42
N PHE A 393 -18.41 62.05 20.31
CA PHE A 393 -17.58 61.38 21.28
C PHE A 393 -16.15 61.45 20.77
N PHE A 394 -15.19 61.35 21.69
CA PHE A 394 -13.78 61.39 21.33
C PHE A 394 -13.06 60.25 22.01
N GLY A 395 -12.20 59.59 21.26
CA GLY A 395 -11.42 58.49 21.78
C GLY A 395 -10.00 58.98 21.56
N ALA A 396 -9.26 59.15 22.64
CA ALA A 396 -7.89 59.60 22.54
C ALA A 396 -7.00 58.63 23.27
N ASP A 397 -6.07 58.02 22.54
CA ASP A 397 -5.18 57.05 23.12
C ASP A 397 -4.20 56.54 22.10
N ASN A 398 -3.83 55.28 22.26
CA ASN A 398 -2.92 54.62 21.37
C ASN A 398 -3.69 54.28 20.10
N LYS A 399 -3.09 54.44 18.93
CA LYS A 399 -3.75 54.16 17.67
C LYS A 399 -4.56 52.86 17.67
N LYS A 400 -3.97 51.80 18.19
CA LYS A 400 -4.65 50.51 18.23
C LYS A 400 -5.85 50.46 19.19
N ILE A 401 -5.73 51.15 20.34
CA ILE A 401 -6.78 51.20 21.35
C ILE A 401 -7.96 52.02 20.82
N VAL A 402 -7.65 53.13 20.15
CA VAL A 402 -8.68 53.99 19.58
C VAL A 402 -9.44 53.26 18.49
N ALA A 403 -8.72 52.71 17.51
CA ALA A 403 -9.34 51.95 16.45
C ALA A 403 -10.19 50.85 17.08
N ASP A 404 -9.57 50.08 17.98
CA ASP A 404 -10.25 49.01 18.67
C ASP A 404 -11.54 49.44 19.38
N ALA A 405 -11.42 50.42 20.27
CA ALA A 405 -12.57 50.89 21.05
C ALA A 405 -13.52 51.80 20.32
N MET A 406 -13.01 52.68 19.48
CA MET A 406 -13.88 53.61 18.74
C MET A 406 -14.63 52.94 17.60
N GLY A 407 -14.02 51.90 17.04
CA GLY A 407 -14.68 51.17 15.97
C GLY A 407 -15.74 50.25 16.54
N ALA A 408 -15.61 49.98 17.85
CA ALA A 408 -16.54 49.13 18.60
C ALA A 408 -17.71 49.98 19.06
N LEU A 409 -17.40 51.14 19.63
CA LEU A 409 -18.41 52.10 20.10
C LEU A 409 -19.16 52.62 18.89
N ARG A 410 -18.49 52.59 17.74
CA ARG A 410 -19.11 53.05 16.50
C ARG A 410 -20.20 52.08 16.08
N LEU A 411 -19.95 50.79 16.28
CA LEU A 411 -20.91 49.75 15.92
C LEU A 411 -22.01 49.67 16.97
N LYS A 412 -21.65 49.71 18.24
CA LYS A 412 -22.65 49.63 19.30
C LYS A 412 -23.63 50.80 19.22
N VAL A 413 -23.13 52.02 19.08
CA VAL A 413 -23.99 53.21 18.96
C VAL A 413 -24.87 53.09 17.73
N GLY A 414 -24.46 52.23 16.80
CA GLY A 414 -25.22 52.06 15.58
C GLY A 414 -26.51 51.29 15.79
N LYS A 415 -26.45 50.25 16.61
CA LYS A 415 -27.62 49.43 16.90
C LYS A 415 -28.52 50.23 17.85
N ASP A 416 -27.95 50.68 18.96
CA ASP A 416 -28.68 51.46 19.94
C ASP A 416 -29.53 52.55 19.29
N LEU A 417 -28.88 53.56 18.74
CA LEU A 417 -29.62 54.65 18.12
C LEU A 417 -30.35 54.24 16.84
N GLY A 418 -30.38 52.94 16.54
CA GLY A 418 -31.05 52.49 15.33
C GLY A 418 -30.59 53.19 14.05
N LEU A 419 -29.27 53.25 13.87
CA LEU A 419 -28.72 53.90 12.70
C LEU A 419 -28.18 52.89 11.68
N THR A 420 -28.00 51.65 12.13
CA THR A 420 -27.51 50.60 11.25
C THR A 420 -28.69 49.82 10.68
N ASP A 421 -28.68 49.56 9.38
CA ASP A 421 -29.75 48.79 8.73
C ASP A 421 -29.34 47.32 8.58
N GLU A 422 -29.54 46.56 9.67
CA GLU A 422 -29.18 45.14 9.72
C GLU A 422 -29.69 44.34 8.52
N SER A 423 -30.66 44.91 7.82
CA SER A 423 -31.26 44.26 6.67
C SER A 423 -30.45 44.36 5.38
N LYS A 424 -29.53 45.31 5.33
CA LYS A 424 -28.73 45.47 4.12
C LYS A 424 -27.51 44.58 4.04
N TRP A 425 -26.94 44.48 2.84
CA TRP A 425 -25.73 43.70 2.59
C TRP A 425 -24.67 44.73 2.23
N ALA A 426 -23.53 44.67 2.91
CA ALA A 426 -22.49 45.64 2.62
C ALA A 426 -21.21 44.90 2.29
N PRO A 427 -21.04 44.51 1.02
CA PRO A 427 -19.83 43.78 0.63
C PRO A 427 -18.80 44.77 0.15
N LEU A 428 -17.52 44.43 0.27
CA LEU A 428 -16.45 45.30 -0.20
C LEU A 428 -15.12 44.61 -0.21
N TRP A 429 -14.14 45.29 -0.84
CA TRP A 429 -12.77 44.81 -0.92
C TRP A 429 -11.88 45.79 -0.17
N VAL A 430 -11.12 45.27 0.79
CA VAL A 430 -10.17 46.09 1.54
C VAL A 430 -8.83 45.65 0.95
N ILE A 431 -8.12 46.59 0.33
CA ILE A 431 -6.84 46.29 -0.31
C ILE A 431 -5.72 47.20 0.23
N ASP A 432 -4.51 46.98 -0.25
CA ASP A 432 -3.37 47.80 0.15
C ASP A 432 -3.02 47.66 1.61
N PHE A 433 -2.95 46.42 2.06
CA PHE A 433 -2.61 46.12 3.45
C PHE A 433 -1.11 46.25 3.57
N PRO A 434 -0.60 46.37 4.80
CA PRO A 434 0.84 46.46 4.97
C PRO A 434 1.40 45.04 4.86
N MET A 435 2.68 44.94 4.57
CA MET A 435 3.37 43.65 4.44
C MET A 435 3.59 43.04 5.83
N PHE A 436 3.97 43.89 6.77
CA PHE A 436 4.30 43.46 8.12
C PHE A 436 3.53 44.18 9.18
N GLU A 437 3.57 43.64 10.38
CA GLU A 437 2.90 44.30 11.48
C GLU A 437 3.89 44.08 12.59
N ASP A 438 3.99 45.07 13.47
CA ASP A 438 4.88 44.94 14.60
C ASP A 438 4.50 43.64 15.36
N ASP A 439 5.49 42.83 15.73
CA ASP A 439 5.19 41.58 16.43
C ASP A 439 5.25 41.64 17.97
N GLY A 440 5.37 42.84 18.52
CA GLY A 440 5.42 43.00 19.96
C GLY A 440 6.66 42.43 20.67
N GLU A 441 7.59 41.87 19.90
CA GLU A 441 8.80 41.29 20.44
C GLU A 441 10.10 41.82 19.81
N GLY A 442 10.01 42.97 19.17
CA GLY A 442 11.19 43.54 18.55
C GLY A 442 11.18 43.55 17.02
N GLY A 443 10.59 42.52 16.43
CA GLY A 443 10.57 42.45 14.98
C GLY A 443 9.26 42.69 14.23
N LEU A 444 9.20 42.06 13.06
CA LEU A 444 8.07 42.20 12.20
C LEU A 444 7.49 40.83 11.85
N THR A 445 6.17 40.81 11.62
CA THR A 445 5.49 39.60 11.19
C THR A 445 4.72 39.93 9.93
N ALA A 446 4.54 38.90 9.11
CA ALA A 446 3.83 39.05 7.86
C ALA A 446 2.36 39.31 8.17
N MET A 447 1.82 40.40 7.62
CA MET A 447 0.42 40.73 7.84
C MET A 447 -0.41 39.56 7.33
N HIS A 448 -0.17 39.15 6.08
CA HIS A 448 -0.90 38.01 5.51
C HIS A 448 -0.05 36.78 5.68
N HIS A 449 1.12 36.78 5.08
CA HIS A 449 2.05 35.65 5.20
C HIS A 449 3.37 35.97 4.50
N PRO A 450 4.42 35.20 4.81
CA PRO A 450 5.74 35.43 4.21
C PRO A 450 5.83 35.54 2.67
N PHE A 451 4.91 34.93 1.96
CA PHE A 451 5.00 34.93 0.52
C PHE A 451 4.19 35.98 -0.23
N THR A 452 3.80 37.03 0.47
CA THR A 452 3.05 38.13 -0.10
C THR A 452 3.97 39.16 -0.75
N SER A 453 3.60 39.53 -1.97
CA SER A 453 4.37 40.48 -2.74
C SER A 453 4.04 41.92 -2.32
N PRO A 454 5.05 42.81 -2.38
CA PRO A 454 4.82 44.20 -2.01
C PRO A 454 4.28 44.98 -3.20
N LYS A 455 3.25 45.77 -2.99
CA LYS A 455 2.67 46.48 -4.11
C LYS A 455 3.67 47.11 -5.06
N ASP A 456 4.57 47.95 -4.57
CA ASP A 456 5.51 48.56 -5.49
C ASP A 456 6.88 48.95 -4.96
N MET A 457 7.20 48.49 -3.77
CA MET A 457 8.49 48.78 -3.16
C MET A 457 9.52 47.74 -3.67
N THR A 458 10.76 48.17 -3.85
CA THR A 458 11.85 47.31 -4.33
C THR A 458 12.51 46.62 -3.14
N ALA A 459 13.19 45.50 -3.42
CA ALA A 459 13.90 44.75 -2.39
C ALA A 459 14.77 45.67 -1.55
N ALA A 460 15.47 46.59 -2.20
CA ALA A 460 16.32 47.52 -1.47
C ALA A 460 15.49 48.39 -0.54
N GLU A 461 14.51 49.09 -1.09
CA GLU A 461 13.64 49.95 -0.28
C GLU A 461 12.97 49.16 0.82
N LEU A 462 12.71 47.89 0.57
CA LEU A 462 12.06 47.08 1.55
C LEU A 462 13.06 46.85 2.70
N LYS A 463 14.34 46.70 2.36
CA LYS A 463 15.36 46.50 3.39
C LYS A 463 15.46 47.79 4.21
N ALA A 464 15.35 48.93 3.51
CA ALA A 464 15.43 50.25 4.12
C ALA A 464 14.33 50.63 5.09
N ALA A 465 13.09 50.46 4.68
CA ALA A 465 11.93 50.80 5.52
C ALA A 465 10.82 49.76 5.43
N PRO A 466 11.02 48.55 5.98
CA PRO A 466 9.98 47.51 5.94
C PRO A 466 8.64 47.84 6.60
N GLU A 467 8.68 48.55 7.72
CA GLU A 467 7.48 48.92 8.47
C GLU A 467 6.49 49.66 7.59
N ASN A 468 6.99 50.41 6.63
CA ASN A 468 6.12 51.20 5.75
C ASN A 468 5.69 50.49 4.42
N ALA A 469 6.26 49.33 4.13
CA ALA A 469 5.92 48.67 2.89
C ALA A 469 4.44 48.26 2.77
N VAL A 470 3.85 48.60 1.62
CA VAL A 470 2.47 48.26 1.33
C VAL A 470 2.43 46.91 0.58
N ALA A 471 1.43 46.10 0.90
CA ALA A 471 1.31 44.79 0.29
C ALA A 471 0.33 44.69 -0.87
N ASN A 472 0.54 43.65 -1.69
CA ASN A 472 -0.37 43.38 -2.79
C ASN A 472 -1.28 42.35 -2.12
N ALA A 473 -2.10 42.83 -1.20
CA ALA A 473 -2.98 41.95 -0.46
C ALA A 473 -4.39 42.52 -0.41
N TYR A 474 -5.37 41.63 -0.35
CA TYR A 474 -6.73 42.07 -0.38
C TYR A 474 -7.61 41.16 0.42
N ASP A 475 -8.63 41.74 1.07
CA ASP A 475 -9.60 40.98 1.86
C ASP A 475 -11.00 41.32 1.33
N MET A 476 -11.90 40.35 1.39
CA MET A 476 -13.28 40.57 0.97
C MET A 476 -14.09 40.61 2.25
N VAL A 477 -14.69 41.76 2.56
CA VAL A 477 -15.48 41.84 3.76
C VAL A 477 -16.96 41.96 3.40
N ILE A 478 -17.82 41.32 4.18
CA ILE A 478 -19.26 41.40 3.96
C ILE A 478 -19.93 41.62 5.32
N ASN A 479 -20.48 42.83 5.52
CA ASN A 479 -21.18 43.15 6.77
C ASN A 479 -20.30 43.12 8.01
N GLY A 480 -19.03 43.45 7.89
CA GLY A 480 -18.21 43.41 9.09
C GLY A 480 -17.54 42.09 9.37
N TYR A 481 -17.60 41.17 8.42
CA TYR A 481 -16.93 39.87 8.56
C TYR A 481 -15.92 39.68 7.43
N GLU A 482 -14.77 39.11 7.76
CA GLU A 482 -13.69 38.80 6.80
C GLU A 482 -14.10 37.45 6.18
N VAL A 483 -14.64 37.45 4.96
CA VAL A 483 -15.06 36.19 4.34
C VAL A 483 -13.90 35.51 3.61
N GLY A 484 -12.99 36.33 3.12
CA GLY A 484 -11.87 35.75 2.40
C GLY A 484 -10.77 36.75 2.13
N GLY A 485 -9.68 36.26 1.59
CA GLY A 485 -8.61 37.18 1.30
C GLY A 485 -7.45 36.40 0.80
N GLY A 486 -6.46 37.13 0.30
CA GLY A 486 -5.25 36.53 -0.23
C GLY A 486 -4.33 37.62 -0.75
N SER A 487 -3.34 37.21 -1.53
CA SER A 487 -2.40 38.17 -2.09
C SER A 487 -1.73 37.65 -3.34
N VAL A 488 -1.02 38.55 -4.02
CA VAL A 488 -0.23 38.21 -5.18
C VAL A 488 1.09 37.73 -4.54
N ARG A 489 1.56 36.55 -4.93
CA ARG A 489 2.76 36.01 -4.33
C ARG A 489 4.04 36.60 -4.90
N ILE A 490 5.15 36.25 -4.28
CA ILE A 490 6.46 36.72 -4.70
C ILE A 490 6.98 35.68 -5.66
N HIS A 491 7.36 36.06 -6.87
CA HIS A 491 7.85 35.04 -7.78
C HIS A 491 9.35 35.12 -8.03
N ASN A 492 10.01 35.99 -7.27
CA ASN A 492 11.45 36.23 -7.37
C ASN A 492 12.19 35.81 -6.09
N GLY A 493 13.26 35.01 -6.26
CA GLY A 493 14.07 34.52 -5.15
C GLY A 493 14.77 35.54 -4.24
N ASP A 494 15.41 36.55 -4.81
CA ASP A 494 16.06 37.58 -3.97
C ASP A 494 14.98 38.22 -3.09
N MET A 495 13.83 38.49 -3.68
CA MET A 495 12.72 39.12 -2.96
C MET A 495 12.26 38.25 -1.80
N GLN A 496 12.06 36.96 -2.08
CA GLN A 496 11.60 36.02 -1.07
C GLN A 496 12.64 35.90 0.05
N GLN A 497 13.91 35.88 -0.34
CA GLN A 497 14.99 35.80 0.63
C GLN A 497 14.95 37.04 1.47
N THR A 498 14.88 38.21 0.83
CA THR A 498 14.81 39.44 1.58
C THR A 498 13.70 39.48 2.67
N VAL A 499 12.50 39.05 2.33
CA VAL A 499 11.40 39.05 3.29
C VAL A 499 11.68 38.08 4.44
N PHE A 500 12.24 36.92 4.12
CA PHE A 500 12.57 35.95 5.15
C PHE A 500 13.56 36.62 6.10
N GLY A 501 14.40 37.50 5.54
CA GLY A 501 15.40 38.24 6.31
C GLY A 501 14.70 39.18 7.27
N ILE A 502 13.91 40.10 6.75
CA ILE A 502 13.15 40.99 7.60
C ILE A 502 12.35 40.21 8.67
N LEU A 503 11.82 39.05 8.30
CA LEU A 503 11.01 38.24 9.22
C LEU A 503 11.88 37.62 10.31
N GLY A 504 13.17 37.91 10.23
CA GLY A 504 14.06 37.41 11.24
C GLY A 504 14.42 35.96 11.10
N ILE A 505 14.31 35.38 9.92
CA ILE A 505 14.76 34.00 9.80
C ILE A 505 16.06 33.98 8.97
N ASN A 506 17.12 33.34 9.48
CA ASN A 506 18.41 33.34 8.80
C ASN A 506 18.62 32.34 7.69
N GLU A 507 19.59 32.63 6.83
CA GLU A 507 19.93 31.80 5.69
C GLU A 507 19.81 30.36 5.97
N GLU A 508 20.45 29.92 7.03
CA GLU A 508 20.44 28.52 7.42
C GLU A 508 19.04 28.00 7.66
N GLU A 509 18.24 28.79 8.36
CA GLU A 509 16.86 28.42 8.66
C GLU A 509 16.03 28.44 7.39
N GLN A 510 16.25 29.46 6.56
CA GLN A 510 15.57 29.60 5.27
C GLN A 510 15.86 28.35 4.48
N ARG A 511 17.12 28.00 4.43
CA ARG A 511 17.55 26.81 3.72
C ARG A 511 16.74 25.61 4.19
N GLU A 512 16.82 25.30 5.48
CA GLU A 512 16.12 24.13 6.01
C GLU A 512 14.61 24.22 6.14
N LYS A 513 14.05 25.42 6.15
CA LYS A 513 12.62 25.54 6.30
C LYS A 513 11.89 25.84 5.00
N PHE A 514 12.52 26.63 4.14
CA PHE A 514 11.92 27.03 2.89
C PHE A 514 12.81 26.78 1.70
N GLY A 515 13.75 25.86 1.89
CA GLY A 515 14.71 25.50 0.86
C GLY A 515 14.07 25.07 -0.43
N PHE A 516 13.09 24.18 -0.36
CA PHE A 516 12.40 23.69 -1.56
C PHE A 516 11.69 24.88 -2.25
N LEU A 517 11.24 25.84 -1.44
CA LEU A 517 10.57 26.97 -2.02
C LEU A 517 11.58 27.89 -2.69
N LEU A 518 12.71 28.13 -2.02
CA LEU A 518 13.74 29.00 -2.57
C LEU A 518 14.33 28.44 -3.87
N ASP A 519 14.43 27.13 -4.02
CA ASP A 519 14.95 26.55 -5.25
C ASP A 519 13.95 26.62 -6.42
N ALA A 520 12.70 26.27 -6.16
CA ALA A 520 11.65 26.29 -7.16
C ALA A 520 11.46 27.65 -7.83
N LEU A 521 11.79 28.71 -7.11
CA LEU A 521 11.64 30.07 -7.66
C LEU A 521 12.71 30.33 -8.71
N LYS A 522 13.62 29.41 -8.88
CA LYS A 522 14.68 29.61 -9.86
C LYS A 522 14.31 29.10 -11.28
N TYR A 523 13.20 28.37 -11.37
CA TYR A 523 12.79 27.78 -12.64
C TYR A 523 11.57 28.35 -13.36
N GLY A 524 11.68 29.59 -13.83
CA GLY A 524 10.60 30.22 -14.57
C GLY A 524 9.31 30.38 -13.78
N THR A 525 9.40 30.77 -12.51
CA THR A 525 8.18 30.91 -11.74
C THR A 525 7.30 31.99 -12.39
N PRO A 526 6.03 31.66 -12.61
CA PRO A 526 5.12 32.62 -13.22
C PRO A 526 4.53 33.52 -12.17
N PRO A 527 4.00 34.67 -12.59
CA PRO A 527 3.40 35.54 -11.58
C PRO A 527 2.17 34.74 -11.09
N HIS A 528 1.85 34.82 -9.80
CA HIS A 528 0.68 34.07 -9.32
C HIS A 528 0.11 34.70 -8.07
N ALA A 529 -1.20 34.72 -8.00
CA ALA A 529 -1.91 35.28 -6.87
C ALA A 529 -2.98 34.31 -6.49
N GLY A 530 -3.45 34.39 -5.24
CA GLY A 530 -4.48 33.49 -4.77
C GLY A 530 -5.38 34.19 -3.78
N LEU A 531 -6.22 33.41 -3.10
CA LEU A 531 -7.17 33.95 -2.13
C LEU A 531 -7.89 32.79 -1.48
N ALA A 532 -8.14 32.86 -0.18
CA ALA A 532 -8.90 31.76 0.46
C ALA A 532 -10.22 32.32 1.04
N PHE A 533 -11.28 31.51 1.00
CA PHE A 533 -12.57 31.92 1.53
C PHE A 533 -12.92 31.17 2.79
N GLY A 534 -13.63 31.84 3.69
CA GLY A 534 -14.09 31.18 4.89
C GLY A 534 -15.43 30.48 4.59
N LEU A 535 -15.42 29.19 4.26
CA LEU A 535 -16.67 28.52 3.94
C LEU A 535 -17.71 28.67 5.05
N ASP A 536 -17.32 28.28 6.26
CA ASP A 536 -18.22 28.36 7.41
C ASP A 536 -18.83 29.75 7.53
N ARG A 537 -18.02 30.80 7.57
CA ARG A 537 -18.64 32.12 7.67
C ARG A 537 -19.61 32.38 6.52
N LEU A 538 -19.23 31.97 5.31
CA LEU A 538 -20.03 32.14 4.10
C LEU A 538 -21.39 31.45 4.29
N THR A 539 -21.37 30.23 4.81
CA THR A 539 -22.59 29.49 5.02
C THR A 539 -23.44 30.15 6.10
N MET A 540 -22.78 30.65 7.16
CA MET A 540 -23.49 31.33 8.24
C MET A 540 -24.23 32.47 7.60
N LEU A 541 -23.50 33.34 6.93
CA LEU A 541 -24.10 34.49 6.26
C LEU A 541 -25.25 34.12 5.35
N LEU A 542 -25.15 33.01 4.64
CA LEU A 542 -26.17 32.63 3.68
C LEU A 542 -27.33 31.84 4.27
N THR A 543 -27.17 31.30 5.47
CA THR A 543 -28.26 30.59 6.10
C THR A 543 -28.80 31.47 7.21
N GLY A 544 -28.44 32.75 7.15
CA GLY A 544 -28.87 33.69 8.17
C GLY A 544 -28.77 33.15 9.58
N THR A 545 -27.57 32.70 9.97
CA THR A 545 -27.31 32.16 11.30
C THR A 545 -26.10 32.87 11.88
N ASP A 546 -26.03 32.95 13.20
CA ASP A 546 -24.92 33.61 13.89
C ASP A 546 -24.09 32.61 14.68
N ASN A 547 -24.55 31.37 14.70
CA ASN A 547 -23.85 30.32 15.44
C ASN A 547 -23.16 29.37 14.45
N ILE A 548 -21.86 29.61 14.24
CA ILE A 548 -21.05 28.81 13.33
C ILE A 548 -21.23 27.31 13.58
N ARG A 549 -21.50 26.95 14.83
CA ARG A 549 -21.69 25.54 15.13
C ARG A 549 -23.03 25.04 14.50
N ASP A 550 -23.84 25.99 14.04
CA ASP A 550 -25.11 25.66 13.39
C ASP A 550 -24.92 25.32 11.92
N VAL A 551 -23.71 25.42 11.39
CA VAL A 551 -23.50 25.11 9.99
C VAL A 551 -22.53 23.95 9.86
N ILE A 552 -22.22 23.30 10.97
CA ILE A 552 -21.27 22.20 10.91
C ILE A 552 -21.99 20.95 11.37
N ALA A 553 -21.82 19.83 10.67
CA ALA A 553 -22.53 18.64 11.10
C ALA A 553 -22.18 18.30 12.53
N PHE A 554 -20.89 18.05 12.77
CA PHE A 554 -20.47 17.70 14.11
C PHE A 554 -19.37 18.64 14.61
N PRO A 555 -19.74 19.85 15.09
CA PRO A 555 -18.73 20.79 15.57
C PRO A 555 -18.23 20.48 16.97
N LYS A 556 -17.20 21.22 17.39
CA LYS A 556 -16.66 21.04 18.70
C LYS A 556 -17.04 22.29 19.48
N THR A 557 -16.94 22.19 20.80
CA THR A 557 -17.28 23.32 21.66
C THR A 557 -16.15 24.31 21.60
N THR A 558 -16.34 25.43 22.28
CA THR A 558 -15.34 26.48 22.29
C THR A 558 -14.04 25.94 22.91
N ALA A 559 -14.12 24.83 23.64
CA ALA A 559 -12.91 24.25 24.22
C ALA A 559 -12.37 23.14 23.34
N ALA A 560 -12.76 23.12 22.08
CA ALA A 560 -12.25 22.10 21.15
C ALA A 560 -12.64 20.66 21.47
N ALA A 561 -13.71 20.48 22.24
CA ALA A 561 -14.16 19.14 22.59
C ALA A 561 -15.38 18.72 21.76
N CYS A 562 -15.58 17.41 21.70
CA CYS A 562 -16.72 16.81 21.01
C CYS A 562 -17.53 16.15 22.14
N LEU A 563 -18.63 16.78 22.54
CA LEU A 563 -19.42 16.23 23.63
C LEU A 563 -20.10 14.92 23.27
N MET A 564 -20.22 14.63 21.98
CA MET A 564 -20.89 13.40 21.56
C MET A 564 -19.98 12.21 21.49
N THR A 565 -18.70 12.43 21.20
CA THR A 565 -17.75 11.31 21.13
C THR A 565 -16.79 11.30 22.32
N GLU A 566 -16.67 12.46 22.95
CA GLU A 566 -15.86 12.63 24.14
C GLU A 566 -14.36 12.75 23.88
N ALA A 567 -14.01 13.34 22.76
CA ALA A 567 -12.61 13.55 22.44
C ALA A 567 -12.41 15.04 22.66
N PRO A 568 -11.18 15.46 22.96
CA PRO A 568 -10.02 14.59 23.11
C PRO A 568 -10.11 13.72 24.35
N SER A 569 -9.35 12.65 24.35
CA SER A 569 -9.34 11.74 25.45
C SER A 569 -7.92 11.16 25.67
N PHE A 570 -7.81 10.23 26.60
CA PHE A 570 -6.53 9.63 26.89
C PHE A 570 -6.26 8.58 25.85
N ALA A 571 -5.05 8.60 25.30
CA ALA A 571 -4.64 7.65 24.29
C ALA A 571 -4.20 6.38 24.97
N ASN A 572 -4.29 5.27 24.26
CA ASN A 572 -3.86 3.98 24.77
C ASN A 572 -2.41 4.22 25.22
N PRO A 573 -2.06 3.79 26.42
CA PRO A 573 -0.70 3.98 26.92
C PRO A 573 0.33 3.37 25.96
N THR A 574 -0.07 2.23 25.41
CA THR A 574 0.74 1.50 24.46
C THR A 574 1.02 2.36 23.22
N ALA A 575 -0.05 2.93 22.69
CA ALA A 575 0.04 3.81 21.54
C ALA A 575 1.19 4.81 21.70
N LEU A 576 1.28 5.42 22.88
CA LEU A 576 2.32 6.40 23.09
C LEU A 576 3.73 5.81 23.08
N ALA A 577 3.87 4.61 23.64
CA ALA A 577 5.19 3.99 23.69
C ALA A 577 5.66 3.61 22.30
N GLU A 578 4.71 3.27 21.42
CA GLU A 578 5.02 2.92 20.04
C GLU A 578 5.43 4.20 19.31
N LEU A 579 4.88 5.33 19.75
CA LEU A 579 5.20 6.64 19.15
C LEU A 579 6.47 7.23 19.78
N SER A 580 7.08 6.48 20.68
CA SER A 580 8.27 6.93 21.34
C SER A 580 8.06 8.24 22.12
N ILE A 581 6.85 8.47 22.63
CA ILE A 581 6.61 9.69 23.38
C ILE A 581 5.87 9.43 24.70
N GLN A 582 5.80 10.46 25.52
CA GLN A 582 5.08 10.35 26.79
C GLN A 582 4.71 11.74 27.26
N VAL A 583 3.58 11.80 27.96
CA VAL A 583 3.02 13.02 28.54
C VAL A 583 3.78 13.37 29.82
N VAL A 584 3.99 14.66 30.03
CA VAL A 584 4.72 15.08 31.21
C VAL A 584 4.03 16.24 31.89
N LYS A 585 4.63 16.72 32.98
CA LYS A 585 4.10 17.84 33.74
C LYS A 585 4.66 19.14 33.18
N LYS A 586 3.86 20.20 33.25
CA LYS A 586 4.29 21.51 32.78
C LYS A 586 5.59 21.91 33.49
N ALA A 587 5.68 21.55 34.78
CA ALA A 587 6.86 21.85 35.58
C ALA A 587 7.86 20.69 35.50
N GLU A 588 7.59 19.63 36.27
CA GLU A 588 8.40 18.41 36.34
C GLU A 588 9.75 18.32 35.60
N ASN A 589 9.72 17.91 34.33
CA ASN A 589 10.96 17.76 33.55
C ASN A 589 11.40 19.02 32.83
N ASN A 590 12.67 19.04 32.45
CA ASN A 590 13.32 20.14 31.75
C ASN A 590 14.80 20.10 32.07
N MET B 1 -1.64 37.47 -19.48
CA MET B 1 -3.07 37.36 -19.92
C MET B 1 -3.19 36.55 -21.22
N ARG B 2 -3.44 35.25 -21.12
CA ARG B 2 -3.55 34.42 -22.33
C ARG B 2 -4.91 34.52 -23.04
N THR B 3 -4.93 34.17 -24.31
CA THR B 3 -6.17 34.20 -25.06
C THR B 3 -6.60 32.77 -25.33
N GLU B 4 -5.63 31.85 -25.20
CA GLU B 4 -5.90 30.43 -25.41
C GLU B 4 -4.80 29.62 -24.72
N TYR B 5 -5.02 28.32 -24.60
CA TYR B 5 -4.01 27.45 -24.00
C TYR B 5 -3.25 26.72 -25.10
N CYS B 6 -1.93 26.76 -25.02
CA CYS B 6 -1.05 26.10 -25.99
C CYS B 6 -1.58 24.82 -26.62
N GLY B 7 -1.85 23.84 -25.76
CA GLY B 7 -2.31 22.54 -26.21
C GLY B 7 -3.72 22.42 -26.74
N GLN B 8 -4.43 23.52 -26.88
CA GLN B 8 -5.77 23.39 -27.40
C GLN B 8 -5.87 23.84 -28.85
N LEU B 9 -4.76 24.29 -29.40
CA LEU B 9 -4.79 24.75 -30.77
C LEU B 9 -4.99 23.57 -31.73
N ARG B 10 -5.77 23.82 -32.77
CA ARG B 10 -6.09 22.79 -33.74
C ARG B 10 -6.19 23.43 -35.09
N LEU B 11 -6.40 22.61 -36.12
CA LEU B 11 -6.52 23.13 -37.49
C LEU B 11 -7.59 24.22 -37.59
N SER B 12 -8.62 24.14 -36.75
CA SER B 12 -9.69 25.14 -36.76
C SER B 12 -9.32 26.51 -36.18
N HIS B 13 -8.10 26.68 -35.72
CA HIS B 13 -7.66 27.95 -35.14
C HIS B 13 -6.85 28.78 -36.12
N VAL B 14 -6.48 28.14 -37.22
CA VAL B 14 -5.72 28.77 -38.28
C VAL B 14 -6.29 30.12 -38.66
N GLY B 15 -5.44 31.13 -38.69
CA GLY B 15 -5.86 32.46 -39.05
C GLY B 15 -6.12 33.33 -37.84
N GLN B 16 -6.30 32.67 -36.71
CA GLN B 16 -6.55 33.36 -35.46
C GLN B 16 -5.25 33.80 -34.81
N GLN B 17 -5.21 35.03 -34.36
CA GLN B 17 -4.04 35.47 -33.66
C GLN B 17 -4.32 35.06 -32.21
N VAL B 18 -3.29 34.66 -31.47
CA VAL B 18 -3.50 34.25 -30.10
C VAL B 18 -2.42 34.85 -29.21
N THR B 19 -2.64 34.73 -27.90
CA THR B 19 -1.68 35.19 -26.87
C THR B 19 -1.58 34.00 -25.96
N LEU B 20 -0.38 33.46 -25.82
CA LEU B 20 -0.14 32.30 -24.98
C LEU B 20 0.88 32.52 -23.85
N CYS B 21 0.55 31.99 -22.67
CA CYS B 21 1.43 32.08 -21.51
C CYS B 21 1.84 30.65 -21.19
N GLY B 22 3.14 30.40 -21.07
CA GLY B 22 3.60 29.06 -20.82
C GLY B 22 5.09 28.99 -20.64
N TRP B 23 5.64 27.80 -20.83
CA TRP B 23 7.05 27.55 -20.63
C TRP B 23 7.72 26.98 -21.87
N VAL B 24 9.04 27.11 -21.95
CA VAL B 24 9.75 26.55 -23.07
C VAL B 24 9.98 25.09 -22.71
N ASN B 25 9.51 24.16 -23.54
CA ASN B 25 9.70 22.75 -23.23
C ASN B 25 10.93 22.21 -23.92
N ARG B 26 11.21 22.73 -25.11
CA ARG B 26 12.35 22.31 -25.91
C ARG B 26 12.56 23.49 -26.85
N ARG B 27 13.80 23.67 -27.31
CA ARG B 27 14.12 24.75 -28.24
C ARG B 27 15.02 24.16 -29.29
N ARG B 28 14.78 24.53 -30.55
CA ARG B 28 15.59 24.05 -31.66
C ARG B 28 15.81 25.18 -32.65
N ASP B 29 16.97 25.19 -33.29
CA ASP B 29 17.31 26.24 -34.24
C ASP B 29 17.55 25.79 -35.68
N LEU B 30 17.16 26.65 -36.63
CA LEU B 30 17.37 26.40 -38.03
C LEU B 30 18.05 27.69 -38.41
N GLY B 31 19.37 27.70 -38.30
CA GLY B 31 20.09 28.90 -38.61
C GLY B 31 19.71 29.90 -37.55
N SER B 32 19.08 31.00 -37.94
CA SER B 32 18.69 32.01 -36.98
C SER B 32 17.24 31.85 -36.58
N LEU B 33 16.54 30.93 -37.25
CA LEU B 33 15.13 30.67 -36.95
C LEU B 33 15.05 29.81 -35.69
N ILE B 34 14.26 30.27 -34.73
CA ILE B 34 14.11 29.54 -33.47
C ILE B 34 12.75 28.90 -33.32
N PHE B 35 12.76 27.58 -33.14
CA PHE B 35 11.57 26.78 -32.96
C PHE B 35 11.51 26.38 -31.50
N ILE B 36 10.33 26.51 -30.89
CA ILE B 36 10.20 26.16 -29.50
C ILE B 36 8.91 25.42 -29.26
N ASP B 37 8.98 24.39 -28.42
CA ASP B 37 7.82 23.61 -28.01
C ASP B 37 7.31 24.37 -26.78
N MET B 38 6.31 25.22 -26.96
CA MET B 38 5.80 26.01 -25.83
C MET B 38 4.73 25.22 -25.09
N ARG B 39 4.97 25.01 -23.80
CA ARG B 39 4.08 24.23 -22.99
C ARG B 39 3.33 24.99 -21.90
N ASP B 40 2.09 24.52 -21.65
CA ASP B 40 1.26 25.01 -20.57
C ASP B 40 0.39 23.83 -20.11
N ARG B 41 -0.53 24.04 -19.17
CA ARG B 41 -1.32 22.92 -18.63
C ARG B 41 -2.14 22.11 -19.61
N GLU B 42 -2.45 22.65 -20.78
CA GLU B 42 -3.22 21.85 -21.73
C GLU B 42 -2.34 21.00 -22.62
N GLY B 43 -1.05 21.30 -22.71
CA GLY B 43 -0.16 20.52 -23.57
C GLY B 43 0.83 21.35 -24.35
N ILE B 44 1.50 20.78 -25.34
CA ILE B 44 2.49 21.55 -26.08
C ILE B 44 2.07 22.01 -27.46
N VAL B 45 2.53 23.21 -27.82
CA VAL B 45 2.25 23.79 -29.13
C VAL B 45 3.58 24.34 -29.68
N GLN B 46 3.84 24.12 -30.94
CA GLN B 46 5.08 24.59 -31.55
C GLN B 46 4.97 26.07 -31.90
N VAL B 47 5.93 26.87 -31.42
CA VAL B 47 5.95 28.29 -31.71
C VAL B 47 7.27 28.59 -32.41
N PHE B 48 7.15 29.32 -33.52
CA PHE B 48 8.27 29.63 -34.38
C PHE B 48 8.50 31.14 -34.45
N PHE B 49 9.75 31.55 -34.28
CA PHE B 49 10.15 32.96 -34.32
C PHE B 49 10.88 33.20 -35.63
N ASP B 50 10.19 33.80 -36.59
CA ASP B 50 10.77 34.03 -37.88
C ASP B 50 10.56 35.46 -38.37
N PRO B 51 11.08 36.44 -37.62
CA PRO B 51 10.92 37.83 -38.06
C PRO B 51 11.98 38.08 -39.12
N ASP B 52 11.69 38.94 -40.09
CA ASP B 52 12.69 39.23 -41.10
C ASP B 52 13.34 40.55 -40.71
N ARG B 53 13.84 40.56 -39.49
CA ARG B 53 14.46 41.72 -38.89
C ARG B 53 15.24 41.26 -37.66
N ALA B 54 16.48 41.72 -37.53
CA ALA B 54 17.33 41.34 -36.42
C ALA B 54 17.00 42.03 -35.11
N ASP B 55 16.12 43.02 -35.19
CA ASP B 55 15.68 43.77 -34.00
C ASP B 55 14.81 42.83 -33.17
N ALA B 56 13.59 42.64 -33.66
CA ALA B 56 12.61 41.80 -33.03
C ALA B 56 13.11 40.48 -32.41
N LEU B 57 13.95 39.75 -33.16
CA LEU B 57 14.48 38.45 -32.74
C LEU B 57 15.12 38.38 -31.35
N LYS B 58 16.23 39.09 -31.18
CA LYS B 58 17.01 39.14 -29.94
C LYS B 58 16.50 38.31 -28.78
N LEU B 59 15.35 38.68 -28.23
CA LEU B 59 14.78 37.98 -27.10
C LEU B 59 14.82 36.46 -27.30
N ALA B 60 14.15 36.00 -28.35
CA ALA B 60 14.04 34.58 -28.69
C ALA B 60 15.32 33.77 -28.63
N SER B 61 16.44 34.33 -29.05
CA SER B 61 17.69 33.58 -29.02
C SER B 61 18.13 33.31 -27.57
N GLU B 62 17.48 33.98 -26.63
CA GLU B 62 17.78 33.81 -25.21
C GLU B 62 17.00 32.72 -24.50
N LEU B 63 15.81 32.39 -25.02
CA LEU B 63 14.94 31.35 -24.46
C LEU B 63 15.69 30.05 -24.24
N ARG B 64 15.38 29.40 -23.13
CA ARG B 64 15.99 28.13 -22.79
C ARG B 64 14.94 27.25 -22.10
N ASN B 65 15.31 26.03 -21.75
CA ASN B 65 14.36 25.13 -21.11
C ASN B 65 13.80 25.66 -19.81
N GLU B 66 12.46 25.72 -19.77
CA GLU B 66 11.67 26.16 -18.63
C GLU B 66 11.58 27.66 -18.40
N PHE B 67 11.86 28.42 -19.45
CA PHE B 67 11.74 29.85 -19.35
C PHE B 67 10.23 30.10 -19.36
N CYS B 68 9.77 31.03 -18.53
CA CYS B 68 8.36 31.33 -18.50
C CYS B 68 8.16 32.55 -19.39
N ILE B 69 7.50 32.35 -20.52
CA ILE B 69 7.32 33.45 -21.43
C ILE B 69 5.90 33.63 -21.94
N GLN B 70 5.66 34.82 -22.47
CA GLN B 70 4.39 35.19 -23.08
C GLN B 70 4.69 35.53 -24.53
N VAL B 71 3.94 34.95 -25.45
CA VAL B 71 4.12 35.27 -26.85
C VAL B 71 2.75 35.40 -27.48
N THR B 72 2.61 36.34 -28.40
CA THR B 72 1.36 36.43 -29.12
C THR B 72 1.72 36.29 -30.62
N GLY B 73 1.05 35.34 -31.29
CA GLY B 73 1.30 35.10 -32.70
C GLY B 73 0.06 34.58 -33.39
N THR B 74 0.20 34.15 -34.65
CA THR B 74 -0.94 33.64 -35.41
C THR B 74 -0.79 32.17 -35.73
N VAL B 75 -1.91 31.46 -35.71
CA VAL B 75 -1.95 30.02 -35.99
C VAL B 75 -1.97 29.69 -37.49
N ARG B 76 -1.27 28.62 -37.84
CA ARG B 76 -1.23 28.18 -39.23
C ARG B 76 -0.95 26.69 -39.31
N ALA B 77 -1.22 26.11 -40.47
CA ALA B 77 -1.00 24.68 -40.68
C ALA B 77 0.47 24.30 -40.78
N ARG B 78 0.88 23.22 -40.14
CA ARG B 78 2.26 22.79 -40.28
C ARG B 78 2.35 22.12 -41.67
N ASP B 79 3.49 22.30 -42.33
CA ASP B 79 3.66 21.71 -43.66
C ASP B 79 3.53 20.21 -43.54
N GLU B 80 2.63 19.66 -44.35
CA GLU B 80 2.31 18.22 -44.34
C GLU B 80 3.39 17.27 -43.89
N LYS B 81 4.65 17.52 -44.26
CA LYS B 81 5.75 16.63 -43.90
C LYS B 81 6.27 16.80 -42.46
N ASN B 82 5.80 17.84 -41.78
CA ASN B 82 6.22 18.11 -40.41
C ASN B 82 5.08 17.99 -39.39
N ILE B 83 3.88 17.67 -39.90
CA ILE B 83 2.71 17.47 -39.06
C ILE B 83 3.09 16.34 -38.11
N ASN B 84 2.81 16.54 -36.82
CA ASN B 84 3.17 15.59 -35.79
C ASN B 84 1.97 14.73 -35.31
N ARG B 85 1.97 13.45 -35.68
CA ARG B 85 0.89 12.52 -35.32
C ARG B 85 0.65 12.34 -33.84
N ASP B 86 1.75 12.27 -33.07
CA ASP B 86 1.67 12.07 -31.63
C ASP B 86 1.43 13.34 -30.83
N MET B 87 1.09 14.43 -31.50
CA MET B 87 0.84 15.69 -30.81
C MET B 87 -0.57 16.20 -31.07
N ALA B 88 -1.36 16.36 -30.02
CA ALA B 88 -2.71 16.87 -30.22
C ALA B 88 -2.71 18.12 -31.10
N THR B 89 -1.67 18.95 -30.98
CA THR B 89 -1.56 20.18 -31.77
C THR B 89 -0.65 20.02 -33.00
N GLY B 90 -0.13 18.80 -33.17
CA GLY B 90 0.77 18.47 -34.25
C GLY B 90 0.45 18.81 -35.70
N GLU B 91 -0.71 19.36 -35.99
CA GLU B 91 -1.00 19.70 -37.36
C GLU B 91 -0.91 21.18 -37.56
N ILE B 92 -0.52 21.89 -36.52
CA ILE B 92 -0.42 23.33 -36.59
C ILE B 92 0.77 23.84 -35.77
N GLU B 93 1.11 25.10 -35.96
CA GLU B 93 2.20 25.73 -35.23
C GLU B 93 1.78 27.17 -35.08
N VAL B 94 2.52 27.91 -34.26
CA VAL B 94 2.16 29.29 -34.05
C VAL B 94 3.30 30.17 -34.46
N LEU B 95 3.02 31.15 -35.30
CA LEU B 95 4.05 32.07 -35.72
C LEU B 95 4.00 33.31 -34.83
N ALA B 96 5.05 33.49 -34.04
CA ALA B 96 5.16 34.58 -33.08
C ALA B 96 5.42 35.96 -33.64
N SER B 97 4.63 36.93 -33.18
CA SER B 97 4.81 38.32 -33.60
C SER B 97 5.23 39.17 -32.39
N SER B 98 5.19 38.57 -31.20
CA SER B 98 5.54 39.27 -29.98
C SER B 98 6.10 38.30 -28.94
N LEU B 99 7.14 38.71 -28.21
CA LEU B 99 7.75 37.88 -27.19
C LEU B 99 8.09 38.65 -25.90
N THR B 100 7.69 38.06 -24.77
CA THR B 100 7.95 38.66 -23.49
C THR B 100 8.41 37.52 -22.61
N ILE B 101 9.66 37.64 -22.13
CA ILE B 101 10.26 36.67 -21.22
C ILE B 101 9.86 37.10 -19.80
N ILE B 102 8.87 36.40 -19.23
CA ILE B 102 8.34 36.71 -17.91
C ILE B 102 9.29 36.36 -16.79
N ASN B 103 10.04 35.27 -16.97
CA ASN B 103 11.00 34.85 -15.96
C ASN B 103 11.94 33.77 -16.44
N ARG B 104 13.23 34.00 -16.28
CA ARG B 104 14.22 33.00 -16.71
C ARG B 104 14.10 31.73 -15.90
N ALA B 105 15.09 30.86 -16.03
CA ALA B 105 15.09 29.62 -15.33
C ALA B 105 16.52 29.06 -15.30
N ASP B 106 17.02 28.78 -14.11
CA ASP B 106 18.34 28.21 -14.00
C ASP B 106 18.34 26.88 -14.74
N VAL B 107 19.50 26.26 -14.78
CA VAL B 107 19.64 24.98 -15.43
C VAL B 107 18.88 24.02 -14.53
N LEU B 108 18.04 23.18 -15.12
CA LEU B 108 17.28 22.22 -14.35
C LEU B 108 18.13 21.12 -13.69
N PRO B 109 17.90 20.87 -12.38
CA PRO B 109 18.63 19.84 -11.64
C PRO B 109 18.12 18.45 -12.00
N LEU B 110 17.00 18.44 -12.70
CA LEU B 110 16.39 17.20 -13.15
C LEU B 110 16.85 17.03 -14.60
N ASP B 111 17.27 15.82 -14.97
CA ASP B 111 17.75 15.57 -16.32
C ASP B 111 16.61 15.22 -17.31
N SER B 112 16.61 15.87 -18.47
CA SER B 112 15.57 15.66 -19.49
C SER B 112 15.77 14.42 -20.35
N ASN B 113 16.94 14.34 -21.00
CA ASN B 113 17.25 13.21 -21.87
C ASN B 113 18.07 12.15 -21.15
N HIS B 114 18.02 12.17 -19.82
CA HIS B 114 18.74 11.21 -19.01
C HIS B 114 17.78 10.53 -18.03
N VAL B 115 18.30 9.57 -17.28
CA VAL B 115 17.50 8.83 -16.30
C VAL B 115 17.57 9.46 -14.90
N ASN B 116 16.41 9.64 -14.28
CA ASN B 116 16.33 10.24 -12.95
C ASN B 116 15.72 9.27 -11.93
N THR B 117 16.31 9.21 -10.74
CA THR B 117 15.80 8.33 -9.68
C THR B 117 14.45 8.88 -9.28
N GLU B 118 13.50 8.03 -8.87
CA GLU B 118 12.19 8.54 -8.46
C GLU B 118 12.41 9.38 -7.21
N GLU B 119 13.65 9.32 -6.71
CA GLU B 119 14.08 10.06 -5.54
C GLU B 119 14.30 11.52 -5.87
N ALA B 120 14.88 11.77 -7.03
CA ALA B 120 15.18 13.12 -7.47
C ALA B 120 13.92 13.81 -7.94
N ARG B 121 13.10 13.05 -8.66
CA ARG B 121 11.86 13.58 -9.18
C ARG B 121 11.00 13.95 -7.98
N LEU B 122 11.01 13.11 -6.95
CA LEU B 122 10.21 13.43 -5.78
C LEU B 122 10.72 14.64 -5.05
N LYS B 123 12.03 14.85 -5.07
CA LYS B 123 12.61 16.00 -4.39
C LYS B 123 12.27 17.26 -5.17
N TYR B 124 12.21 17.14 -6.48
CA TYR B 124 11.90 18.26 -7.36
C TYR B 124 10.53 18.03 -7.98
N ARG B 125 9.58 17.66 -7.12
CA ARG B 125 8.23 17.33 -7.56
C ARG B 125 7.60 18.40 -8.42
N TYR B 126 7.81 19.66 -8.08
CA TYR B 126 7.22 20.75 -8.84
C TYR B 126 7.84 20.81 -10.21
N LEU B 127 8.93 20.12 -10.40
CA LEU B 127 9.58 20.14 -11.69
C LEU B 127 9.05 18.96 -12.49
N ASP B 128 8.95 17.82 -11.83
CA ASP B 128 8.44 16.58 -12.44
C ASP B 128 6.95 16.69 -12.86
N LEU B 129 6.13 17.40 -12.08
CA LEU B 129 4.71 17.57 -12.39
C LEU B 129 4.48 18.44 -13.65
N ARG B 130 5.56 19.01 -14.19
CA ARG B 130 5.45 19.84 -15.39
C ARG B 130 5.38 18.96 -16.62
N ARG B 131 5.97 17.77 -16.54
CA ARG B 131 5.92 16.85 -17.64
C ARG B 131 4.47 16.69 -18.05
N PRO B 132 4.16 16.89 -19.33
CA PRO B 132 2.78 16.76 -19.80
C PRO B 132 2.17 15.43 -19.42
N GLU B 133 3.00 14.39 -19.39
CA GLU B 133 2.51 13.07 -19.03
C GLU B 133 2.03 13.09 -17.58
N MET B 134 2.72 13.87 -16.74
CA MET B 134 2.38 14.02 -15.33
C MET B 134 1.20 14.97 -15.14
N ALA B 135 1.22 16.10 -15.81
CA ALA B 135 0.11 17.02 -15.65
C ALA B 135 -1.20 16.31 -15.98
N GLN B 136 -1.25 15.65 -17.13
CA GLN B 136 -2.45 14.96 -17.56
C GLN B 136 -3.12 14.06 -16.53
N ARG B 137 -2.35 13.23 -15.82
CA ARG B 137 -2.96 12.34 -14.83
C ARG B 137 -3.72 13.12 -13.74
N LEU B 138 -3.16 14.26 -13.35
CA LEU B 138 -3.78 15.11 -12.37
C LEU B 138 -4.92 15.92 -13.00
N LYS B 139 -4.92 16.11 -14.33
CA LYS B 139 -6.02 16.88 -14.95
C LYS B 139 -7.21 15.95 -15.04
N THR B 140 -6.93 14.69 -15.30
CA THR B 140 -7.97 13.70 -15.39
C THR B 140 -8.59 13.43 -14.01
N ARG B 141 -7.77 13.39 -12.96
CA ARG B 141 -8.27 13.15 -11.61
C ARG B 141 -9.31 14.25 -11.29
N ALA B 142 -9.00 15.47 -11.72
CA ALA B 142 -9.89 16.60 -11.47
C ALA B 142 -11.25 16.42 -12.20
N LYS B 143 -11.20 15.84 -13.41
CA LYS B 143 -12.39 15.59 -14.21
C LYS B 143 -13.15 14.42 -13.56
N ILE B 144 -12.41 13.48 -12.97
CA ILE B 144 -13.03 12.34 -12.32
C ILE B 144 -13.77 12.78 -11.06
N THR B 145 -13.15 13.61 -10.23
CA THR B 145 -13.86 14.02 -9.03
C THR B 145 -15.00 14.97 -9.40
N SER B 146 -14.85 15.66 -10.53
CA SER B 146 -15.91 16.59 -10.95
C SER B 146 -17.13 15.80 -11.41
N LEU B 147 -16.87 14.67 -12.09
CA LEU B 147 -17.90 13.79 -12.62
C LEU B 147 -18.62 13.09 -11.49
N VAL B 148 -17.84 12.66 -10.50
CA VAL B 148 -18.43 12.00 -9.33
C VAL B 148 -19.41 12.95 -8.62
N ARG B 149 -18.94 14.14 -8.29
CA ARG B 149 -19.73 15.11 -7.58
C ARG B 149 -21.05 15.41 -8.27
N ARG B 150 -20.97 15.78 -9.55
CA ARG B 150 -22.17 16.08 -10.31
C ARG B 150 -23.11 14.88 -10.37
N PHE B 151 -22.54 13.70 -10.48
CA PHE B 151 -23.36 12.52 -10.55
C PHE B 151 -24.02 12.28 -9.20
N MET B 152 -23.26 12.39 -8.12
CA MET B 152 -23.81 12.15 -6.81
C MET B 152 -24.87 13.18 -6.43
N ASP B 153 -24.57 14.45 -6.66
CA ASP B 153 -25.51 15.50 -6.35
C ASP B 153 -26.82 15.30 -7.10
N ASP B 154 -26.75 14.85 -8.35
CA ASP B 154 -27.94 14.59 -9.19
C ASP B 154 -28.75 13.39 -8.73
N HIS B 155 -28.09 12.35 -8.24
CA HIS B 155 -28.81 11.20 -7.72
C HIS B 155 -29.17 11.38 -6.22
N GLY B 156 -29.27 12.63 -5.78
CA GLY B 156 -29.64 12.92 -4.40
C GLY B 156 -28.71 12.72 -3.21
N PHE B 157 -27.41 12.60 -3.43
CA PHE B 157 -26.50 12.44 -2.30
C PHE B 157 -26.06 13.80 -1.78
N LEU B 158 -26.00 13.94 -0.46
CA LEU B 158 -25.59 15.17 0.18
C LEU B 158 -24.13 15.06 0.59
N ASP B 159 -23.39 16.12 0.26
CA ASP B 159 -21.95 16.29 0.54
C ASP B 159 -22.00 16.99 1.89
N ILE B 160 -21.60 16.28 2.93
CA ILE B 160 -21.64 16.80 4.30
C ILE B 160 -20.33 16.40 4.96
N GLU B 161 -19.54 17.39 5.35
CA GLU B 161 -18.23 17.15 5.95
C GLU B 161 -18.26 16.53 7.35
N THR B 162 -17.30 15.67 7.61
CA THR B 162 -17.20 15.02 8.89
C THR B 162 -15.86 15.45 9.46
N PRO B 163 -15.69 15.40 10.80
CA PRO B 163 -14.43 15.81 11.42
C PRO B 163 -13.16 14.99 11.19
N MET B 164 -12.04 15.70 11.07
CA MET B 164 -10.71 15.08 10.93
C MET B 164 -10.17 14.85 12.35
N LEU B 165 -10.44 15.76 13.28
CA LEU B 165 -9.97 15.55 14.65
C LEU B 165 -11.07 14.66 15.24
N THR B 166 -10.73 13.42 15.56
CA THR B 166 -11.73 12.50 16.08
C THR B 166 -11.34 11.73 17.34
N LYS B 167 -12.31 10.97 17.83
CA LYS B 167 -12.17 10.14 19.02
C LYS B 167 -11.11 9.04 18.94
N ALA B 168 -10.03 9.18 19.71
CA ALA B 168 -8.95 8.21 19.71
C ALA B 168 -9.39 6.85 20.25
N THR B 169 -8.56 5.84 20.00
CA THR B 169 -8.85 4.45 20.38
C THR B 169 -10.15 4.12 19.63
N PRO B 170 -10.13 4.31 18.29
CA PRO B 170 -11.26 4.08 17.37
C PRO B 170 -11.33 2.70 16.65
N GLU B 171 -10.35 2.42 15.79
CA GLU B 171 -10.32 1.16 15.04
C GLU B 171 -8.92 0.53 14.85
N GLY B 172 -8.76 -0.67 15.39
CA GLY B 172 -7.51 -1.39 15.29
C GLY B 172 -6.32 -0.66 15.92
N ALA B 173 -6.55 0.49 16.55
CA ALA B 173 -5.48 1.27 17.15
C ALA B 173 -4.43 1.47 16.05
N ARG B 174 -4.93 1.75 14.85
CA ARG B 174 -4.10 1.98 13.67
C ARG B 174 -4.37 3.40 13.14
N ASP B 175 -4.04 4.39 13.96
CA ASP B 175 -4.23 5.78 13.61
C ASP B 175 -3.20 6.74 14.21
N TYR B 176 -3.24 7.94 13.66
CA TYR B 176 -2.36 9.02 14.02
C TYR B 176 -2.95 9.76 15.18
N LEU B 177 -2.11 10.09 16.15
CA LEU B 177 -2.57 10.84 17.31
C LEU B 177 -2.19 12.30 17.21
N VAL B 178 -3.11 13.15 17.63
CA VAL B 178 -2.89 14.58 17.64
C VAL B 178 -3.01 15.04 19.11
N PRO B 179 -1.88 15.40 19.75
CA PRO B 179 -1.96 15.85 21.13
C PRO B 179 -2.67 17.19 21.27
N SER B 180 -3.40 17.36 22.38
CA SER B 180 -4.14 18.60 22.65
C SER B 180 -3.39 19.61 23.52
N ARG B 181 -3.28 20.83 23.03
CA ARG B 181 -2.60 21.88 23.78
C ARG B 181 -3.54 22.30 24.91
N VAL B 182 -4.84 22.30 24.62
CA VAL B 182 -5.89 22.68 25.56
C VAL B 182 -6.18 21.59 26.61
N HIS B 183 -6.23 20.34 26.18
CA HIS B 183 -6.50 19.24 27.12
C HIS B 183 -5.26 18.40 27.31
N LYS B 184 -4.36 18.92 28.13
CA LYS B 184 -3.08 18.30 28.45
C LYS B 184 -3.20 16.81 28.71
N GLY B 185 -2.37 16.04 28.02
CA GLY B 185 -2.37 14.58 28.14
C GLY B 185 -3.43 13.82 27.34
N LYS B 186 -4.28 14.57 26.64
CA LYS B 186 -5.35 14.00 25.82
C LYS B 186 -5.02 14.11 24.32
N PHE B 187 -5.63 13.23 23.50
CA PHE B 187 -5.39 13.21 22.05
C PHE B 187 -6.64 13.02 21.19
N TYR B 188 -6.54 13.41 19.93
CA TYR B 188 -7.63 13.22 18.96
C TYR B 188 -6.98 12.18 18.05
N ALA B 189 -7.71 11.70 17.06
CA ALA B 189 -7.14 10.75 16.12
C ALA B 189 -7.54 11.14 14.70
N LEU B 190 -6.59 11.03 13.77
CA LEU B 190 -6.91 11.30 12.38
C LEU B 190 -7.69 10.03 12.02
N PRO B 191 -8.80 10.21 11.33
CA PRO B 191 -9.69 9.11 10.91
C PRO B 191 -9.25 8.15 9.84
N GLN B 192 -9.59 6.88 10.04
CA GLN B 192 -9.33 5.86 9.03
C GLN B 192 -10.33 6.21 7.87
N SER B 193 -11.48 6.74 8.29
CA SER B 193 -12.53 7.19 7.40
C SER B 193 -13.70 7.71 8.25
N PRO B 194 -14.69 8.36 7.59
CA PRO B 194 -15.86 8.89 8.33
C PRO B 194 -16.72 7.71 8.81
N GLN B 195 -16.03 6.65 9.18
CA GLN B 195 -16.59 5.39 9.64
C GLN B 195 -17.91 5.47 10.42
N LEU B 196 -17.91 6.07 11.60
CA LEU B 196 -19.15 6.13 12.36
C LEU B 196 -20.06 7.33 12.07
N PHE B 197 -19.48 8.45 11.65
CA PHE B 197 -20.28 9.63 11.32
C PHE B 197 -21.27 9.50 10.14
N LYS B 198 -20.95 8.68 9.13
CA LYS B 198 -21.89 8.56 8.01
C LYS B 198 -23.13 7.77 8.43
N GLN B 199 -22.95 6.85 9.38
CA GLN B 199 -24.04 6.06 9.92
C GLN B 199 -24.87 6.96 10.83
N LEU B 200 -24.20 7.86 11.53
CA LEU B 200 -24.92 8.78 12.40
C LEU B 200 -25.83 9.67 11.54
N LEU B 201 -25.29 10.16 10.42
CA LEU B 201 -26.02 11.03 9.49
C LEU B 201 -27.26 10.34 8.87
N MET B 202 -27.27 9.02 8.87
CA MET B 202 -28.42 8.26 8.39
C MET B 202 -29.48 8.25 9.51
N MET B 203 -29.00 8.22 10.76
CA MET B 203 -29.90 8.25 11.92
C MET B 203 -30.51 9.63 11.98
N SER B 204 -29.73 10.64 11.58
CA SER B 204 -30.17 12.04 11.63
C SER B 204 -31.14 12.37 10.50
N GLY B 205 -31.50 11.35 9.75
CA GLY B 205 -32.46 11.56 8.69
C GLY B 205 -31.95 12.07 7.37
N PHE B 206 -30.68 12.44 7.26
CA PHE B 206 -30.17 12.86 5.96
C PHE B 206 -30.46 11.56 5.25
N ASP B 207 -30.68 11.53 3.97
CA ASP B 207 -31.07 10.21 3.49
C ASP B 207 -29.99 9.48 2.73
N ARG B 208 -29.15 10.28 2.08
CA ARG B 208 -28.06 9.78 1.26
C ARG B 208 -26.89 10.72 1.46
N TYR B 209 -25.74 10.15 1.80
CA TYR B 209 -24.55 10.93 2.04
C TYR B 209 -23.39 10.48 1.16
N TYR B 210 -22.50 11.40 0.88
CA TYR B 210 -21.30 11.04 0.15
C TYR B 210 -20.36 12.16 0.50
N GLN B 211 -19.07 11.93 0.25
CA GLN B 211 -18.06 12.96 0.51
C GLN B 211 -16.77 12.53 -0.20
N ILE B 212 -16.01 13.44 -0.81
CA ILE B 212 -14.71 12.99 -1.39
C ILE B 212 -13.79 13.37 -0.24
N VAL B 213 -13.36 12.36 0.51
CA VAL B 213 -12.61 12.60 1.73
C VAL B 213 -11.31 11.83 2.03
N LYS B 214 -10.40 12.49 2.74
CA LYS B 214 -9.14 11.85 3.12
C LYS B 214 -9.26 10.85 4.27
N CYS B 215 -8.43 9.82 4.21
CA CYS B 215 -8.41 8.77 5.23
C CYS B 215 -6.98 8.44 5.60
N PHE B 216 -6.79 7.84 6.76
CA PHE B 216 -5.45 7.52 7.18
C PHE B 216 -5.27 6.11 7.68
N ARG B 217 -4.17 5.47 7.28
CA ARG B 217 -3.83 4.13 7.72
C ARG B 217 -2.51 4.33 8.47
N ASP B 218 -2.12 3.41 9.34
CA ASP B 218 -0.85 3.56 10.06
C ASP B 218 -0.16 2.22 10.26
N GLU B 219 -0.19 1.40 9.21
CA GLU B 219 0.45 0.08 9.27
C GLU B 219 1.87 0.25 8.71
N ASP B 220 2.40 -0.79 8.08
CA ASP B 220 3.72 -0.68 7.48
C ASP B 220 3.49 -0.31 6.03
N LEU B 221 3.85 0.92 5.74
CA LEU B 221 3.70 1.54 4.44
C LEU B 221 4.17 0.68 3.27
N ARG B 222 3.29 -0.19 2.80
CA ARG B 222 3.62 -1.03 1.67
C ARG B 222 3.69 -0.09 0.47
N ALA B 223 4.30 -0.53 -0.64
CA ALA B 223 4.37 0.29 -1.85
C ALA B 223 2.92 0.32 -2.36
N ASP B 224 2.52 1.42 -3.00
CA ASP B 224 1.12 1.55 -3.46
C ASP B 224 0.26 1.93 -2.25
N ARG B 225 0.90 2.04 -1.09
CA ARG B 225 0.21 2.38 0.13
C ARG B 225 0.77 3.62 0.81
N GLN B 226 0.05 4.73 0.66
CA GLN B 226 0.41 6.00 1.24
C GLN B 226 -0.12 6.10 2.66
N PRO B 227 0.42 7.05 3.44
CA PRO B 227 -0.07 7.21 4.81
C PRO B 227 -1.48 7.83 4.81
N GLU B 228 -1.85 8.50 3.74
CA GLU B 228 -3.19 9.06 3.64
C GLU B 228 -3.71 8.79 2.25
N PHE B 229 -5.02 8.57 2.13
CA PHE B 229 -5.60 8.25 0.84
C PHE B 229 -7.01 8.72 0.72
N THR B 230 -7.40 9.17 -0.47
CA THR B 230 -8.76 9.66 -0.63
C THR B 230 -9.77 8.60 -1.03
N GLN B 231 -10.95 8.73 -0.44
CA GLN B 231 -12.04 7.82 -0.70
C GLN B 231 -13.27 8.52 -1.16
N ILE B 232 -14.03 7.91 -2.07
CA ILE B 232 -15.33 8.47 -2.44
C ILE B 232 -16.17 7.73 -1.40
N ASP B 233 -16.61 8.45 -0.36
CA ASP B 233 -17.36 7.85 0.74
C ASP B 233 -18.85 7.95 0.56
N VAL B 234 -19.52 6.80 0.65
CA VAL B 234 -20.97 6.74 0.46
C VAL B 234 -21.82 6.03 1.55
N GLU B 235 -23.00 6.56 1.82
CA GLU B 235 -23.90 5.93 2.79
C GLU B 235 -25.35 6.16 2.34
N THR B 236 -26.18 5.15 2.49
CA THR B 236 -27.56 5.32 2.06
C THR B 236 -28.50 4.74 3.08
N SER B 237 -29.75 5.19 2.99
CA SER B 237 -30.82 4.71 3.86
C SER B 237 -31.93 4.15 2.98
N PHE B 238 -32.65 3.18 3.52
CA PHE B 238 -33.79 2.59 2.84
C PHE B 238 -33.47 2.01 1.48
N MET B 239 -32.29 1.41 1.38
CA MET B 239 -31.82 0.79 0.15
C MET B 239 -31.25 -0.58 0.47
N THR B 240 -31.45 -1.54 -0.41
CA THR B 240 -30.91 -2.88 -0.20
C THR B 240 -29.53 -2.92 -0.82
N ALA B 241 -28.82 -4.03 -0.64
CA ALA B 241 -27.49 -4.15 -1.22
C ALA B 241 -27.60 -3.98 -2.75
N PRO B 242 -28.40 -4.84 -3.43
CA PRO B 242 -28.53 -4.71 -4.88
C PRO B 242 -28.84 -3.28 -5.31
N GLN B 243 -29.69 -2.59 -4.55
CA GLN B 243 -30.03 -1.21 -4.94
C GLN B 243 -28.86 -0.28 -4.69
N VAL B 244 -27.95 -0.68 -3.79
CA VAL B 244 -26.75 0.11 -3.51
C VAL B 244 -25.77 -0.18 -4.65
N ARG B 245 -25.58 -1.46 -4.95
CA ARG B 245 -24.70 -1.83 -6.03
C ARG B 245 -25.14 -1.19 -7.36
N GLU B 246 -26.42 -1.21 -7.67
CA GLU B 246 -26.83 -0.61 -8.93
C GLU B 246 -26.42 0.87 -9.08
N VAL B 247 -26.71 1.70 -8.08
CA VAL B 247 -26.36 3.11 -8.21
C VAL B 247 -24.84 3.32 -8.23
N MET B 248 -24.09 2.55 -7.45
CA MET B 248 -22.65 2.70 -7.46
C MET B 248 -22.06 2.19 -8.78
N GLU B 249 -22.78 1.28 -9.42
CA GLU B 249 -22.33 0.73 -10.69
C GLU B 249 -22.59 1.75 -11.79
N ALA B 250 -23.70 2.46 -11.72
CA ALA B 250 -24.01 3.48 -12.72
C ALA B 250 -22.96 4.58 -12.60
N LEU B 251 -22.40 4.73 -11.41
CA LEU B 251 -21.35 5.72 -11.17
C LEU B 251 -20.10 5.32 -11.97
N VAL B 252 -19.58 4.14 -11.68
CA VAL B 252 -18.39 3.70 -12.39
C VAL B 252 -18.63 3.71 -13.93
N ARG B 253 -19.73 3.13 -14.37
CA ARG B 253 -20.03 3.11 -15.79
C ARG B 253 -20.00 4.51 -16.35
N HIS B 254 -20.60 5.45 -15.61
CA HIS B 254 -20.63 6.84 -16.04
C HIS B 254 -19.22 7.40 -16.14
N LEU B 255 -18.35 6.95 -15.24
CA LEU B 255 -16.96 7.42 -15.23
C LEU B 255 -16.18 6.91 -16.43
N TRP B 256 -16.42 5.66 -16.80
CA TRP B 256 -15.73 5.09 -17.95
C TRP B 256 -16.23 5.71 -19.27
N LEU B 257 -17.53 5.95 -19.38
CA LEU B 257 -18.06 6.53 -20.59
C LEU B 257 -17.45 7.90 -20.77
N GLU B 258 -17.65 8.76 -19.78
CA GLU B 258 -17.14 10.13 -19.81
C GLU B 258 -15.63 10.31 -19.83
N VAL B 259 -14.88 9.32 -19.38
CA VAL B 259 -13.46 9.49 -19.37
C VAL B 259 -12.74 8.67 -20.42
N LYS B 260 -12.99 7.37 -20.48
CA LYS B 260 -12.34 6.54 -21.47
C LYS B 260 -13.22 6.32 -22.70
N GLY B 261 -14.46 6.76 -22.63
CA GLY B 261 -15.35 6.57 -23.75
C GLY B 261 -15.75 5.11 -23.91
N VAL B 262 -15.45 4.27 -22.92
CA VAL B 262 -15.84 2.87 -23.05
C VAL B 262 -17.15 2.62 -22.29
N ASP B 263 -17.94 1.69 -22.79
CA ASP B 263 -19.19 1.34 -22.14
C ASP B 263 -18.89 0.03 -21.45
N LEU B 264 -18.64 0.11 -20.16
CA LEU B 264 -18.29 -1.07 -19.37
C LEU B 264 -19.33 -2.17 -19.46
N GLY B 265 -20.58 -1.81 -19.66
CA GLY B 265 -21.62 -2.83 -19.75
C GLY B 265 -21.96 -3.45 -18.41
N ASP B 266 -23.16 -4.00 -18.28
CA ASP B 266 -23.56 -4.60 -17.00
C ASP B 266 -22.45 -5.39 -16.36
N PHE B 267 -22.31 -5.20 -15.05
CA PHE B 267 -21.29 -5.85 -14.24
C PHE B 267 -21.63 -7.27 -13.86
N PRO B 268 -20.70 -8.20 -14.06
CA PRO B 268 -21.02 -9.56 -13.65
C PRO B 268 -21.03 -9.50 -12.11
N VAL B 269 -21.68 -10.46 -11.45
CA VAL B 269 -21.75 -10.52 -9.98
C VAL B 269 -21.37 -11.93 -9.62
N MET B 270 -20.60 -12.10 -8.56
CA MET B 270 -20.11 -13.41 -8.17
C MET B 270 -20.18 -13.53 -6.65
N THR B 271 -20.09 -14.73 -6.11
CA THR B 271 -20.11 -14.85 -4.65
C THR B 271 -18.70 -15.12 -4.21
N PHE B 272 -18.35 -14.64 -3.03
CA PHE B 272 -17.02 -14.87 -2.53
C PHE B 272 -16.66 -16.35 -2.75
N ALA B 273 -17.64 -17.22 -2.56
CA ALA B 273 -17.42 -18.64 -2.72
C ALA B 273 -17.11 -19.00 -4.17
N GLU B 274 -17.87 -18.45 -5.11
CA GLU B 274 -17.62 -18.75 -6.51
C GLU B 274 -16.30 -18.19 -7.02
N ALA B 275 -15.94 -17.02 -6.48
CA ALA B 275 -14.71 -16.37 -6.87
C ALA B 275 -13.49 -17.21 -6.49
N GLU B 276 -13.44 -17.68 -5.25
CA GLU B 276 -12.28 -18.47 -4.81
C GLU B 276 -12.18 -19.78 -5.60
N ARG B 277 -13.33 -20.34 -5.92
CA ARG B 277 -13.42 -21.59 -6.66
C ARG B 277 -12.97 -21.41 -8.11
N ARG B 278 -13.60 -20.47 -8.79
CA ARG B 278 -13.28 -20.20 -10.17
C ARG B 278 -11.93 -19.54 -10.40
N TYR B 279 -11.63 -18.51 -9.63
CA TYR B 279 -10.41 -17.75 -9.82
C TYR B 279 -9.38 -17.88 -8.69
N GLY B 280 -9.77 -18.47 -7.57
CA GLY B 280 -8.85 -18.64 -6.46
C GLY B 280 -8.42 -17.28 -5.91
N SER B 281 -9.29 -16.29 -6.06
CA SER B 281 -9.05 -14.93 -5.61
C SER B 281 -10.36 -14.25 -5.22
N ASP B 282 -10.31 -13.30 -4.29
CA ASP B 282 -11.53 -12.61 -3.92
C ASP B 282 -11.58 -11.35 -4.73
N LYS B 283 -10.61 -11.23 -5.65
CA LYS B 283 -10.52 -10.12 -6.58
C LYS B 283 -10.10 -10.63 -7.97
N PRO B 284 -10.99 -11.37 -8.64
CA PRO B 284 -10.75 -11.95 -9.98
C PRO B 284 -10.41 -11.00 -11.14
N ASP B 285 -9.41 -11.36 -11.93
CA ASP B 285 -9.06 -10.57 -13.12
C ASP B 285 -9.81 -11.35 -14.23
N LEU B 286 -10.85 -10.73 -14.78
CA LEU B 286 -11.64 -11.39 -15.82
C LEU B 286 -11.19 -11.00 -17.22
N ARG B 287 -10.00 -10.40 -17.31
CA ARG B 287 -9.44 -10.03 -18.60
C ARG B 287 -8.79 -11.33 -19.07
N ASN B 288 -8.64 -12.25 -18.13
CA ASN B 288 -8.05 -13.55 -18.40
C ASN B 288 -9.24 -14.50 -18.57
N PRO B 289 -9.34 -15.17 -19.71
CA PRO B 289 -10.50 -16.07 -19.87
C PRO B 289 -10.47 -17.40 -19.11
N MET B 290 -9.31 -17.86 -18.68
CA MET B 290 -9.23 -19.14 -17.98
C MET B 290 -9.97 -19.25 -16.65
N GLU B 291 -10.09 -20.47 -16.14
CA GLU B 291 -10.71 -20.66 -14.86
C GLU B 291 -10.41 -22.03 -14.25
N LEU B 292 -10.54 -22.14 -12.93
CA LEU B 292 -10.22 -23.40 -12.28
C LEU B 292 -11.47 -24.25 -12.19
N THR B 293 -11.29 -25.55 -12.34
CA THR B 293 -12.40 -26.44 -12.29
C THR B 293 -12.15 -27.40 -11.16
N ASP B 294 -13.15 -27.59 -10.32
CA ASP B 294 -13.01 -28.55 -9.27
C ASP B 294 -13.26 -29.92 -9.88
N VAL B 295 -12.41 -30.88 -9.53
CA VAL B 295 -12.58 -32.23 -10.05
C VAL B 295 -12.32 -33.23 -8.93
N ALA B 296 -12.36 -32.75 -7.69
CA ALA B 296 -12.13 -33.60 -6.54
C ALA B 296 -13.00 -34.84 -6.55
N ASP B 297 -14.31 -34.63 -6.64
CA ASP B 297 -15.27 -35.73 -6.64
C ASP B 297 -15.01 -36.81 -7.67
N LEU B 298 -14.27 -36.46 -8.71
CA LEU B 298 -13.93 -37.41 -9.77
C LEU B 298 -12.75 -38.26 -9.36
N LEU B 299 -12.03 -37.85 -8.33
CA LEU B 299 -10.82 -38.53 -7.89
C LEU B 299 -10.82 -39.07 -6.44
N LYS B 300 -11.98 -39.04 -5.79
CA LYS B 300 -12.12 -39.48 -4.39
C LYS B 300 -11.72 -40.93 -4.11
N SER B 301 -11.73 -41.77 -5.13
CA SER B 301 -11.41 -43.18 -4.96
C SER B 301 -10.09 -43.73 -5.53
N VAL B 302 -9.35 -42.92 -6.30
CA VAL B 302 -8.07 -43.37 -6.87
C VAL B 302 -7.09 -43.75 -5.76
N GLU B 303 -6.04 -44.50 -6.10
CA GLU B 303 -5.07 -44.92 -5.10
C GLU B 303 -4.01 -43.85 -4.84
N PHE B 304 -3.83 -42.98 -5.84
CA PHE B 304 -2.87 -41.89 -5.79
C PHE B 304 -3.17 -40.90 -4.65
N ALA B 305 -2.33 -40.89 -3.62
CA ALA B 305 -2.54 -39.99 -2.46
C ALA B 305 -2.54 -38.52 -2.83
N VAL B 306 -1.63 -38.11 -3.70
CA VAL B 306 -1.57 -36.73 -4.10
C VAL B 306 -2.94 -36.16 -4.42
N PHE B 307 -3.79 -36.98 -5.06
CA PHE B 307 -5.12 -36.54 -5.41
C PHE B 307 -6.15 -37.01 -4.38
N ALA B 308 -6.16 -38.32 -4.14
CA ALA B 308 -7.11 -38.94 -3.21
C ALA B 308 -7.28 -38.24 -1.88
N GLY B 309 -6.17 -37.82 -1.28
CA GLY B 309 -6.25 -37.15 0.00
C GLY B 309 -6.93 -35.79 -0.09
N PRO B 310 -6.32 -34.81 -0.77
CA PRO B 310 -6.87 -33.47 -0.92
C PRO B 310 -8.28 -33.56 -1.47
N ALA B 311 -8.55 -34.59 -2.27
CA ALA B 311 -9.86 -34.78 -2.84
C ALA B 311 -10.84 -35.20 -1.76
N ASN B 312 -10.39 -36.05 -0.85
CA ASN B 312 -11.27 -36.51 0.20
C ASN B 312 -11.34 -35.57 1.40
N ASP B 313 -10.25 -34.86 1.66
CA ASP B 313 -10.22 -33.93 2.77
C ASP B 313 -11.34 -32.93 2.58
N PRO B 314 -12.08 -32.59 3.65
CA PRO B 314 -13.17 -31.63 3.49
C PRO B 314 -12.66 -30.22 3.27
N LYS B 315 -11.48 -29.95 3.81
CA LYS B 315 -10.85 -28.65 3.66
C LYS B 315 -9.73 -28.64 2.60
N GLY B 316 -9.84 -29.54 1.63
CA GLY B 316 -8.86 -29.61 0.56
C GLY B 316 -9.57 -29.58 -0.79
N ARG B 317 -8.85 -29.22 -1.84
CA ARG B 317 -9.44 -29.22 -3.17
C ARG B 317 -8.47 -29.70 -4.23
N VAL B 318 -9.01 -30.07 -5.38
CA VAL B 318 -8.22 -30.51 -6.52
C VAL B 318 -8.73 -29.65 -7.66
N ALA B 319 -7.96 -28.62 -7.99
CA ALA B 319 -8.36 -27.70 -9.05
C ALA B 319 -7.69 -28.02 -10.38
N ALA B 320 -8.48 -27.96 -11.43
CA ALA B 320 -7.93 -28.21 -12.74
C ALA B 320 -7.88 -26.89 -13.53
N LEU B 321 -6.71 -26.58 -14.09
CA LEU B 321 -6.59 -25.36 -14.88
C LEU B 321 -6.36 -25.79 -16.32
N ARG B 322 -7.32 -25.45 -17.17
CA ARG B 322 -7.26 -25.77 -18.56
C ARG B 322 -6.74 -24.50 -19.25
N VAL B 323 -5.56 -24.63 -19.85
CA VAL B 323 -4.99 -23.49 -20.54
C VAL B 323 -5.05 -23.76 -22.04
N PRO B 324 -5.97 -23.06 -22.73
CA PRO B 324 -6.13 -23.23 -24.16
C PRO B 324 -4.81 -23.14 -24.93
N GLY B 325 -4.53 -24.17 -25.71
CA GLY B 325 -3.31 -24.23 -26.49
C GLY B 325 -2.07 -24.40 -25.65
N GLY B 326 -2.16 -25.20 -24.60
CA GLY B 326 -1.03 -25.40 -23.72
C GLY B 326 -0.25 -26.69 -23.87
N ALA B 327 -0.82 -27.67 -24.57
CA ALA B 327 -0.14 -28.95 -24.78
C ALA B 327 1.22 -28.67 -25.43
N SER B 328 1.25 -27.66 -26.28
CA SER B 328 2.47 -27.26 -26.96
C SER B 328 3.41 -26.57 -25.98
N LEU B 329 3.62 -27.20 -24.81
CA LEU B 329 4.45 -26.60 -23.76
C LEU B 329 5.70 -27.41 -23.37
N THR B 330 6.79 -26.69 -23.13
CA THR B 330 8.11 -27.25 -22.78
C THR B 330 8.29 -27.83 -21.40
N ARG B 331 9.09 -28.88 -21.30
CA ARG B 331 9.40 -29.49 -20.01
C ARG B 331 9.98 -28.35 -19.20
N LYS B 332 10.81 -27.56 -19.85
CA LYS B 332 11.46 -26.41 -19.25
C LYS B 332 10.37 -25.49 -18.69
N GLN B 333 9.46 -25.09 -19.58
CA GLN B 333 8.36 -24.21 -19.21
C GLN B 333 7.46 -24.86 -18.16
N ILE B 334 7.21 -26.15 -18.32
CA ILE B 334 6.37 -26.86 -17.38
C ILE B 334 7.10 -27.02 -16.05
N ASP B 335 8.39 -26.75 -16.05
CA ASP B 335 9.14 -26.88 -14.84
C ASP B 335 9.19 -25.55 -14.12
N GLU B 336 9.16 -24.47 -14.88
CA GLU B 336 9.17 -23.15 -14.27
C GLU B 336 7.91 -23.05 -13.43
N TYR B 337 6.78 -23.27 -14.09
CA TYR B 337 5.48 -23.23 -13.44
C TYR B 337 5.51 -24.22 -12.28
N GLY B 338 6.13 -25.37 -12.50
CA GLY B 338 6.22 -26.35 -11.44
C GLY B 338 6.82 -25.69 -10.21
N ASN B 339 7.83 -24.87 -10.44
CA ASN B 339 8.50 -24.15 -9.36
C ASN B 339 7.62 -23.02 -8.87
N PHE B 340 7.25 -22.13 -9.78
CA PHE B 340 6.40 -20.99 -9.46
C PHE B 340 5.28 -21.31 -8.46
N VAL B 341 4.58 -22.41 -8.63
CA VAL B 341 3.51 -22.74 -7.70
C VAL B 341 4.05 -23.10 -6.31
N LYS B 342 5.34 -23.42 -6.23
CA LYS B 342 5.96 -23.76 -4.95
C LYS B 342 5.97 -22.54 -4.05
N ILE B 343 6.08 -21.37 -4.67
CA ILE B 343 6.12 -20.11 -3.94
C ILE B 343 4.85 -19.89 -3.12
N TYR B 344 3.76 -20.58 -3.45
CA TYR B 344 2.53 -20.40 -2.70
C TYR B 344 2.14 -21.62 -1.89
N GLY B 345 3.03 -22.61 -1.84
CA GLY B 345 2.76 -23.80 -1.06
C GLY B 345 2.46 -25.09 -1.80
N ALA B 346 2.53 -25.05 -3.12
CA ALA B 346 2.25 -26.24 -3.89
C ALA B 346 3.42 -27.23 -3.82
N LYS B 347 3.11 -28.51 -3.68
CA LYS B 347 4.16 -29.51 -3.63
C LYS B 347 4.53 -29.94 -5.04
N GLY B 348 3.62 -29.67 -5.98
CA GLY B 348 3.85 -30.04 -7.38
C GLY B 348 2.82 -29.48 -8.35
N LEU B 349 2.80 -30.01 -9.56
CA LEU B 349 1.86 -29.52 -10.57
C LEU B 349 1.63 -30.57 -11.66
N ALA B 350 0.83 -31.58 -11.35
CA ALA B 350 0.53 -32.61 -12.34
C ALA B 350 -0.10 -31.96 -13.58
N TYR B 351 -0.16 -32.69 -14.68
CA TYR B 351 -0.76 -32.13 -15.90
C TYR B 351 -1.16 -33.20 -16.90
N ILE B 352 -2.09 -32.83 -17.75
CA ILE B 352 -2.53 -33.73 -18.79
C ILE B 352 -2.40 -32.95 -20.09
N LYS B 353 -1.64 -33.48 -21.04
CA LYS B 353 -1.52 -32.82 -22.33
C LYS B 353 -2.66 -33.36 -23.19
N VAL B 354 -3.48 -32.47 -23.76
CA VAL B 354 -4.57 -32.95 -24.61
C VAL B 354 -4.26 -32.69 -26.06
N ASN B 355 -3.93 -33.77 -26.77
CA ASN B 355 -3.55 -33.70 -28.17
C ASN B 355 -4.71 -34.01 -29.10
N GLU B 356 -5.40 -35.11 -28.82
CA GLU B 356 -6.53 -35.55 -29.64
C GLU B 356 -7.51 -36.36 -28.79
N ARG B 357 -8.52 -35.69 -28.23
CA ARG B 357 -9.50 -36.36 -27.37
C ARG B 357 -10.13 -37.58 -28.03
N ALA B 358 -10.68 -37.37 -29.23
CA ALA B 358 -11.33 -38.43 -30.01
C ALA B 358 -10.63 -39.80 -29.89
N LYS B 359 -9.32 -39.81 -29.69
CA LYS B 359 -8.56 -41.04 -29.61
C LYS B 359 -8.43 -41.67 -28.21
N GLY B 360 -8.98 -41.04 -27.18
CA GLY B 360 -8.91 -41.61 -25.83
C GLY B 360 -7.64 -41.38 -25.02
N LEU B 361 -7.28 -42.37 -24.22
CA LEU B 361 -6.09 -42.29 -23.38
C LEU B 361 -4.89 -42.10 -24.28
N GLU B 362 -5.00 -42.59 -25.52
CA GLU B 362 -3.95 -42.47 -26.52
C GLU B 362 -4.01 -41.08 -27.13
N GLY B 363 -4.97 -40.29 -26.68
CA GLY B 363 -5.12 -38.95 -27.19
C GLY B 363 -4.44 -37.96 -26.27
N ILE B 364 -4.21 -38.39 -25.04
CA ILE B 364 -3.56 -37.56 -24.04
C ILE B 364 -2.13 -38.03 -23.82
N ASN B 365 -1.42 -37.25 -23.02
CA ASN B 365 -0.04 -37.51 -22.66
C ASN B 365 0.06 -36.91 -21.26
N SER B 366 0.25 -37.78 -20.28
CA SER B 366 0.33 -37.34 -18.89
C SER B 366 1.05 -38.31 -17.98
N PRO B 367 1.93 -37.79 -17.11
CA PRO B 367 2.71 -38.55 -16.13
C PRO B 367 1.83 -39.20 -15.07
N VAL B 368 0.62 -38.67 -14.85
CA VAL B 368 -0.28 -39.26 -13.86
C VAL B 368 -1.42 -40.05 -14.46
N ALA B 369 -1.53 -40.08 -15.79
CA ALA B 369 -2.61 -40.83 -16.41
C ALA B 369 -2.54 -42.27 -15.89
N LYS B 370 -1.33 -42.78 -15.70
CA LYS B 370 -1.14 -44.13 -15.16
C LYS B 370 -2.01 -44.38 -13.92
N PHE B 371 -1.90 -43.48 -12.94
CA PHE B 371 -2.63 -43.59 -11.65
C PHE B 371 -4.13 -43.29 -11.71
N LEU B 372 -4.59 -42.78 -12.85
CA LEU B 372 -5.99 -42.46 -13.06
C LEU B 372 -6.61 -43.62 -13.86
N ASN B 373 -7.42 -43.29 -14.87
CA ASN B 373 -8.02 -44.30 -15.78
C ASN B 373 -8.76 -43.59 -16.92
N ALA B 374 -9.26 -44.37 -17.87
CA ALA B 374 -9.96 -43.81 -19.03
C ALA B 374 -11.18 -43.00 -18.67
N GLU B 375 -12.05 -43.55 -17.81
CA GLU B 375 -13.26 -42.84 -17.42
C GLU B 375 -12.99 -41.50 -16.72
N ILE B 376 -12.16 -41.55 -15.67
CA ILE B 376 -11.81 -40.34 -14.89
C ILE B 376 -11.22 -39.24 -15.77
N ILE B 377 -10.28 -39.59 -16.63
CA ILE B 377 -9.68 -38.59 -17.50
C ILE B 377 -10.71 -38.04 -18.48
N GLU B 378 -11.71 -38.87 -18.82
CA GLU B 378 -12.78 -38.48 -19.75
C GLU B 378 -13.74 -37.52 -19.07
N ASP B 379 -14.09 -37.85 -17.83
CA ASP B 379 -14.98 -36.99 -17.05
C ASP B 379 -14.34 -35.61 -16.90
N ILE B 380 -13.06 -35.60 -16.52
CA ILE B 380 -12.26 -34.37 -16.34
C ILE B 380 -12.15 -33.54 -17.62
N LEU B 381 -11.85 -34.19 -18.74
CA LEU B 381 -11.73 -33.42 -19.99
C LEU B 381 -13.08 -32.81 -20.32
N ASP B 382 -14.13 -33.48 -19.84
CA ASP B 382 -15.50 -33.01 -20.05
C ASP B 382 -15.80 -31.81 -19.18
N ARG B 383 -15.57 -31.97 -17.88
CA ARG B 383 -15.82 -30.88 -16.94
C ARG B 383 -15.05 -29.63 -17.35
N THR B 384 -13.78 -29.79 -17.66
CA THR B 384 -12.94 -28.67 -18.05
C THR B 384 -13.12 -28.27 -19.50
N ALA B 385 -13.84 -29.09 -20.26
CA ALA B 385 -14.07 -28.80 -21.67
C ALA B 385 -12.77 -28.62 -22.42
N ALA B 386 -11.87 -29.59 -22.29
CA ALA B 386 -10.58 -29.51 -22.99
C ALA B 386 -10.66 -29.76 -24.51
N GLN B 387 -10.10 -28.84 -25.29
CA GLN B 387 -10.05 -28.94 -26.75
C GLN B 387 -8.67 -29.49 -27.07
N ASP B 388 -8.51 -30.11 -28.23
CA ASP B 388 -7.20 -30.63 -28.60
C ASP B 388 -6.24 -29.45 -28.61
N GLY B 389 -5.08 -29.62 -27.99
CA GLY B 389 -4.12 -28.53 -27.91
C GLY B 389 -4.00 -28.03 -26.47
N ASP B 390 -5.13 -28.00 -25.75
CA ASP B 390 -5.21 -27.57 -24.34
C ASP B 390 -4.29 -28.35 -23.41
N MET B 391 -3.88 -27.69 -22.34
CA MET B 391 -3.06 -28.31 -21.30
C MET B 391 -3.91 -28.24 -20.02
N ILE B 392 -3.90 -29.30 -19.24
CA ILE B 392 -4.65 -29.28 -18.00
C ILE B 392 -3.66 -29.32 -16.83
N PHE B 393 -3.57 -28.25 -16.05
CA PHE B 393 -2.69 -28.28 -14.88
C PHE B 393 -3.57 -28.59 -13.64
N PHE B 394 -3.03 -29.33 -12.68
CA PHE B 394 -3.77 -29.68 -11.46
C PHE B 394 -3.04 -29.26 -10.17
N GLY B 395 -3.79 -28.59 -9.31
CA GLY B 395 -3.28 -28.19 -8.01
C GLY B 395 -4.15 -28.98 -7.06
N ALA B 396 -3.55 -29.85 -6.27
CA ALA B 396 -4.27 -30.70 -5.34
C ALA B 396 -3.72 -30.57 -3.89
N ASP B 397 -4.24 -29.59 -3.16
CA ASP B 397 -3.80 -29.35 -1.79
C ASP B 397 -4.92 -28.82 -0.90
N ASN B 398 -4.53 -28.02 0.10
CA ASN B 398 -5.45 -27.39 1.04
C ASN B 398 -6.10 -26.20 0.33
N LYS B 399 -7.40 -25.97 0.59
CA LYS B 399 -8.16 -24.89 -0.04
C LYS B 399 -7.38 -23.60 -0.26
N LYS B 400 -6.50 -23.28 0.68
CA LYS B 400 -5.70 -22.08 0.59
C LYS B 400 -4.52 -22.31 -0.33
N ILE B 401 -3.78 -23.38 -0.13
CA ILE B 401 -2.63 -23.67 -0.99
C ILE B 401 -3.04 -23.64 -2.46
N VAL B 402 -4.09 -24.39 -2.81
CA VAL B 402 -4.60 -24.44 -4.18
C VAL B 402 -5.02 -23.08 -4.70
N ALA B 403 -5.86 -22.38 -3.93
CA ALA B 403 -6.30 -21.05 -4.28
C ALA B 403 -5.13 -20.10 -4.64
N ASP B 404 -4.19 -19.88 -3.73
CA ASP B 404 -3.09 -18.98 -4.05
C ASP B 404 -2.22 -19.49 -5.16
N ALA B 405 -1.91 -20.78 -5.17
CA ALA B 405 -1.07 -21.34 -6.21
C ALA B 405 -1.70 -21.29 -7.61
N MET B 406 -2.83 -21.98 -7.78
CA MET B 406 -3.51 -22.01 -9.06
C MET B 406 -4.04 -20.62 -9.35
N GLY B 407 -4.39 -19.92 -8.28
CA GLY B 407 -4.89 -18.57 -8.47
C GLY B 407 -3.80 -17.84 -9.21
N ALA B 408 -2.60 -17.84 -8.63
CA ALA B 408 -1.46 -17.18 -9.21
C ALA B 408 -1.05 -17.77 -10.56
N LEU B 409 -1.05 -19.11 -10.65
CA LEU B 409 -0.68 -19.83 -11.87
C LEU B 409 -1.55 -19.45 -13.05
N ARG B 410 -2.81 -19.22 -12.76
CA ARG B 410 -3.73 -18.84 -13.78
C ARG B 410 -3.30 -17.48 -14.35
N LEU B 411 -3.00 -16.54 -13.47
CA LEU B 411 -2.61 -15.21 -13.92
C LEU B 411 -1.34 -15.18 -14.75
N LYS B 412 -0.30 -15.88 -14.28
CA LYS B 412 0.98 -15.93 -14.98
C LYS B 412 0.85 -16.60 -16.35
N VAL B 413 0.27 -17.80 -16.38
CA VAL B 413 0.11 -18.51 -17.64
C VAL B 413 -0.57 -17.61 -18.63
N GLY B 414 -1.73 -17.07 -18.26
CA GLY B 414 -2.47 -16.18 -19.14
C GLY B 414 -1.64 -15.06 -19.74
N LYS B 415 -0.79 -14.44 -18.93
CA LYS B 415 0.06 -13.38 -19.44
C LYS B 415 1.05 -13.99 -20.41
N ASP B 416 1.75 -15.03 -19.95
CA ASP B 416 2.75 -15.72 -20.76
C ASP B 416 2.27 -16.09 -22.14
N LEU B 417 1.27 -16.93 -22.23
CA LEU B 417 0.75 -17.39 -23.51
C LEU B 417 -0.11 -16.34 -24.24
N GLY B 418 0.03 -15.09 -23.84
CA GLY B 418 -0.76 -14.06 -24.47
C GLY B 418 -2.25 -14.37 -24.50
N LEU B 419 -2.77 -15.07 -23.49
CA LEU B 419 -4.19 -15.40 -23.45
C LEU B 419 -5.06 -14.32 -22.82
N THR B 420 -4.45 -13.47 -22.00
CA THR B 420 -5.18 -12.40 -21.33
C THR B 420 -5.06 -11.09 -22.09
N ASP B 421 -6.19 -10.54 -22.53
CA ASP B 421 -6.10 -9.28 -23.24
C ASP B 421 -6.02 -8.12 -22.28
N GLU B 422 -4.79 -7.81 -21.87
CA GLU B 422 -4.50 -6.72 -20.94
C GLU B 422 -5.29 -5.44 -21.29
N SER B 423 -5.76 -5.32 -22.53
CA SER B 423 -6.51 -4.13 -22.96
C SER B 423 -8.02 -4.13 -22.71
N LYS B 424 -8.56 -5.23 -22.19
CA LYS B 424 -10.00 -5.32 -21.90
C LYS B 424 -10.35 -4.80 -20.50
N TRP B 425 -11.51 -4.20 -20.32
CA TRP B 425 -11.92 -3.72 -19.00
C TRP B 425 -12.84 -4.78 -18.43
N ALA B 426 -12.45 -5.38 -17.31
CA ALA B 426 -13.24 -6.44 -16.70
C ALA B 426 -13.76 -6.10 -15.31
N PRO B 427 -14.88 -5.38 -15.23
CA PRO B 427 -15.43 -5.03 -13.92
C PRO B 427 -16.30 -6.17 -13.40
N LEU B 428 -16.56 -6.19 -12.09
CA LEU B 428 -17.45 -7.19 -11.47
C LEU B 428 -17.71 -6.88 -10.01
N TRP B 429 -18.63 -7.64 -9.43
CA TRP B 429 -18.99 -7.49 -8.04
C TRP B 429 -18.73 -8.81 -7.34
N VAL B 430 -17.98 -8.79 -6.23
CA VAL B 430 -17.78 -10.01 -5.45
C VAL B 430 -18.60 -9.77 -4.18
N ILE B 431 -19.49 -10.70 -3.84
CA ILE B 431 -20.36 -10.49 -2.71
C ILE B 431 -20.41 -11.69 -1.78
N ASP B 432 -21.24 -11.58 -0.76
CA ASP B 432 -21.40 -12.66 0.17
C ASP B 432 -20.08 -13.08 0.79
N PHE B 433 -19.29 -12.10 1.22
CA PHE B 433 -18.01 -12.39 1.86
C PHE B 433 -18.32 -13.01 3.19
N PRO B 434 -17.49 -13.94 3.65
CA PRO B 434 -17.83 -14.50 4.96
C PRO B 434 -18.01 -13.38 5.97
N MET B 435 -18.68 -13.68 7.08
CA MET B 435 -18.92 -12.67 8.12
C MET B 435 -17.75 -12.62 9.09
N PHE B 436 -17.28 -13.80 9.51
CA PHE B 436 -16.20 -13.87 10.49
C PHE B 436 -14.87 -14.49 10.07
N GLU B 437 -14.09 -14.92 11.06
CA GLU B 437 -12.79 -15.55 10.84
C GLU B 437 -12.01 -15.70 12.15
N ASP B 438 -10.84 -16.32 12.07
CA ASP B 438 -10.00 -16.53 13.24
C ASP B 438 -9.04 -15.35 13.38
N ASP B 439 -8.95 -14.81 14.59
CA ASP B 439 -8.06 -13.68 14.86
C ASP B 439 -6.96 -14.12 15.81
N GLY B 440 -5.71 -13.83 15.47
CA GLY B 440 -4.59 -14.19 16.31
C GLY B 440 -4.66 -15.55 16.99
N GLU B 441 -5.45 -15.64 18.06
CA GLU B 441 -5.61 -16.89 18.81
C GLU B 441 -6.89 -17.64 18.45
N GLY B 442 -7.66 -17.09 17.52
CA GLY B 442 -8.88 -17.75 17.12
C GLY B 442 -10.14 -17.07 17.62
N GLY B 443 -11.04 -17.84 18.21
CA GLY B 443 -12.30 -17.30 18.68
C GLY B 443 -13.07 -16.96 17.42
N LEU B 444 -13.16 -15.66 17.13
CA LEU B 444 -13.83 -15.12 15.94
C LEU B 444 -13.69 -13.61 15.92
N THR B 445 -13.51 -13.07 14.71
CA THR B 445 -13.36 -11.63 14.48
C THR B 445 -14.10 -11.22 13.22
N ALA B 446 -14.57 -9.98 13.17
CA ALA B 446 -15.32 -9.50 12.03
C ALA B 446 -14.48 -9.31 10.78
N MET B 447 -14.94 -9.84 9.65
CA MET B 447 -14.23 -9.71 8.39
C MET B 447 -14.32 -8.24 7.97
N HIS B 448 -15.39 -7.58 8.39
CA HIS B 448 -15.61 -6.17 8.09
C HIS B 448 -15.90 -5.55 9.43
N HIS B 449 -16.42 -4.32 9.47
CA HIS B 449 -16.69 -3.72 10.78
C HIS B 449 -17.80 -4.53 11.45
N PRO B 450 -17.82 -4.51 12.80
CA PRO B 450 -18.79 -5.23 13.63
C PRO B 450 -20.26 -4.86 13.43
N PHE B 451 -20.52 -3.77 12.71
CA PHE B 451 -21.90 -3.32 12.48
C PHE B 451 -22.50 -3.88 11.18
N THR B 452 -21.80 -4.83 10.55
CA THR B 452 -22.23 -5.46 9.29
C THR B 452 -23.29 -6.53 9.57
N SER B 453 -24.30 -6.62 8.72
CA SER B 453 -25.34 -7.60 8.96
C SER B 453 -25.18 -8.88 8.19
N PRO B 454 -25.75 -9.97 8.72
CA PRO B 454 -25.69 -11.30 8.07
C PRO B 454 -26.60 -11.25 6.86
N LYS B 455 -26.21 -11.95 5.81
CA LYS B 455 -26.98 -12.01 4.57
C LYS B 455 -28.22 -12.88 4.66
N ASP B 456 -28.05 -14.08 5.20
CA ASP B 456 -29.17 -14.99 5.26
C ASP B 456 -29.24 -15.83 6.54
N MET B 457 -29.14 -15.16 7.68
CA MET B 457 -29.22 -15.85 8.94
C MET B 457 -29.96 -15.10 9.99
N THR B 458 -30.47 -15.86 10.93
CA THR B 458 -31.21 -15.34 12.04
C THR B 458 -30.20 -15.12 13.15
N ALA B 459 -30.54 -14.23 14.08
CA ALA B 459 -29.67 -13.96 15.21
C ALA B 459 -29.34 -15.29 15.87
N ALA B 460 -30.32 -16.18 15.95
CA ALA B 460 -30.10 -17.48 16.58
C ALA B 460 -29.28 -18.41 15.71
N GLU B 461 -29.61 -18.47 14.43
CA GLU B 461 -28.88 -19.37 13.55
C GLU B 461 -27.43 -18.93 13.49
N LEU B 462 -27.23 -17.62 13.63
CA LEU B 462 -25.91 -17.01 13.61
C LEU B 462 -25.16 -17.32 14.90
N LYS B 463 -25.88 -17.19 16.02
CA LYS B 463 -25.30 -17.46 17.31
C LYS B 463 -25.01 -18.96 17.35
N ALA B 464 -25.81 -19.73 16.62
CA ALA B 464 -25.66 -21.17 16.60
C ALA B 464 -24.53 -21.71 15.74
N ALA B 465 -24.30 -21.09 14.58
CA ALA B 465 -23.25 -21.55 13.69
C ALA B 465 -22.65 -20.38 12.95
N PRO B 466 -21.88 -19.53 13.67
CA PRO B 466 -21.22 -18.33 13.15
C PRO B 466 -20.04 -18.55 12.22
N GLU B 467 -19.31 -19.64 12.44
CA GLU B 467 -18.10 -19.97 11.67
C GLU B 467 -18.11 -19.67 10.18
N ASN B 468 -19.18 -20.05 9.47
CA ASN B 468 -19.25 -19.81 8.04
C ASN B 468 -20.38 -18.89 7.62
N ALA B 469 -20.96 -18.19 8.59
CA ALA B 469 -22.04 -17.28 8.29
C ALA B 469 -21.61 -16.34 7.16
N VAL B 470 -22.54 -16.05 6.24
CA VAL B 470 -22.27 -15.16 5.12
C VAL B 470 -22.74 -13.69 5.28
N ALA B 471 -21.79 -12.77 5.14
CA ALA B 471 -22.06 -11.35 5.30
C ALA B 471 -22.79 -10.74 4.12
N ASN B 472 -23.45 -9.63 4.39
CA ASN B 472 -24.17 -8.91 3.36
C ASN B 472 -23.22 -7.79 2.96
N ALA B 473 -22.06 -8.20 2.45
CA ALA B 473 -21.02 -7.26 2.05
C ALA B 473 -20.67 -7.43 0.59
N TYR B 474 -20.22 -6.35 -0.01
CA TYR B 474 -19.90 -6.37 -1.41
C TYR B 474 -18.64 -5.59 -1.80
N ASP B 475 -18.01 -6.06 -2.87
CA ASP B 475 -16.79 -5.47 -3.46
C ASP B 475 -16.90 -5.24 -4.96
N MET B 476 -16.29 -4.14 -5.43
CA MET B 476 -16.25 -3.88 -6.85
C MET B 476 -14.81 -4.10 -7.31
N VAL B 477 -14.65 -5.02 -8.23
CA VAL B 477 -13.34 -5.30 -8.77
C VAL B 477 -13.29 -4.85 -10.21
N ILE B 478 -12.17 -4.27 -10.61
CA ILE B 478 -11.96 -3.87 -12.01
C ILE B 478 -10.57 -4.36 -12.39
N ASN B 479 -10.53 -5.35 -13.26
CA ASN B 479 -9.27 -5.91 -13.73
C ASN B 479 -8.39 -6.43 -12.59
N GLY B 480 -8.99 -7.14 -11.63
CA GLY B 480 -8.20 -7.68 -10.52
C GLY B 480 -7.78 -6.76 -9.38
N TYR B 481 -8.48 -5.63 -9.17
CA TYR B 481 -8.18 -4.69 -8.09
C TYR B 481 -9.43 -4.32 -7.28
N GLU B 482 -9.40 -4.44 -5.94
CA GLU B 482 -10.56 -4.04 -5.09
C GLU B 482 -10.61 -2.53 -5.38
N VAL B 483 -11.73 -2.00 -5.84
CA VAL B 483 -11.78 -0.57 -6.08
C VAL B 483 -12.82 0.05 -5.19
N GLY B 484 -13.58 -0.82 -4.53
CA GLY B 484 -14.63 -0.35 -3.67
C GLY B 484 -15.24 -1.51 -2.91
N GLY B 485 -15.87 -1.17 -1.80
CA GLY B 485 -16.49 -2.16 -0.96
C GLY B 485 -17.47 -1.48 -0.01
N GLY B 486 -18.33 -2.28 0.60
CA GLY B 486 -19.31 -1.72 1.49
C GLY B 486 -20.15 -2.84 2.00
N SER B 487 -21.24 -2.49 2.68
CA SER B 487 -22.08 -3.51 3.24
C SER B 487 -23.33 -2.93 3.83
N VAL B 488 -24.29 -3.80 4.08
CA VAL B 488 -25.52 -3.37 4.73
C VAL B 488 -25.30 -3.45 6.24
N ARG B 489 -25.53 -2.36 6.94
CA ARG B 489 -25.36 -2.39 8.38
C ARG B 489 -26.57 -3.05 9.05
N ILE B 490 -26.44 -3.28 10.34
CA ILE B 490 -27.50 -3.88 11.15
C ILE B 490 -28.40 -2.78 11.70
N HIS B 491 -29.72 -3.00 11.68
CA HIS B 491 -30.61 -2.00 12.26
C HIS B 491 -31.41 -2.60 13.43
N ASN B 492 -31.43 -3.92 13.50
CA ASN B 492 -32.10 -4.65 14.59
C ASN B 492 -31.14 -4.88 15.77
N GLY B 493 -31.40 -4.19 16.88
CA GLY B 493 -30.58 -4.31 18.07
C GLY B 493 -30.29 -5.68 18.61
N ASP B 494 -31.26 -6.60 18.54
CA ASP B 494 -31.05 -7.96 19.04
C ASP B 494 -29.86 -8.52 18.28
N MET B 495 -29.90 -8.30 16.98
CA MET B 495 -28.87 -8.77 16.06
C MET B 495 -27.48 -8.21 16.33
N GLN B 496 -27.42 -6.92 16.62
CA GLN B 496 -26.16 -6.25 16.90
C GLN B 496 -25.52 -6.89 18.13
N GLN B 497 -26.35 -7.17 19.14
CA GLN B 497 -25.90 -7.80 20.37
C GLN B 497 -25.31 -9.18 20.10
N THR B 498 -26.02 -9.97 19.29
CA THR B 498 -25.54 -11.31 18.99
C THR B 498 -24.20 -11.25 18.27
N VAL B 499 -24.05 -10.31 17.34
CA VAL B 499 -22.77 -10.17 16.63
C VAL B 499 -21.68 -9.98 17.70
N PHE B 500 -21.84 -8.91 18.49
CA PHE B 500 -20.91 -8.58 19.57
C PHE B 500 -20.61 -9.82 20.44
N GLY B 501 -21.63 -10.63 20.73
CA GLY B 501 -21.44 -11.83 21.54
C GLY B 501 -20.50 -12.79 20.83
N ILE B 502 -20.76 -13.03 19.56
CA ILE B 502 -19.94 -13.92 18.77
C ILE B 502 -18.51 -13.35 18.75
N LEU B 503 -18.42 -12.03 18.60
CA LEU B 503 -17.15 -11.32 18.52
C LEU B 503 -16.32 -11.20 19.81
N GLY B 504 -16.90 -11.56 20.95
CA GLY B 504 -16.17 -11.45 22.19
C GLY B 504 -16.08 -10.02 22.70
N ILE B 505 -16.73 -9.08 22.02
CA ILE B 505 -16.72 -7.68 22.45
C ILE B 505 -17.77 -7.52 23.55
N ASN B 506 -17.33 -7.43 24.80
CA ASN B 506 -18.27 -7.32 25.91
C ASN B 506 -18.84 -5.92 26.02
N GLU B 507 -19.74 -5.74 26.98
CA GLU B 507 -20.40 -4.46 27.22
C GLU B 507 -19.47 -3.25 27.41
N GLU B 508 -18.46 -3.36 28.28
CA GLU B 508 -17.57 -2.24 28.50
C GLU B 508 -16.89 -1.88 27.19
N GLU B 509 -16.45 -2.89 26.44
CA GLU B 509 -15.79 -2.63 25.14
C GLU B 509 -16.71 -1.83 24.23
N GLN B 510 -17.86 -2.41 23.92
CA GLN B 510 -18.88 -1.78 23.08
C GLN B 510 -19.02 -0.31 23.42
N ARG B 511 -19.26 -0.04 24.69
CA ARG B 511 -19.46 1.31 25.19
C ARG B 511 -18.33 2.31 24.94
N GLU B 512 -17.09 1.84 24.82
CA GLU B 512 -16.02 2.80 24.60
C GLU B 512 -15.53 2.84 23.15
N LYS B 513 -15.77 1.76 22.42
CA LYS B 513 -15.38 1.69 21.01
C LYS B 513 -16.38 2.47 20.15
N PHE B 514 -17.64 2.45 20.57
CA PHE B 514 -18.72 3.14 19.85
C PHE B 514 -20.01 3.25 20.65
N GLY B 515 -19.94 3.97 21.77
CA GLY B 515 -21.11 4.15 22.62
C GLY B 515 -22.12 5.12 22.06
N PHE B 516 -21.67 6.29 21.58
CA PHE B 516 -22.60 7.26 21.02
C PHE B 516 -23.41 6.63 19.87
N LEU B 517 -22.76 5.79 19.08
CA LEU B 517 -23.43 5.14 17.97
C LEU B 517 -24.51 4.22 18.52
N LEU B 518 -24.07 3.27 19.36
CA LEU B 518 -24.97 2.31 19.98
C LEU B 518 -26.12 3.07 20.59
N ASP B 519 -25.84 4.25 21.13
CA ASP B 519 -26.90 5.06 21.69
C ASP B 519 -27.82 5.55 20.59
N ALA B 520 -27.21 5.98 19.50
CA ALA B 520 -27.93 6.49 18.36
C ALA B 520 -28.96 5.50 17.79
N LEU B 521 -28.70 4.20 17.94
CA LEU B 521 -29.59 3.17 17.41
C LEU B 521 -30.86 2.93 18.21
N LYS B 522 -31.08 3.77 19.21
CA LYS B 522 -32.25 3.65 20.07
C LYS B 522 -33.46 4.48 19.59
N TYR B 523 -33.24 5.34 18.60
CA TYR B 523 -34.29 6.22 18.13
C TYR B 523 -34.89 6.00 16.75
N GLY B 524 -35.30 4.76 16.47
CA GLY B 524 -35.88 4.51 15.18
C GLY B 524 -34.79 4.54 14.14
N THR B 525 -33.91 3.55 14.19
CA THR B 525 -32.82 3.47 13.25
C THR B 525 -33.36 2.92 11.93
N PRO B 526 -33.15 3.64 10.81
CA PRO B 526 -33.63 3.20 9.50
C PRO B 526 -32.66 2.17 8.92
N PRO B 527 -33.10 1.44 7.90
CA PRO B 527 -32.23 0.45 7.30
C PRO B 527 -31.23 1.30 6.56
N HIS B 528 -29.94 1.04 6.73
CA HIS B 528 -28.93 1.83 6.04
C HIS B 528 -27.80 0.98 5.53
N ALA B 529 -27.08 1.48 4.55
CA ALA B 529 -25.96 0.73 3.96
C ALA B 529 -25.04 1.69 3.22
N GLY B 530 -23.77 1.34 3.14
CA GLY B 530 -22.84 2.21 2.44
C GLY B 530 -21.70 1.55 1.66
N LEU B 531 -20.77 2.38 1.23
CA LEU B 531 -19.65 1.89 0.45
C LEU B 531 -18.60 2.96 0.26
N ALA B 532 -17.39 2.56 -0.06
CA ALA B 532 -16.30 3.52 -0.28
C ALA B 532 -15.42 3.03 -1.42
N PHE B 533 -15.16 3.91 -2.39
CA PHE B 533 -14.29 3.60 -3.54
C PHE B 533 -12.99 4.28 -3.21
N GLY B 534 -11.87 3.61 -3.46
CA GLY B 534 -10.59 4.27 -3.25
C GLY B 534 -10.42 5.20 -4.45
N LEU B 535 -10.28 6.50 -4.23
CA LEU B 535 -10.15 7.38 -5.39
C LEU B 535 -8.83 7.17 -6.13
N ASP B 536 -7.76 6.94 -5.41
CA ASP B 536 -6.46 6.73 -6.02
C ASP B 536 -6.52 5.58 -7.01
N ARG B 537 -6.97 4.39 -6.59
CA ARG B 537 -7.08 3.24 -7.50
C ARG B 537 -7.83 3.64 -8.75
N LEU B 538 -9.04 4.18 -8.53
CA LEU B 538 -9.92 4.60 -9.61
C LEU B 538 -9.14 5.43 -10.65
N THR B 539 -8.33 6.36 -10.14
CA THR B 539 -7.55 7.23 -10.99
C THR B 539 -6.41 6.52 -11.67
N MET B 540 -5.89 5.47 -11.03
CA MET B 540 -4.79 4.72 -11.63
C MET B 540 -5.33 3.99 -12.84
N LEU B 541 -6.45 3.29 -12.64
CA LEU B 541 -7.10 2.58 -13.71
C LEU B 541 -7.46 3.53 -14.86
N LEU B 542 -8.06 4.67 -14.55
CA LEU B 542 -8.47 5.63 -15.58
C LEU B 542 -7.37 6.40 -16.34
N THR B 543 -6.12 6.27 -15.91
CA THR B 543 -5.04 6.99 -16.59
C THR B 543 -3.89 6.02 -16.90
N GLY B 544 -4.21 4.73 -16.91
CA GLY B 544 -3.22 3.72 -17.19
C GLY B 544 -1.87 3.86 -16.53
N THR B 545 -1.80 4.15 -15.23
CA THR B 545 -0.50 4.23 -14.54
C THR B 545 -0.56 3.03 -13.64
N ASP B 546 0.55 2.67 -13.02
CA ASP B 546 0.60 1.53 -12.11
C ASP B 546 1.27 1.99 -10.83
N ASN B 547 1.75 3.23 -10.86
CA ASN B 547 2.43 3.83 -9.73
C ASN B 547 1.47 4.80 -9.04
N ILE B 548 1.04 4.42 -7.82
CA ILE B 548 0.13 5.25 -7.05
C ILE B 548 0.61 6.69 -6.95
N ARG B 549 1.92 6.88 -6.88
CA ARG B 549 2.48 8.22 -6.76
C ARG B 549 2.24 9.11 -7.97
N ASP B 550 1.88 8.53 -9.11
CA ASP B 550 1.63 9.35 -10.30
C ASP B 550 0.25 10.02 -10.32
N VAL B 551 -0.67 9.55 -9.49
CA VAL B 551 -2.02 10.14 -9.45
C VAL B 551 -2.23 11.11 -8.26
N ILE B 552 -1.19 11.26 -7.45
CA ILE B 552 -1.25 12.17 -6.32
C ILE B 552 -0.24 13.29 -6.63
N ALA B 553 -0.61 14.55 -6.42
CA ALA B 553 0.31 15.65 -6.71
C ALA B 553 1.52 15.65 -5.77
N PHE B 554 1.28 15.50 -4.47
CA PHE B 554 2.38 15.48 -3.52
C PHE B 554 2.40 14.24 -2.65
N PRO B 555 2.83 13.12 -3.23
CA PRO B 555 2.90 11.84 -2.54
C PRO B 555 4.11 11.67 -1.63
N LYS B 556 3.99 10.81 -0.63
CA LYS B 556 5.11 10.51 0.27
C LYS B 556 5.77 9.23 -0.31
N THR B 557 6.95 8.90 0.18
CA THR B 557 7.63 7.69 -0.28
C THR B 557 7.07 6.54 0.54
N THR B 558 7.64 5.35 0.34
CA THR B 558 7.20 4.17 1.07
C THR B 558 7.40 4.41 2.56
N ALA B 559 8.52 5.05 2.93
CA ALA B 559 8.84 5.34 4.32
C ALA B 559 7.97 6.46 4.91
N ALA B 560 6.96 6.89 4.15
CA ALA B 560 6.03 7.95 4.55
C ALA B 560 6.71 9.29 4.72
N ALA B 561 7.86 9.46 4.08
CA ALA B 561 8.55 10.74 4.18
C ALA B 561 8.27 11.52 2.92
N CYS B 562 8.31 12.85 3.02
CA CYS B 562 8.12 13.74 1.88
C CYS B 562 9.52 14.33 1.59
N LEU B 563 10.08 13.97 0.43
CA LEU B 563 11.40 14.42 0.00
C LEU B 563 11.55 15.89 -0.37
N MET B 564 10.45 16.56 -0.66
CA MET B 564 10.55 17.97 -1.01
C MET B 564 10.57 18.78 0.26
N THR B 565 9.46 18.77 1.00
CA THR B 565 9.34 19.52 2.24
C THR B 565 10.17 18.92 3.38
N GLU B 566 10.58 17.67 3.21
CA GLU B 566 11.39 16.96 4.21
C GLU B 566 10.68 16.62 5.51
N ALA B 567 9.37 16.38 5.45
CA ALA B 567 8.61 16.01 6.63
C ALA B 567 8.61 14.49 6.65
N PRO B 568 8.44 13.85 7.84
CA PRO B 568 8.25 14.48 9.15
C PRO B 568 9.55 15.07 9.74
N SER B 569 9.44 16.01 10.66
CA SER B 569 10.66 16.58 11.22
C SER B 569 10.72 16.66 12.75
N PHE B 570 11.90 16.99 13.28
CA PHE B 570 12.03 17.11 14.73
C PHE B 570 11.21 18.33 15.10
N ALA B 571 10.49 18.20 16.21
CA ALA B 571 9.64 19.27 16.68
C ALA B 571 10.38 20.21 17.61
N ASN B 572 9.94 21.47 17.61
CA ASN B 572 10.51 22.49 18.47
C ASN B 572 10.17 22.10 19.92
N PRO B 573 11.16 22.14 20.84
CA PRO B 573 10.94 21.79 22.26
C PRO B 573 9.85 22.67 22.88
N THR B 574 9.80 23.92 22.42
CA THR B 574 8.81 24.86 22.88
C THR B 574 7.48 24.20 22.67
N ALA B 575 7.23 23.86 21.41
CA ALA B 575 6.00 23.21 20.98
C ALA B 575 5.70 21.94 21.74
N LEU B 576 6.70 21.10 21.92
CA LEU B 576 6.49 19.85 22.65
C LEU B 576 6.13 20.21 24.07
N ALA B 577 6.66 21.34 24.52
CA ALA B 577 6.43 21.83 25.86
C ALA B 577 4.97 22.17 26.08
N GLU B 578 4.39 22.99 25.21
CA GLU B 578 2.99 23.34 25.36
C GLU B 578 2.11 22.11 25.21
N LEU B 579 2.56 21.17 24.38
CA LEU B 579 1.79 19.95 24.14
C LEU B 579 1.84 18.96 25.28
N SER B 580 2.68 19.24 26.26
CA SER B 580 2.76 18.36 27.41
C SER B 580 3.17 16.92 27.06
N ILE B 581 4.10 16.80 26.12
CA ILE B 581 4.64 15.48 25.74
C ILE B 581 6.16 15.64 25.55
N GLN B 582 6.85 14.53 25.42
CA GLN B 582 8.27 14.62 25.20
C GLN B 582 8.71 13.32 24.59
N VAL B 583 9.77 13.40 23.79
CA VAL B 583 10.25 12.21 23.15
C VAL B 583 11.07 11.48 24.20
N VAL B 584 10.94 10.18 24.27
CA VAL B 584 11.67 9.40 25.21
C VAL B 584 12.22 8.20 24.49
N LYS B 585 12.99 7.38 25.21
CA LYS B 585 13.59 6.19 24.64
C LYS B 585 13.94 5.23 25.77
N LYS B 586 13.75 3.94 25.53
CA LYS B 586 14.04 2.94 26.53
C LYS B 586 15.42 3.19 27.14
N ALA B 587 15.47 3.45 28.44
CA ALA B 587 16.74 3.69 29.10
C ALA B 587 17.21 2.33 29.55
N GLU B 588 17.34 1.42 28.58
CA GLU B 588 17.77 0.05 28.83
C GLU B 588 19.05 0.03 29.63
N ASN B 589 18.93 -0.33 30.91
CA ASN B 589 20.04 -0.39 31.86
C ASN B 589 21.05 0.75 31.71
N ASN B 590 20.74 1.69 30.83
CA ASN B 590 21.58 2.84 30.53
C ASN B 590 20.95 3.62 29.38
N MET C 1 35.38 -63.85 -24.38
CA MET C 1 35.61 -63.74 -25.85
C MET C 1 36.64 -62.63 -26.13
N ARG C 2 36.25 -61.39 -25.86
CA ARG C 2 37.11 -60.23 -26.12
C ARG C 2 38.54 -60.34 -25.61
N THR C 3 39.45 -59.55 -26.19
CA THR C 3 40.84 -59.52 -25.78
C THR C 3 41.08 -58.15 -25.17
N GLU C 4 40.34 -57.17 -25.67
CA GLU C 4 40.40 -55.79 -25.20
C GLU C 4 38.98 -55.22 -25.16
N TYR C 5 38.80 -53.99 -24.69
CA TYR C 5 37.47 -53.40 -24.65
C TYR C 5 37.46 -52.32 -25.70
N CYS C 6 36.38 -52.25 -26.46
CA CYS C 6 36.25 -51.27 -27.52
C CYS C 6 36.72 -49.88 -27.13
N GLY C 7 36.20 -49.39 -26.01
CA GLY C 7 36.53 -48.06 -25.57
C GLY C 7 37.92 -47.82 -25.05
N GLN C 8 38.73 -48.87 -24.87
CA GLN C 8 40.09 -48.66 -24.35
C GLN C 8 41.13 -48.37 -25.43
N LEU C 9 40.91 -48.90 -26.63
CA LEU C 9 41.83 -48.78 -27.76
C LEU C 9 42.47 -47.42 -28.02
N ARG C 10 43.79 -47.41 -28.12
CA ARG C 10 44.57 -46.20 -28.34
C ARG C 10 45.60 -46.35 -29.47
N LEU C 11 46.24 -45.24 -29.83
CA LEU C 11 47.24 -45.30 -30.87
C LEU C 11 48.28 -46.33 -30.44
N SER C 12 48.33 -46.62 -29.15
CA SER C 12 49.29 -47.59 -28.65
C SER C 12 48.92 -49.02 -29.06
N HIS C 13 47.66 -49.24 -29.41
CA HIS C 13 47.26 -50.58 -29.82
C HIS C 13 47.48 -50.81 -31.32
N VAL C 14 47.80 -49.75 -32.05
CA VAL C 14 48.02 -49.84 -33.48
C VAL C 14 48.80 -51.10 -33.82
N GLY C 15 48.35 -51.82 -34.82
CA GLY C 15 49.05 -53.03 -35.21
C GLY C 15 48.52 -54.32 -34.60
N GLN C 16 47.95 -54.24 -33.40
CA GLN C 16 47.47 -55.43 -32.74
C GLN C 16 46.17 -56.00 -33.28
N GLN C 17 45.99 -57.29 -33.04
CA GLN C 17 44.78 -57.97 -33.43
C GLN C 17 43.96 -57.99 -32.16
N VAL C 18 42.65 -57.79 -32.28
CA VAL C 18 41.82 -57.76 -31.11
C VAL C 18 40.54 -58.48 -31.39
N THR C 19 39.82 -58.77 -30.32
CA THR C 19 38.53 -59.41 -30.44
C THR C 19 37.66 -58.58 -29.52
N LEU C 20 36.66 -57.93 -30.10
CA LEU C 20 35.77 -57.07 -29.36
C LEU C 20 34.40 -57.69 -29.23
N CYS C 21 33.74 -57.46 -28.10
CA CYS C 21 32.40 -57.99 -27.86
C CYS C 21 31.52 -56.83 -27.44
N GLY C 22 30.57 -56.44 -28.28
CA GLY C 22 29.72 -55.33 -27.91
C GLY C 22 28.48 -55.17 -28.76
N TRP C 23 27.98 -53.93 -28.83
CA TRP C 23 26.78 -53.59 -29.57
C TRP C 23 27.04 -52.56 -30.66
N VAL C 24 26.20 -52.59 -31.69
CA VAL C 24 26.30 -51.61 -32.77
C VAL C 24 25.63 -50.37 -32.20
N ASN C 25 26.40 -49.29 -32.08
CA ASN C 25 25.90 -48.05 -31.54
C ASN C 25 25.36 -47.15 -32.63
N ARG C 26 26.00 -47.21 -33.80
CA ARG C 26 25.61 -46.40 -34.93
C ARG C 26 26.36 -46.93 -36.15
N ARG C 27 25.67 -46.96 -37.29
CA ARG C 27 26.27 -47.44 -38.52
C ARG C 27 26.13 -46.47 -39.70
N ARG C 28 27.12 -46.43 -40.57
CA ARG C 28 27.09 -45.57 -41.76
C ARG C 28 27.86 -46.29 -42.87
N ASP C 29 27.28 -46.34 -44.06
CA ASP C 29 27.91 -47.06 -45.16
C ASP C 29 28.96 -46.37 -46.04
N LEU C 30 28.64 -45.30 -46.73
CA LEU C 30 29.66 -44.67 -47.60
C LEU C 30 30.09 -45.65 -48.72
N GLY C 31 29.16 -45.99 -49.60
CA GLY C 31 29.46 -46.91 -50.68
C GLY C 31 29.22 -48.34 -50.24
N SER C 32 30.11 -49.25 -50.62
CA SER C 32 29.98 -50.65 -50.24
C SER C 32 30.61 -50.88 -48.85
N LEU C 33 31.38 -49.89 -48.39
CA LEU C 33 32.09 -49.94 -47.12
C LEU C 33 31.17 -49.83 -45.90
N ILE C 34 31.39 -50.64 -44.88
CA ILE C 34 30.53 -50.52 -43.72
C ILE C 34 31.29 -50.10 -42.47
N PHE C 35 30.87 -48.96 -41.93
CA PHE C 35 31.49 -48.40 -40.74
C PHE C 35 30.56 -48.51 -39.57
N ILE C 36 31.07 -49.03 -38.46
CA ILE C 36 30.29 -49.22 -37.26
C ILE C 36 30.97 -48.60 -36.05
N ASP C 37 30.19 -47.95 -35.21
CA ASP C 37 30.74 -47.41 -33.98
C ASP C 37 30.42 -48.55 -33.03
N MET C 38 31.42 -49.29 -32.57
CA MET C 38 31.17 -50.42 -31.67
C MET C 38 31.24 -50.01 -30.21
N ARG C 39 30.30 -50.53 -29.41
CA ARG C 39 30.27 -50.15 -28.04
C ARG C 39 30.20 -51.24 -26.97
N ASP C 40 31.03 -51.07 -25.94
CA ASP C 40 31.04 -51.94 -24.78
C ASP C 40 31.11 -50.96 -23.60
N ARG C 41 31.09 -51.46 -22.36
CA ARG C 41 31.09 -50.55 -21.22
C ARG C 41 32.29 -49.62 -21.07
N GLU C 42 33.24 -49.65 -22.00
CA GLU C 42 34.39 -48.74 -21.87
C GLU C 42 34.33 -47.60 -22.88
N GLY C 43 33.28 -47.62 -23.71
CA GLY C 43 33.13 -46.59 -24.71
C GLY C 43 32.94 -47.15 -26.13
N ILE C 44 33.01 -46.24 -27.11
CA ILE C 44 32.82 -46.56 -28.52
C ILE C 44 34.12 -46.55 -29.33
N VAL C 45 34.27 -47.55 -30.20
CA VAL C 45 35.41 -47.71 -31.11
C VAL C 45 34.87 -47.89 -32.55
N GLN C 46 35.54 -47.26 -33.50
CA GLN C 46 35.15 -47.37 -34.92
C GLN C 46 35.73 -48.63 -35.55
N VAL C 47 34.87 -49.45 -36.12
CA VAL C 47 35.36 -50.64 -36.79
C VAL C 47 34.90 -50.64 -38.23
N PHE C 48 35.87 -50.72 -39.15
CA PHE C 48 35.65 -50.70 -40.59
C PHE C 48 35.62 -52.11 -41.18
N PHE C 49 34.53 -52.45 -41.87
CA PHE C 49 34.44 -53.77 -42.49
C PHE C 49 34.88 -53.80 -43.94
N ASP C 50 35.81 -54.71 -44.21
CA ASP C 50 36.41 -54.92 -45.52
C ASP C 50 35.43 -55.36 -46.59
N PRO C 51 35.82 -55.17 -47.84
CA PRO C 51 35.01 -55.52 -49.02
C PRO C 51 35.03 -56.98 -49.53
N ASP C 52 36.23 -57.51 -49.77
CA ASP C 52 36.40 -58.86 -50.29
C ASP C 52 36.31 -60.06 -49.35
N ARG C 53 36.48 -59.81 -48.05
CA ARG C 53 36.41 -60.86 -47.04
C ARG C 53 35.10 -61.67 -47.13
N ALA C 54 35.18 -62.99 -46.97
CA ALA C 54 33.99 -63.84 -47.07
C ALA C 54 33.20 -63.91 -45.76
N ASP C 55 33.69 -63.22 -44.74
CA ASP C 55 33.00 -63.18 -43.45
C ASP C 55 32.39 -61.80 -43.33
N ALA C 56 33.28 -60.81 -43.18
CA ALA C 56 32.91 -59.42 -43.04
C ALA C 56 31.70 -59.00 -43.87
N LEU C 57 31.84 -57.90 -44.61
CA LEU C 57 30.78 -57.32 -45.44
C LEU C 57 29.44 -58.05 -45.62
N LYS C 58 29.46 -59.37 -45.77
CA LYS C 58 28.21 -60.07 -45.94
C LYS C 58 27.38 -59.91 -44.70
N LEU C 59 27.78 -60.62 -43.66
CA LEU C 59 27.10 -60.58 -42.39
C LEU C 59 26.97 -59.12 -41.97
N ALA C 60 28.08 -58.41 -42.10
CA ALA C 60 28.18 -57.01 -41.73
C ALA C 60 27.15 -56.10 -42.36
N SER C 61 26.65 -56.48 -43.52
CA SER C 61 25.67 -55.66 -44.23
C SER C 61 24.32 -55.67 -43.56
N GLU C 62 24.12 -56.58 -42.63
CA GLU C 62 22.83 -56.67 -41.96
C GLU C 62 22.84 -56.14 -40.56
N LEU C 63 24.01 -55.68 -40.11
CA LEU C 63 24.12 -55.13 -38.78
C LEU C 63 23.16 -53.97 -38.70
N ARG C 64 22.49 -53.84 -37.56
CA ARG C 64 21.58 -52.74 -37.31
C ARG C 64 21.88 -52.29 -35.88
N ASN C 65 21.33 -51.15 -35.48
CA ASN C 65 21.57 -50.62 -34.15
C ASN C 65 21.31 -51.62 -33.05
N GLU C 66 22.14 -51.56 -32.02
CA GLU C 66 22.05 -52.42 -30.85
C GLU C 66 22.19 -53.90 -31.08
N PHE C 67 22.71 -54.28 -32.23
CA PHE C 67 22.94 -55.68 -32.50
C PHE C 67 24.12 -56.04 -31.62
N CYS C 68 24.03 -57.16 -30.91
CA CYS C 68 25.12 -57.60 -30.05
C CYS C 68 25.99 -58.45 -30.97
N ILE C 69 27.27 -58.09 -31.07
CA ILE C 69 28.19 -58.74 -31.97
C ILE C 69 29.62 -58.90 -31.46
N GLN C 70 30.38 -59.70 -32.20
CA GLN C 70 31.79 -59.95 -31.92
C GLN C 70 32.58 -59.76 -33.21
N VAL C 71 33.46 -58.79 -33.23
CA VAL C 71 34.28 -58.63 -34.40
C VAL C 71 35.73 -58.72 -33.93
N THR C 72 36.56 -59.43 -34.68
CA THR C 72 37.95 -59.54 -34.34
C THR C 72 38.68 -58.88 -35.50
N GLY C 73 39.76 -58.14 -35.21
CA GLY C 73 40.44 -57.46 -36.30
C GLY C 73 41.71 -56.77 -35.89
N THR C 74 42.13 -55.76 -36.66
CA THR C 74 43.37 -55.08 -36.37
C THR C 74 43.23 -53.59 -36.17
N VAL C 75 43.92 -53.11 -35.16
CA VAL C 75 43.94 -51.70 -34.79
C VAL C 75 44.89 -50.97 -35.74
N ARG C 76 44.47 -49.83 -36.26
CA ARG C 76 45.32 -49.07 -37.16
C ARG C 76 44.96 -47.59 -37.05
N ALA C 77 45.90 -46.71 -37.37
CA ALA C 77 45.58 -45.28 -37.26
C ALA C 77 44.61 -44.79 -38.34
N ARG C 78 43.83 -43.79 -37.95
CA ARG C 78 42.87 -43.13 -38.82
C ARG C 78 43.70 -42.03 -39.44
N ASP C 79 43.50 -41.75 -40.72
CA ASP C 79 44.26 -40.71 -41.38
C ASP C 79 44.04 -39.39 -40.63
N GLU C 80 45.09 -38.59 -40.50
CA GLU C 80 45.02 -37.30 -39.80
C GLU C 80 43.70 -36.58 -40.04
N LYS C 81 43.24 -36.63 -41.29
CA LYS C 81 42.01 -35.97 -41.70
C LYS C 81 40.77 -36.51 -40.99
N ASN C 82 40.82 -37.77 -40.56
CA ASN C 82 39.68 -38.39 -39.90
C ASN C 82 39.81 -38.62 -38.41
N ILE C 83 40.82 -38.01 -37.80
CA ILE C 83 41.01 -38.15 -36.37
C ILE C 83 39.82 -37.46 -35.69
N ASN C 84 39.10 -38.20 -34.86
CA ASN C 84 37.95 -37.69 -34.12
C ASN C 84 38.46 -37.24 -32.75
N ARG C 85 38.55 -35.94 -32.55
CA ARG C 85 39.07 -35.42 -31.30
C ARG C 85 38.16 -35.69 -30.10
N ASP C 86 36.88 -35.97 -30.36
CA ASP C 86 35.90 -36.23 -29.30
C ASP C 86 35.74 -37.68 -28.85
N MET C 87 36.51 -38.59 -29.42
CA MET C 87 36.41 -39.99 -29.07
C MET C 87 37.70 -40.43 -28.40
N ALA C 88 37.60 -41.05 -27.24
CA ALA C 88 38.83 -41.48 -26.57
C ALA C 88 39.64 -42.37 -27.52
N THR C 89 38.96 -43.04 -28.46
CA THR C 89 39.58 -43.94 -29.41
C THR C 89 39.67 -43.24 -30.76
N GLY C 90 39.29 -41.97 -30.76
CA GLY C 90 39.31 -41.18 -31.99
C GLY C 90 40.54 -41.13 -32.88
N GLU C 91 41.62 -41.84 -32.56
CA GLU C 91 42.79 -41.80 -33.44
C GLU C 91 42.98 -43.09 -34.24
N ILE C 92 42.44 -44.18 -33.70
CA ILE C 92 42.54 -45.48 -34.35
C ILE C 92 41.15 -46.03 -34.63
N GLU C 93 41.10 -47.08 -35.43
CA GLU C 93 39.88 -47.77 -35.80
C GLU C 93 40.31 -49.20 -35.95
N VAL C 94 39.36 -50.12 -36.11
CA VAL C 94 39.68 -51.52 -36.26
C VAL C 94 39.32 -52.06 -37.64
N LEU C 95 40.32 -52.65 -38.32
CA LEU C 95 40.06 -53.25 -39.60
C LEU C 95 39.45 -54.61 -39.25
N ALA C 96 38.14 -54.74 -39.42
CA ALA C 96 37.47 -55.98 -39.12
C ALA C 96 38.00 -57.01 -40.09
N SER C 97 38.19 -58.23 -39.63
CA SER C 97 38.69 -59.28 -40.51
C SER C 97 37.77 -60.45 -40.30
N SER C 98 36.92 -60.35 -39.31
CA SER C 98 35.97 -61.41 -39.00
C SER C 98 34.87 -60.86 -38.10
N LEU C 99 33.73 -61.53 -38.11
CA LEU C 99 32.60 -61.08 -37.28
C LEU C 99 31.57 -62.18 -37.05
N THR C 100 30.84 -62.05 -35.95
CA THR C 100 29.80 -62.99 -35.56
C THR C 100 28.64 -62.19 -34.96
N ILE C 101 27.42 -62.47 -35.38
CA ILE C 101 26.26 -61.74 -34.86
C ILE C 101 25.69 -62.48 -33.66
N ILE C 102 26.32 -62.30 -32.50
CA ILE C 102 25.86 -62.98 -31.30
C ILE C 102 24.35 -62.92 -31.09
N ASN C 103 23.72 -61.78 -31.35
CA ASN C 103 22.29 -61.69 -31.18
C ASN C 103 21.77 -60.44 -31.88
N ARG C 104 20.70 -60.56 -32.66
CA ARG C 104 20.16 -59.39 -33.37
C ARG C 104 19.34 -58.55 -32.39
N ALA C 105 18.83 -57.40 -32.84
CA ALA C 105 18.07 -56.54 -31.93
C ALA C 105 16.87 -55.88 -32.58
N ASP C 106 15.69 -56.04 -31.96
CA ASP C 106 14.47 -55.43 -32.46
C ASP C 106 14.76 -53.94 -32.61
N VAL C 107 13.94 -53.27 -33.39
CA VAL C 107 14.13 -51.84 -33.60
C VAL C 107 13.91 -51.24 -32.21
N LEU C 108 14.76 -50.29 -31.83
CA LEU C 108 14.60 -49.68 -30.53
C LEU C 108 13.30 -48.95 -30.45
N PRO C 109 12.61 -49.08 -29.31
CA PRO C 109 11.33 -48.40 -29.10
C PRO C 109 11.69 -46.95 -28.90
N LEU C 110 12.74 -46.75 -28.10
CA LEU C 110 13.29 -45.44 -27.78
C LEU C 110 14.01 -44.93 -29.04
N ASP C 111 13.68 -43.72 -29.46
CA ASP C 111 14.31 -43.14 -30.64
C ASP C 111 15.70 -42.62 -30.25
N SER C 112 16.72 -42.99 -31.02
CA SER C 112 18.09 -42.57 -30.73
C SER C 112 18.57 -41.34 -31.52
N ASN C 113 17.64 -40.47 -31.88
CA ASN C 113 17.95 -39.25 -32.63
C ASN C 113 17.15 -38.06 -32.13
N HIS C 114 16.59 -38.20 -30.92
CA HIS C 114 15.79 -37.15 -30.30
C HIS C 114 15.75 -37.34 -28.77
N VAL C 115 15.95 -36.24 -28.03
CA VAL C 115 15.94 -36.30 -26.58
C VAL C 115 14.60 -36.81 -26.07
N ASN C 116 14.56 -38.09 -25.74
CA ASN C 116 13.34 -38.71 -25.24
C ASN C 116 12.90 -38.13 -23.89
N THR C 117 11.77 -38.61 -23.40
CA THR C 117 11.26 -38.16 -22.11
C THR C 117 11.76 -39.07 -20.97
N GLU C 118 11.92 -38.48 -19.80
CA GLU C 118 12.41 -39.20 -18.65
C GLU C 118 11.48 -40.37 -18.33
N GLU C 119 10.24 -40.27 -18.79
CA GLU C 119 9.26 -41.32 -18.53
C GLU C 119 9.49 -42.53 -19.43
N ALA C 120 9.84 -42.28 -20.68
CA ALA C 120 10.07 -43.36 -21.62
C ALA C 120 11.39 -44.03 -21.29
N ARG C 121 12.38 -43.18 -21.01
CA ARG C 121 13.73 -43.63 -20.70
C ARG C 121 13.75 -44.54 -19.49
N LEU C 122 12.94 -44.18 -18.49
CA LEU C 122 12.87 -44.95 -17.27
C LEU C 122 12.13 -46.25 -17.50
N LYS C 123 11.17 -46.24 -18.41
CA LYS C 123 10.38 -47.44 -18.74
C LYS C 123 11.26 -48.47 -19.43
N TYR C 124 12.27 -47.98 -20.16
CA TYR C 124 13.23 -48.82 -20.87
C TYR C 124 14.62 -48.49 -20.32
N ARG C 125 14.72 -48.52 -19.00
CA ARG C 125 15.96 -48.22 -18.30
C ARG C 125 17.16 -49.04 -18.77
N TYR C 126 16.90 -50.29 -19.18
CA TYR C 126 17.96 -51.18 -19.64
C TYR C 126 18.49 -50.77 -20.99
N LEU C 127 17.77 -49.87 -21.66
CA LEU C 127 18.18 -49.36 -22.97
C LEU C 127 18.87 -48.03 -22.78
N ASP C 128 18.38 -47.25 -21.82
CA ASP C 128 18.93 -45.94 -21.53
C ASP C 128 20.32 -45.99 -20.88
N LEU C 129 20.58 -47.03 -20.09
CA LEU C 129 21.86 -47.19 -19.40
C LEU C 129 22.95 -47.62 -20.37
N ARG C 130 22.52 -47.97 -21.58
CA ARG C 130 23.44 -48.39 -22.61
C ARG C 130 24.15 -47.18 -23.18
N ARG C 131 23.60 -46.01 -22.89
CA ARG C 131 24.19 -44.76 -23.33
C ARG C 131 25.46 -44.62 -22.50
N PRO C 132 26.60 -44.33 -23.15
CA PRO C 132 27.88 -44.18 -22.44
C PRO C 132 27.97 -43.14 -21.33
N GLU C 133 27.29 -42.00 -21.48
CA GLU C 133 27.35 -40.99 -20.42
C GLU C 133 26.61 -41.51 -19.20
N MET C 134 25.55 -42.29 -19.44
CA MET C 134 24.80 -42.90 -18.36
C MET C 134 25.69 -43.95 -17.68
N ALA C 135 26.23 -44.88 -18.46
CA ALA C 135 27.08 -45.93 -17.92
C ALA C 135 28.34 -45.38 -17.25
N GLN C 136 28.78 -44.21 -17.69
CA GLN C 136 29.97 -43.62 -17.12
C GLN C 136 29.73 -43.15 -15.68
N ARG C 137 28.52 -42.69 -15.39
CA ARG C 137 28.21 -42.23 -14.04
C ARG C 137 28.23 -43.40 -13.09
N LEU C 138 27.56 -44.47 -13.48
CA LEU C 138 27.51 -45.67 -12.66
C LEU C 138 28.89 -46.31 -12.49
N LYS C 139 29.72 -46.21 -13.52
CA LYS C 139 31.06 -46.79 -13.41
C LYS C 139 31.85 -45.94 -12.42
N THR C 140 31.60 -44.63 -12.42
CA THR C 140 32.28 -43.77 -11.48
C THR C 140 31.75 -44.05 -10.08
N ARG C 141 30.44 -44.26 -9.96
CA ARG C 141 29.87 -44.56 -8.65
C ARG C 141 30.63 -45.73 -8.04
N ALA C 142 30.73 -46.83 -8.78
CA ALA C 142 31.43 -48.00 -8.28
C ALA C 142 32.88 -47.64 -7.94
N LYS C 143 33.42 -46.67 -8.68
CA LYS C 143 34.79 -46.23 -8.45
C LYS C 143 34.86 -45.58 -7.08
N ILE C 144 33.86 -44.75 -6.79
CA ILE C 144 33.79 -44.04 -5.54
C ILE C 144 33.63 -44.99 -4.36
N THR C 145 32.60 -45.84 -4.40
CA THR C 145 32.39 -46.76 -3.30
C THR C 145 33.61 -47.66 -3.12
N SER C 146 34.38 -47.83 -4.20
CA SER C 146 35.57 -48.67 -4.14
C SER C 146 36.67 -47.91 -3.37
N LEU C 147 36.78 -46.61 -3.62
CA LEU C 147 37.76 -45.77 -2.94
C LEU C 147 37.37 -45.57 -1.48
N VAL C 148 36.06 -45.42 -1.23
CA VAL C 148 35.56 -45.23 0.13
C VAL C 148 35.92 -46.42 1.00
N ARG C 149 35.58 -47.62 0.54
CA ARG C 149 35.86 -48.86 1.27
C ARG C 149 37.35 -49.12 1.51
N ARG C 150 38.17 -48.90 0.48
CA ARG C 150 39.59 -49.13 0.65
C ARG C 150 40.14 -48.23 1.74
N PHE C 151 39.67 -47.00 1.75
CA PHE C 151 40.11 -46.04 2.75
C PHE C 151 39.57 -46.42 4.12
N MET C 152 38.25 -46.64 4.22
CA MET C 152 37.64 -46.98 5.51
C MET C 152 38.25 -48.20 6.18
N ASP C 153 38.48 -49.28 5.43
CA ASP C 153 39.09 -50.46 6.04
C ASP C 153 40.51 -50.11 6.41
N ASP C 154 41.11 -49.26 5.58
CA ASP C 154 42.48 -48.84 5.75
C ASP C 154 42.71 -48.01 7.00
N HIS C 155 41.64 -47.42 7.53
CA HIS C 155 41.74 -46.63 8.73
C HIS C 155 41.12 -47.41 9.89
N GLY C 156 41.15 -48.74 9.75
CA GLY C 156 40.62 -49.62 10.78
C GLY C 156 39.13 -49.56 10.96
N PHE C 157 38.39 -49.14 9.95
CA PHE C 157 36.95 -49.13 10.12
C PHE C 157 36.38 -50.47 9.73
N LEU C 158 35.45 -50.96 10.53
CA LEU C 158 34.81 -52.24 10.32
C LEU C 158 33.45 -52.14 9.65
N ASP C 159 33.32 -52.88 8.56
CA ASP C 159 32.07 -52.95 7.82
C ASP C 159 31.29 -54.09 8.48
N ILE C 160 30.21 -53.72 9.15
CA ILE C 160 29.34 -54.67 9.84
C ILE C 160 27.93 -54.36 9.36
N GLU C 161 27.16 -55.39 9.07
CA GLU C 161 25.81 -55.20 8.60
C GLU C 161 24.79 -55.09 9.73
N THR C 162 23.76 -54.31 9.47
CA THR C 162 22.68 -54.11 10.42
C THR C 162 21.41 -54.56 9.71
N PRO C 163 20.36 -54.91 10.47
CA PRO C 163 19.08 -55.37 9.92
C PRO C 163 18.29 -54.40 9.04
N MET C 164 17.59 -54.93 8.03
CA MET C 164 16.73 -54.11 7.18
C MET C 164 15.31 -54.26 7.77
N LEU C 165 15.07 -55.36 8.46
CA LEU C 165 13.79 -55.57 9.11
C LEU C 165 13.97 -55.14 10.59
N THR C 166 13.53 -53.93 10.92
CA THR C 166 13.70 -53.42 12.28
C THR C 166 12.41 -53.15 13.05
N LYS C 167 12.56 -52.65 14.28
CA LYS C 167 11.44 -52.32 15.15
C LYS C 167 10.62 -51.14 14.57
N ALA C 168 9.31 -51.13 14.82
CA ALA C 168 8.46 -50.05 14.36
C ALA C 168 8.03 -49.19 15.55
N THR C 169 8.40 -47.91 15.49
CA THR C 169 8.12 -46.92 16.54
C THR C 169 8.10 -45.53 15.87
N PRO C 170 8.56 -44.47 16.57
CA PRO C 170 8.56 -43.12 15.96
C PRO C 170 9.91 -42.34 16.04
N GLU C 171 10.15 -41.51 15.01
CA GLU C 171 11.34 -40.63 14.92
C GLU C 171 10.94 -39.37 14.14
N GLY C 172 11.83 -38.87 13.28
CA GLY C 172 11.55 -37.67 12.49
C GLY C 172 10.40 -37.78 11.49
N ALA C 173 10.21 -38.98 10.96
CA ALA C 173 9.14 -39.24 9.99
C ALA C 173 8.51 -40.62 10.29
N ARG C 174 7.89 -41.21 9.26
CA ARG C 174 7.26 -42.52 9.40
C ARG C 174 7.97 -43.50 8.49
N ASP C 175 7.89 -44.78 8.81
CA ASP C 175 8.58 -45.78 8.01
C ASP C 175 7.65 -46.69 7.22
N TYR C 176 8.25 -47.56 6.42
CA TYR C 176 7.50 -48.48 5.62
C TYR C 176 7.36 -49.70 6.52
N LEU C 177 6.12 -50.06 6.80
CA LEU C 177 5.82 -51.20 7.65
C LEU C 177 5.87 -52.45 6.79
N VAL C 178 6.23 -53.56 7.43
CA VAL C 178 6.35 -54.83 6.76
C VAL C 178 5.57 -55.88 7.54
N PRO C 179 4.38 -56.26 7.04
CA PRO C 179 3.52 -57.27 7.67
C PRO C 179 4.20 -58.63 7.80
N SER C 180 4.15 -59.20 9.01
CA SER C 180 4.75 -60.51 9.29
C SER C 180 3.75 -61.63 9.02
N ARG C 181 4.27 -62.75 8.53
CA ARG C 181 3.43 -63.90 8.23
C ARG C 181 3.49 -64.87 9.42
N VAL C 182 4.59 -64.82 10.17
CA VAL C 182 4.77 -65.67 11.34
C VAL C 182 4.01 -65.07 12.51
N HIS C 183 3.85 -63.75 12.50
CA HIS C 183 3.14 -63.06 13.56
C HIS C 183 2.02 -62.21 12.98
N LYS C 184 0.80 -62.75 12.98
CA LYS C 184 -0.36 -62.06 12.41
C LYS C 184 -0.66 -60.68 13.00
N GLY C 185 -0.55 -59.64 12.18
CA GLY C 185 -0.85 -58.30 12.67
C GLY C 185 0.30 -57.52 13.26
N LYS C 186 1.49 -58.11 13.31
CA LYS C 186 2.64 -57.39 13.83
C LYS C 186 3.55 -57.03 12.65
N PHE C 187 4.19 -55.88 12.74
CA PHE C 187 5.05 -55.42 11.66
C PHE C 187 6.52 -55.27 11.99
N TYR C 188 7.27 -55.08 10.93
CA TYR C 188 8.69 -54.80 11.01
C TYR C 188 8.72 -53.43 10.34
N ALA C 189 9.80 -52.71 10.50
CA ALA C 189 9.88 -51.43 9.84
C ALA C 189 11.22 -51.44 9.11
N LEU C 190 11.26 -50.77 7.96
CA LEU C 190 12.50 -50.67 7.20
C LEU C 190 13.29 -49.59 7.92
N PRO C 191 14.61 -49.65 7.81
CA PRO C 191 15.50 -48.69 8.45
C PRO C 191 15.43 -47.25 7.95
N GLN C 192 15.05 -46.34 8.84
CA GLN C 192 15.02 -44.91 8.53
C GLN C 192 16.46 -44.43 8.74
N SER C 193 17.31 -45.36 9.16
CA SER C 193 18.74 -45.19 9.42
C SER C 193 19.31 -46.32 10.32
N PRO C 194 20.60 -46.69 10.11
CA PRO C 194 21.30 -47.73 10.89
C PRO C 194 21.74 -47.10 12.22
N GLN C 195 21.00 -46.04 12.55
CA GLN C 195 21.15 -45.18 13.71
C GLN C 195 21.41 -45.72 15.10
N LEU C 196 20.57 -46.63 15.58
CA LEU C 196 20.81 -47.15 16.92
C LEU C 196 21.76 -48.36 16.96
N PHE C 197 21.77 -49.14 15.89
CA PHE C 197 22.61 -50.31 15.80
C PHE C 197 24.10 -49.97 15.75
N LYS C 198 24.44 -48.85 15.11
CA LYS C 198 25.83 -48.44 14.99
C LYS C 198 26.32 -47.98 16.36
N GLN C 199 25.46 -47.25 17.07
CA GLN C 199 25.79 -46.77 18.41
C GLN C 199 26.01 -48.00 19.27
N LEU C 200 25.06 -48.93 19.19
CA LEU C 200 25.11 -50.19 19.88
C LEU C 200 26.41 -50.97 19.56
N LEU C 201 26.89 -50.93 18.32
CA LEU C 201 28.11 -51.65 18.01
C LEU C 201 29.33 -51.04 18.71
N MET C 202 29.23 -49.79 19.11
CA MET C 202 30.35 -49.16 19.82
C MET C 202 30.26 -49.68 21.25
N MET C 203 29.02 -49.79 21.72
CA MET C 203 28.79 -50.29 23.05
C MET C 203 29.18 -51.76 23.13
N SER C 204 29.38 -52.37 21.96
CA SER C 204 29.76 -53.78 21.89
C SER C 204 31.26 -53.96 21.71
N GLY C 205 32.00 -52.86 21.76
CA GLY C 205 33.44 -52.97 21.63
C GLY C 205 34.07 -52.87 20.26
N PHE C 206 33.30 -52.99 19.19
CA PHE C 206 33.90 -52.86 17.86
C PHE C 206 34.34 -51.42 17.99
N ASP C 207 35.48 -51.06 17.42
CA ASP C 207 35.94 -49.71 17.69
C ASP C 207 35.51 -48.65 16.71
N ARG C 208 35.74 -48.96 15.45
CA ARG C 208 35.39 -48.08 14.36
C ARG C 208 34.50 -48.91 13.48
N TYR C 209 33.47 -48.29 12.96
CA TYR C 209 32.53 -48.99 12.13
C TYR C 209 32.21 -48.16 10.89
N TYR C 210 31.64 -48.82 9.90
CA TYR C 210 31.22 -48.10 8.72
C TYR C 210 30.33 -49.06 7.97
N GLN C 211 29.56 -48.55 7.02
CA GLN C 211 28.67 -49.37 6.21
C GLN C 211 28.16 -48.52 5.08
N ILE C 212 28.06 -49.12 3.89
CA ILE C 212 27.48 -48.44 2.73
C ILE C 212 26.12 -49.15 2.70
N VAL C 213 25.12 -48.51 3.29
CA VAL C 213 23.81 -49.10 3.46
C VAL C 213 22.60 -48.33 2.93
N LYS C 214 21.61 -49.07 2.47
CA LYS C 214 20.35 -48.52 1.97
C LYS C 214 19.64 -48.02 3.22
N CYS C 215 18.96 -46.90 3.08
CA CYS C 215 18.25 -46.32 4.19
C CYS C 215 16.98 -45.84 3.52
N PHE C 216 15.87 -45.81 4.25
CA PHE C 216 14.59 -45.40 3.69
C PHE C 216 14.04 -44.08 4.24
N ARG C 217 12.84 -43.71 3.81
CA ARG C 217 12.16 -42.51 4.27
C ARG C 217 10.86 -42.40 3.50
N ASP C 218 9.77 -42.08 4.20
CA ASP C 218 8.48 -42.03 3.54
C ASP C 218 7.79 -40.68 3.59
N GLU C 219 8.53 -39.64 3.96
CA GLU C 219 7.93 -38.33 3.99
C GLU C 219 7.47 -38.09 2.56
N ASP C 220 6.99 -36.89 2.24
CA ASP C 220 6.51 -36.66 0.88
C ASP C 220 7.53 -36.71 -0.24
N LEU C 221 7.02 -36.51 -1.46
CA LEU C 221 7.81 -36.57 -2.68
C LEU C 221 8.91 -35.51 -2.81
N ARG C 222 9.41 -35.38 -4.03
CA ARG C 222 10.45 -34.42 -4.45
C ARG C 222 11.32 -34.95 -5.58
N ALA C 223 11.56 -34.10 -6.57
CA ALA C 223 12.36 -34.40 -7.75
C ALA C 223 13.72 -35.05 -7.49
N ASP C 224 14.34 -34.71 -6.36
CA ASP C 224 15.64 -35.29 -6.02
C ASP C 224 15.62 -36.10 -4.73
N ARG C 225 14.44 -36.61 -4.38
CA ARG C 225 14.28 -37.44 -3.18
C ARG C 225 13.54 -38.75 -3.47
N GLN C 226 14.29 -39.83 -3.47
CA GLN C 226 13.81 -41.18 -3.71
C GLN C 226 13.38 -41.84 -2.41
N PRO C 227 12.41 -42.77 -2.48
CA PRO C 227 11.93 -43.46 -1.29
C PRO C 227 13.04 -44.23 -0.59
N GLU C 228 14.13 -44.51 -1.32
CA GLU C 228 15.27 -45.22 -0.75
C GLU C 228 16.56 -44.62 -1.25
N PHE C 229 17.61 -44.72 -0.46
CA PHE C 229 18.87 -44.10 -0.85
C PHE C 229 20.00 -44.70 -0.06
N THR C 230 21.20 -44.49 -0.58
CA THR C 230 22.36 -45.07 0.08
C THR C 230 23.17 -44.04 0.89
N GLN C 231 23.79 -44.53 1.97
CA GLN C 231 24.61 -43.68 2.81
C GLN C 231 25.88 -44.37 3.19
N ILE C 232 26.92 -43.58 3.36
CA ILE C 232 28.18 -44.11 3.84
C ILE C 232 28.02 -43.80 5.32
N ASP C 233 27.57 -44.81 6.08
CA ASP C 233 27.32 -44.71 7.52
C ASP C 233 28.60 -44.90 8.33
N VAL C 234 28.91 -43.93 9.18
CA VAL C 234 30.15 -43.97 9.99
C VAL C 234 29.93 -43.74 11.47
N GLU C 235 30.69 -44.48 12.29
CA GLU C 235 30.62 -44.37 13.74
C GLU C 235 31.95 -44.74 14.36
N THR C 236 32.36 -43.99 15.38
CA THR C 236 33.62 -44.30 16.03
C THR C 236 33.48 -44.20 17.54
N SER C 237 34.46 -44.72 18.26
CA SER C 237 34.45 -44.66 19.73
C SER C 237 35.76 -44.02 20.18
N PHE C 238 35.70 -43.24 21.27
CA PHE C 238 36.91 -42.62 21.85
C PHE C 238 37.55 -41.57 20.98
N MET C 239 36.73 -40.85 20.22
CA MET C 239 37.24 -39.81 19.34
C MET C 239 36.46 -38.54 19.58
N THR C 240 37.10 -37.40 19.41
CA THR C 240 36.37 -36.16 19.58
C THR C 240 35.77 -35.77 18.22
N ALA C 241 34.84 -34.81 18.22
CA ALA C 241 34.21 -34.35 16.97
C ALA C 241 35.25 -33.90 15.94
N PRO C 242 36.20 -33.05 16.36
CA PRO C 242 37.23 -32.59 15.43
C PRO C 242 38.01 -33.74 14.85
N GLN C 243 38.21 -34.77 15.66
CA GLN C 243 38.96 -35.91 15.19
C GLN C 243 38.19 -36.61 14.08
N VAL C 244 36.89 -36.73 14.29
CA VAL C 244 36.05 -37.34 13.30
C VAL C 244 36.13 -36.49 12.03
N ARG C 245 35.75 -35.23 12.12
CA ARG C 245 35.83 -34.40 10.95
C ARG C 245 37.13 -34.66 10.21
N GLU C 246 38.25 -34.67 10.94
CA GLU C 246 39.55 -34.88 10.32
C GLU C 246 39.59 -36.12 9.45
N VAL C 247 39.29 -37.27 10.04
CA VAL C 247 39.31 -38.52 9.29
C VAL C 247 38.31 -38.48 8.10
N MET C 248 37.17 -37.83 8.31
CA MET C 248 36.16 -37.75 7.26
C MET C 248 36.53 -36.75 6.15
N GLU C 249 37.31 -35.73 6.49
CA GLU C 249 37.78 -34.74 5.53
C GLU C 249 38.87 -35.38 4.67
N ALA C 250 39.67 -36.25 5.27
CA ALA C 250 40.73 -36.93 4.54
C ALA C 250 40.10 -37.89 3.52
N LEU C 251 38.95 -38.45 3.88
CA LEU C 251 38.23 -39.37 2.99
C LEU C 251 37.72 -38.62 1.75
N VAL C 252 37.00 -37.52 1.96
CA VAL C 252 36.47 -36.77 0.85
C VAL C 252 37.57 -36.19 -0.02
N ARG C 253 38.66 -35.78 0.60
CA ARG C 253 39.75 -35.22 -0.17
C ARG C 253 40.34 -36.29 -1.07
N HIS C 254 40.39 -37.51 -0.53
CA HIS C 254 40.92 -38.68 -1.25
C HIS C 254 40.11 -38.86 -2.54
N LEU C 255 38.79 -38.82 -2.41
CA LEU C 255 37.89 -39.00 -3.55
C LEU C 255 38.03 -37.91 -4.61
N TRP C 256 38.19 -36.66 -4.17
CA TRP C 256 38.29 -35.57 -5.14
C TRP C 256 39.64 -35.59 -5.84
N LEU C 257 40.61 -36.18 -5.19
CA LEU C 257 41.94 -36.25 -5.75
C LEU C 257 42.04 -37.41 -6.72
N GLU C 258 41.40 -38.52 -6.38
CA GLU C 258 41.45 -39.69 -7.22
C GLU C 258 40.42 -39.69 -8.35
N VAL C 259 39.22 -39.26 -8.06
CA VAL C 259 38.16 -39.23 -9.05
C VAL C 259 38.27 -38.05 -10.00
N LYS C 260 38.43 -36.84 -9.47
CA LYS C 260 38.50 -35.66 -10.32
C LYS C 260 39.90 -35.07 -10.51
N GLY C 261 40.83 -35.45 -9.66
CA GLY C 261 42.17 -34.92 -9.77
C GLY C 261 42.30 -33.51 -9.24
N VAL C 262 41.40 -33.10 -8.35
CA VAL C 262 41.50 -31.77 -7.78
C VAL C 262 41.94 -31.95 -6.36
N ASP C 263 42.50 -30.89 -5.79
CA ASP C 263 42.93 -30.93 -4.41
C ASP C 263 42.06 -29.89 -3.72
N LEU C 264 41.18 -30.36 -2.84
CA LEU C 264 40.29 -29.45 -2.16
C LEU C 264 40.96 -28.62 -1.08
N GLY C 265 41.92 -29.23 -0.36
CA GLY C 265 42.63 -28.54 0.71
C GLY C 265 41.90 -28.55 2.05
N ASP C 266 42.36 -27.71 2.96
CA ASP C 266 41.74 -27.62 4.27
C ASP C 266 40.34 -27.08 4.15
N PHE C 267 39.41 -27.75 4.80
CA PHE C 267 38.03 -27.30 4.73
C PHE C 267 37.81 -26.15 5.71
N PRO C 268 37.29 -25.02 5.23
CA PRO C 268 37.07 -23.96 6.22
C PRO C 268 36.11 -24.54 7.28
N VAL C 269 36.07 -23.93 8.46
CA VAL C 269 35.17 -24.43 9.50
C VAL C 269 34.53 -23.24 10.18
N MET C 270 33.20 -23.27 10.28
CA MET C 270 32.50 -22.16 10.88
C MET C 270 31.33 -22.71 11.63
N THR C 271 30.74 -21.92 12.51
CA THR C 271 29.61 -22.43 13.27
C THR C 271 28.30 -22.15 12.54
N PHE C 272 27.25 -22.87 12.94
CA PHE C 272 25.91 -22.70 12.41
C PHE C 272 25.59 -21.20 12.49
N ALA C 273 25.94 -20.60 13.61
CA ALA C 273 25.71 -19.19 13.85
C ALA C 273 26.40 -18.26 12.83
N GLU C 274 27.68 -18.47 12.57
CA GLU C 274 28.42 -17.62 11.62
C GLU C 274 27.87 -17.83 10.18
N ALA C 275 27.54 -19.08 9.85
CA ALA C 275 27.01 -19.42 8.55
C ALA C 275 25.71 -18.67 8.28
N GLU C 276 24.80 -18.64 9.27
CA GLU C 276 23.53 -17.92 9.11
C GLU C 276 23.84 -16.43 9.03
N ARG C 277 24.83 -16.00 9.82
CA ARG C 277 25.20 -14.60 9.86
C ARG C 277 25.84 -14.11 8.56
N ARG C 278 26.86 -14.82 8.10
CA ARG C 278 27.57 -14.44 6.87
C ARG C 278 26.89 -14.91 5.59
N TYR C 279 26.13 -16.02 5.64
CA TYR C 279 25.48 -16.50 4.42
C TYR C 279 23.99 -16.76 4.53
N GLY C 280 23.40 -16.43 5.67
CA GLY C 280 21.98 -16.67 5.85
C GLY C 280 21.62 -18.10 5.50
N SER C 281 22.55 -19.03 5.75
CA SER C 281 22.30 -20.42 5.42
C SER C 281 23.06 -21.41 6.29
N ASP C 282 22.53 -22.62 6.40
CA ASP C 282 23.18 -23.67 7.18
C ASP C 282 23.87 -24.63 6.22
N LYS C 283 23.90 -24.25 4.95
CA LYS C 283 24.58 -25.04 3.92
C LYS C 283 25.12 -24.07 2.85
N PRO C 284 25.86 -23.04 3.29
CA PRO C 284 26.44 -22.01 2.45
C PRO C 284 27.18 -22.45 1.18
N ASP C 285 26.92 -21.74 0.09
CA ASP C 285 27.57 -22.02 -1.18
C ASP C 285 28.74 -21.07 -1.21
N LEU C 286 29.92 -21.57 -0.85
CA LEU C 286 31.11 -20.75 -0.82
C LEU C 286 31.75 -20.50 -2.16
N ARG C 287 31.05 -20.84 -3.24
CA ARG C 287 31.58 -20.55 -4.55
C ARG C 287 31.28 -19.09 -4.81
N ASN C 288 30.25 -18.58 -4.13
CA ASN C 288 29.84 -17.20 -4.24
C ASN C 288 30.69 -16.42 -3.22
N PRO C 289 31.45 -15.41 -3.67
CA PRO C 289 32.33 -14.57 -2.84
C PRO C 289 31.67 -13.57 -1.87
N MET C 290 30.45 -13.15 -2.18
CA MET C 290 29.77 -12.20 -1.31
C MET C 290 29.38 -12.81 0.03
N GLU C 291 29.07 -11.93 0.97
CA GLU C 291 28.60 -12.32 2.28
C GLU C 291 27.84 -11.18 2.96
N LEU C 292 27.02 -11.51 3.95
CA LEU C 292 26.24 -10.50 4.66
C LEU C 292 27.04 -9.94 5.83
N THR C 293 26.78 -8.69 6.19
CA THR C 293 27.44 -8.05 7.31
C THR C 293 26.42 -7.49 8.30
N ASP C 294 26.42 -7.98 9.53
CA ASP C 294 25.48 -7.41 10.48
C ASP C 294 25.95 -5.94 10.66
N VAL C 295 25.01 -5.00 10.59
CA VAL C 295 25.33 -3.59 10.76
C VAL C 295 24.33 -2.99 11.75
N ALA C 296 23.66 -3.87 12.48
CA ALA C 296 22.67 -3.47 13.48
C ALA C 296 23.25 -2.45 14.49
N ASP C 297 24.28 -2.88 15.21
CA ASP C 297 24.94 -2.05 16.22
C ASP C 297 25.28 -0.66 15.67
N LEU C 298 25.31 -0.55 14.35
CA LEU C 298 25.59 0.73 13.71
C LEU C 298 24.35 1.60 13.62
N LEU C 299 23.17 0.99 13.73
CA LEU C 299 21.92 1.71 13.59
C LEU C 299 20.91 1.71 14.74
N LYS C 300 21.30 1.17 15.90
CA LYS C 300 20.41 1.11 17.06
C LYS C 300 19.82 2.46 17.45
N SER C 301 20.50 3.53 17.04
CA SER C 301 20.09 4.90 17.35
C SER C 301 19.02 5.52 16.48
N VAL C 302 19.25 5.54 15.17
CA VAL C 302 18.36 6.14 14.16
C VAL C 302 16.85 6.19 14.45
N GLU C 303 16.22 7.30 14.10
CA GLU C 303 14.79 7.41 14.33
C GLU C 303 13.99 6.53 13.37
N PHE C 304 14.62 6.16 12.26
CA PHE C 304 14.01 5.33 11.22
C PHE C 304 13.73 3.92 11.76
N ALA C 305 12.49 3.73 12.19
CA ALA C 305 12.00 2.48 12.74
C ALA C 305 12.27 1.24 11.88
N VAL C 306 12.34 1.43 10.57
CA VAL C 306 12.53 0.30 9.65
C VAL C 306 13.86 -0.36 9.94
N PHE C 307 14.84 0.46 10.29
CA PHE C 307 16.14 -0.09 10.63
C PHE C 307 16.22 -0.29 12.15
N ALA C 308 15.91 0.78 12.88
CA ALA C 308 15.98 0.79 14.34
C ALA C 308 15.26 -0.36 15.03
N GLY C 309 13.99 -0.58 14.68
CA GLY C 309 13.25 -1.66 15.30
C GLY C 309 14.04 -2.95 15.40
N PRO C 310 14.37 -3.55 14.26
CA PRO C 310 15.12 -4.80 14.14
C PRO C 310 16.57 -4.75 14.60
N ALA C 311 17.19 -3.58 14.60
CA ALA C 311 18.58 -3.49 15.07
C ALA C 311 18.62 -3.55 16.60
N ASN C 312 17.58 -3.02 17.24
CA ASN C 312 17.52 -3.05 18.70
C ASN C 312 16.83 -4.33 19.19
N ASP C 313 16.12 -4.99 18.29
CA ASP C 313 15.42 -6.23 18.62
C ASP C 313 16.30 -7.50 18.52
N PRO C 314 16.76 -8.04 19.67
CA PRO C 314 17.62 -9.24 19.70
C PRO C 314 17.15 -10.45 18.88
N LYS C 315 15.91 -10.46 18.46
CA LYS C 315 15.43 -11.58 17.66
C LYS C 315 15.41 -11.14 16.20
N GLY C 316 16.12 -10.05 15.92
CA GLY C 316 16.21 -9.53 14.57
C GLY C 316 17.63 -9.17 14.19
N ARG C 317 17.77 -8.43 13.09
CA ARG C 317 19.08 -8.02 12.63
C ARG C 317 18.96 -7.18 11.37
N VAL C 318 19.93 -6.30 11.18
CA VAL C 318 20.00 -5.45 9.99
C VAL C 318 21.21 -6.01 9.24
N ALA C 319 20.95 -6.65 8.11
CA ALA C 319 22.03 -7.25 7.34
C ALA C 319 22.32 -6.50 6.06
N ALA C 320 23.60 -6.27 5.84
CA ALA C 320 24.07 -5.58 4.65
C ALA C 320 24.69 -6.61 3.75
N LEU C 321 24.39 -6.55 2.45
CA LEU C 321 24.94 -7.47 1.45
C LEU C 321 25.68 -6.63 0.42
N ARG C 322 26.98 -6.83 0.31
CA ARG C 322 27.78 -6.07 -0.63
C ARG C 322 27.94 -6.80 -1.95
N VAL C 323 27.43 -6.22 -3.03
CA VAL C 323 27.55 -6.84 -4.34
C VAL C 323 28.59 -6.03 -5.14
N PRO C 324 29.67 -6.70 -5.59
CA PRO C 324 30.72 -6.02 -6.36
C PRO C 324 30.22 -5.36 -7.65
N GLY C 325 30.62 -4.10 -7.85
CA GLY C 325 30.22 -3.36 -9.02
C GLY C 325 28.74 -3.48 -9.34
N GLY C 326 27.91 -3.66 -8.31
CA GLY C 326 26.48 -3.79 -8.53
C GLY C 326 25.76 -2.46 -8.59
N ALA C 327 26.51 -1.37 -8.52
CA ALA C 327 25.98 -0.02 -8.59
C ALA C 327 25.39 0.22 -9.97
N SER C 328 25.94 -0.45 -10.96
CA SER C 328 25.41 -0.30 -12.30
C SER C 328 24.07 -1.03 -12.43
N LEU C 329 23.59 -1.62 -11.35
CA LEU C 329 22.31 -2.34 -11.42
C LEU C 329 21.24 -1.34 -11.85
N THR C 330 20.16 -1.84 -12.43
CA THR C 330 19.11 -0.97 -12.96
C THR C 330 17.85 -0.81 -12.12
N ARG C 331 17.17 0.31 -12.36
CA ARG C 331 15.91 0.64 -11.69
C ARG C 331 15.03 -0.60 -11.72
N LYS C 332 14.95 -1.22 -12.89
CA LYS C 332 14.16 -2.44 -13.09
C LYS C 332 14.68 -3.60 -12.26
N GLN C 333 15.99 -3.83 -12.35
CA GLN C 333 16.66 -4.92 -11.66
C GLN C 333 16.56 -4.82 -10.15
N ILE C 334 16.70 -3.60 -9.63
CA ILE C 334 16.58 -3.45 -8.19
C ILE C 334 15.15 -3.83 -7.78
N ASP C 335 14.17 -3.29 -8.49
CA ASP C 335 12.77 -3.58 -8.17
C ASP C 335 12.41 -5.06 -8.20
N GLU C 336 12.99 -5.79 -9.15
CA GLU C 336 12.69 -7.22 -9.22
C GLU C 336 13.17 -7.83 -7.91
N TYR C 337 14.44 -7.62 -7.58
CA TYR C 337 15.02 -8.11 -6.33
C TYR C 337 14.12 -7.68 -5.19
N GLY C 338 13.66 -6.44 -5.24
CA GLY C 338 12.79 -5.96 -4.21
C GLY C 338 11.67 -6.96 -3.97
N ASN C 339 11.07 -7.43 -5.05
CA ASN C 339 9.96 -8.38 -4.92
C ASN C 339 10.41 -9.80 -4.65
N PHE C 340 11.60 -10.15 -5.15
CA PHE C 340 12.13 -11.48 -4.93
C PHE C 340 12.31 -11.77 -3.45
N VAL C 341 12.77 -10.78 -2.70
CA VAL C 341 13.00 -10.99 -1.26
C VAL C 341 11.70 -11.21 -0.51
N LYS C 342 10.62 -10.60 -1.00
CA LYS C 342 9.31 -10.74 -0.38
C LYS C 342 8.96 -12.23 -0.24
N ILE C 343 9.30 -13.02 -1.25
CA ILE C 343 9.02 -14.45 -1.22
C ILE C 343 9.46 -15.12 0.08
N TYR C 344 10.46 -14.55 0.74
CA TYR C 344 10.99 -15.14 1.97
C TYR C 344 10.52 -14.45 3.23
N GLY C 345 9.66 -13.45 3.07
CA GLY C 345 9.13 -12.72 4.21
C GLY C 345 9.60 -11.28 4.35
N ALA C 346 10.47 -10.85 3.44
CA ALA C 346 11.00 -9.49 3.50
C ALA C 346 9.99 -8.42 3.09
N LYS C 347 9.99 -7.34 3.88
CA LYS C 347 9.10 -6.22 3.65
C LYS C 347 9.84 -5.18 2.83
N GLY C 348 10.80 -5.60 2.02
CA GLY C 348 11.50 -4.65 1.21
C GLY C 348 13.00 -4.88 1.12
N LEU C 349 13.66 -3.97 0.42
CA LEU C 349 15.11 -4.05 0.21
C LEU C 349 15.71 -2.66 0.07
N ALA C 350 16.25 -2.11 1.15
CA ALA C 350 16.87 -0.79 1.06
C ALA C 350 18.22 -1.00 0.39
N TYR C 351 18.70 0.02 -0.29
CA TYR C 351 19.98 -0.11 -0.95
C TYR C 351 20.77 1.17 -0.85
N ILE C 352 22.04 1.10 -1.17
CA ILE C 352 22.94 2.25 -1.17
C ILE C 352 23.86 2.02 -2.35
N LYS C 353 23.77 2.89 -3.34
CA LYS C 353 24.61 2.77 -4.52
C LYS C 353 25.89 3.55 -4.24
N VAL C 354 27.02 2.85 -4.19
CA VAL C 354 28.33 3.47 -3.92
C VAL C 354 29.07 3.92 -5.21
N ASN C 355 29.07 5.24 -5.47
CA ASN C 355 29.73 5.76 -6.67
C ASN C 355 31.19 6.14 -6.42
N GLU C 356 31.38 7.32 -5.83
CA GLU C 356 32.72 7.82 -5.52
C GLU C 356 32.93 7.78 -4.01
N ARG C 357 33.26 6.60 -3.50
CA ARG C 357 33.46 6.40 -2.06
C ARG C 357 34.06 7.57 -1.29
N ALA C 358 35.35 7.79 -1.44
CA ALA C 358 36.03 8.85 -0.72
C ALA C 358 35.48 10.25 -1.03
N LYS C 359 34.21 10.34 -1.43
CA LYS C 359 33.60 11.64 -1.73
C LYS C 359 32.51 12.03 -0.74
N GLY C 360 32.05 11.06 0.07
CA GLY C 360 31.02 11.34 1.07
C GLY C 360 29.61 10.87 0.77
N LEU C 361 28.64 11.45 1.46
CA LEU C 361 27.23 11.10 1.26
C LEU C 361 26.88 11.61 -0.12
N GLU C 362 27.85 12.36 -0.65
CA GLU C 362 27.77 12.95 -1.98
C GLU C 362 28.23 11.87 -2.95
N GLY C 363 29.22 11.10 -2.48
CA GLY C 363 29.77 10.03 -3.29
C GLY C 363 28.85 8.84 -3.46
N ILE C 364 27.80 8.73 -2.64
CA ILE C 364 26.86 7.62 -2.74
C ILE C 364 25.56 8.07 -3.35
N ASN C 365 24.53 7.26 -3.17
CA ASN C 365 23.20 7.58 -3.67
C ASN C 365 22.24 6.56 -3.04
N SER C 366 21.41 7.03 -2.13
CA SER C 366 20.48 6.13 -1.46
C SER C 366 19.20 6.75 -0.91
N PRO C 367 18.06 6.09 -1.17
CA PRO C 367 16.73 6.53 -0.70
C PRO C 367 16.67 6.59 0.85
N VAL C 368 17.51 5.79 1.52
CA VAL C 368 17.55 5.77 2.98
C VAL C 368 18.65 6.66 3.57
N ALA C 369 19.54 7.15 2.71
CA ALA C 369 20.65 8.00 3.15
C ALA C 369 20.21 9.16 4.06
N LYS C 370 19.04 9.74 3.78
CA LYS C 370 18.54 10.85 4.59
C LYS C 370 18.04 10.39 5.97
N PHE C 371 17.77 9.10 6.13
CA PHE C 371 17.33 8.60 7.43
C PHE C 371 18.56 8.14 8.22
N LEU C 372 19.70 8.21 7.55
CA LEU C 372 20.99 7.86 8.12
C LEU C 372 21.77 9.15 8.12
N ASN C 373 23.09 9.09 8.24
CA ASN C 373 23.90 10.30 8.19
C ASN C 373 25.28 9.97 7.68
N ALA C 374 26.16 10.97 7.71
CA ALA C 374 27.53 10.83 7.26
C ALA C 374 28.29 9.74 7.98
N GLU C 375 28.34 9.82 9.31
CA GLU C 375 29.08 8.83 10.10
C GLU C 375 28.63 7.38 9.95
N ILE C 376 27.32 7.15 9.98
CA ILE C 376 26.80 5.80 9.86
C ILE C 376 27.13 5.16 8.53
N ILE C 377 27.00 5.94 7.45
CA ILE C 377 27.28 5.43 6.11
C ILE C 377 28.77 5.08 5.82
N GLU C 378 29.72 5.75 6.47
CA GLU C 378 31.12 5.42 6.25
C GLU C 378 31.36 4.11 6.96
N ASP C 379 30.77 3.96 8.13
CA ASP C 379 30.92 2.73 8.89
C ASP C 379 30.42 1.53 8.09
N ILE C 380 29.35 1.73 7.34
CA ILE C 380 28.80 0.63 6.55
C ILE C 380 29.73 0.36 5.37
N LEU C 381 30.05 1.40 4.61
CA LEU C 381 30.93 1.26 3.45
C LEU C 381 32.28 0.66 3.86
N ASP C 382 32.71 0.99 5.07
CA ASP C 382 33.97 0.47 5.60
C ASP C 382 33.77 -0.98 5.97
N ARG C 383 32.91 -1.21 6.95
CA ARG C 383 32.64 -2.57 7.41
C ARG C 383 32.47 -3.53 6.25
N THR C 384 31.53 -3.23 5.35
CA THR C 384 31.30 -4.10 4.19
C THR C 384 32.43 -3.99 3.17
N ALA C 385 33.39 -3.11 3.43
CA ALA C 385 34.55 -2.89 2.57
C ALA C 385 34.08 -2.58 1.17
N ALA C 386 33.01 -1.80 1.09
CA ALA C 386 32.43 -1.41 -0.19
C ALA C 386 33.51 -0.77 -1.02
N GLN C 387 33.29 -0.75 -2.33
CA GLN C 387 34.21 -0.17 -3.30
C GLN C 387 33.42 0.63 -4.32
N ASP C 388 34.07 1.58 -4.96
CA ASP C 388 33.40 2.40 -5.95
C ASP C 388 32.69 1.52 -6.99
N GLY C 389 31.41 1.80 -7.21
CA GLY C 389 30.65 1.02 -8.15
C GLY C 389 30.01 -0.18 -7.47
N ASP C 390 30.23 -0.32 -6.17
CA ASP C 390 29.62 -1.42 -5.42
C ASP C 390 28.17 -1.12 -5.07
N MET C 391 27.44 -2.14 -4.62
CA MET C 391 26.04 -1.97 -4.21
C MET C 391 25.82 -2.64 -2.85
N ILE C 392 25.27 -1.88 -1.91
CA ILE C 392 24.99 -2.43 -0.59
C ILE C 392 23.46 -2.63 -0.42
N PHE C 393 23.03 -3.87 -0.20
CA PHE C 393 21.60 -4.17 -0.01
C PHE C 393 21.35 -4.41 1.47
N PHE C 394 20.19 -4.00 1.96
CA PHE C 394 19.87 -4.16 3.37
C PHE C 394 18.66 -5.03 3.67
N GLY C 395 18.82 -5.91 4.64
CA GLY C 395 17.73 -6.75 5.07
C GLY C 395 17.49 -6.42 6.53
N ALA C 396 16.31 -5.89 6.86
CA ALA C 396 16.01 -5.54 8.24
C ALA C 396 14.74 -6.20 8.70
N ASP C 397 14.84 -7.29 9.45
CA ASP C 397 13.67 -8.01 9.95
C ASP C 397 14.10 -8.99 11.05
N ASN C 398 13.27 -9.99 11.37
CA ASN C 398 13.68 -10.97 12.36
C ASN C 398 14.74 -11.91 11.74
N LYS C 399 15.70 -12.31 12.56
CA LYS C 399 16.79 -13.17 12.12
C LYS C 399 16.45 -14.15 10.99
N LYS C 400 15.39 -14.92 11.16
CA LYS C 400 15.01 -15.92 10.16
C LYS C 400 14.67 -15.35 8.81
N ILE C 401 13.95 -14.23 8.80
CA ILE C 401 13.58 -13.63 7.54
C ILE C 401 14.81 -13.06 6.85
N VAL C 402 15.63 -12.31 7.59
CA VAL C 402 16.84 -11.73 7.02
C VAL C 402 17.73 -12.85 6.45
N ALA C 403 17.88 -13.91 7.22
CA ALA C 403 18.67 -15.05 6.78
C ALA C 403 18.07 -15.58 5.48
N ASP C 404 16.78 -15.90 5.50
CA ASP C 404 16.11 -16.44 4.33
C ASP C 404 16.13 -15.55 3.09
N ALA C 405 15.84 -14.26 3.28
CA ALA C 405 15.80 -13.30 2.18
C ALA C 405 17.17 -12.98 1.61
N MET C 406 18.03 -12.40 2.44
CA MET C 406 19.37 -12.02 2.03
C MET C 406 20.21 -13.23 1.65
N GLY C 407 19.81 -14.40 2.14
CA GLY C 407 20.54 -15.61 1.83
C GLY C 407 20.27 -16.06 0.41
N ALA C 408 19.00 -15.98 0.01
CA ALA C 408 18.66 -16.37 -1.35
C ALA C 408 19.03 -15.20 -2.26
N LEU C 409 18.77 -13.98 -1.81
CA LEU C 409 19.11 -12.81 -2.59
C LEU C 409 20.59 -12.90 -2.89
N ARG C 410 21.38 -13.26 -1.89
CA ARG C 410 22.81 -13.36 -2.09
C ARG C 410 23.11 -14.36 -3.20
N LEU C 411 22.34 -15.45 -3.24
CA LEU C 411 22.56 -16.47 -4.26
C LEU C 411 22.14 -15.96 -5.64
N LYS C 412 20.94 -15.42 -5.73
CA LYS C 412 20.45 -14.89 -6.99
C LYS C 412 21.46 -13.93 -7.60
N VAL C 413 21.66 -12.79 -6.95
CA VAL C 413 22.58 -11.79 -7.46
C VAL C 413 23.88 -12.42 -7.96
N GLY C 414 24.33 -13.49 -7.32
CA GLY C 414 25.56 -14.13 -7.75
C GLY C 414 25.49 -14.74 -9.14
N LYS C 415 24.43 -15.52 -9.37
CA LYS C 415 24.21 -16.15 -10.66
C LYS C 415 23.87 -15.08 -11.69
N ASP C 416 22.87 -14.25 -11.38
CA ASP C 416 22.47 -13.17 -12.27
C ASP C 416 23.64 -12.27 -12.67
N LEU C 417 24.69 -12.21 -11.85
CA LEU C 417 25.81 -11.36 -12.20
C LEU C 417 27.09 -12.17 -12.43
N GLY C 418 26.95 -13.48 -12.40
CA GLY C 418 28.10 -14.34 -12.62
C GLY C 418 29.31 -14.05 -11.73
N LEU C 419 29.06 -13.65 -10.49
CA LEU C 419 30.16 -13.37 -9.56
C LEU C 419 30.51 -14.72 -8.98
N THR C 420 29.55 -15.62 -9.09
CA THR C 420 29.71 -16.97 -8.58
C THR C 420 30.41 -17.86 -9.56
N ASP C 421 31.67 -18.16 -9.31
CA ASP C 421 32.39 -19.05 -10.20
C ASP C 421 32.01 -20.47 -9.81
N GLU C 422 31.14 -21.09 -10.60
CA GLU C 422 30.72 -22.45 -10.28
C GLU C 422 31.68 -23.53 -10.78
N SER C 423 32.82 -23.11 -11.33
CA SER C 423 33.77 -24.09 -11.80
C SER C 423 34.63 -24.49 -10.60
N LYS C 424 34.54 -23.69 -9.54
CA LYS C 424 35.33 -23.92 -8.32
C LYS C 424 34.64 -24.87 -7.34
N TRP C 425 35.46 -25.53 -6.52
CA TRP C 425 34.96 -26.46 -5.51
C TRP C 425 35.13 -25.83 -4.15
N ALA C 426 34.00 -25.63 -3.46
CA ALA C 426 33.98 -25.00 -2.15
C ALA C 426 33.42 -25.86 -1.03
N PRO C 427 34.28 -26.66 -0.41
CA PRO C 427 33.89 -27.53 0.71
C PRO C 427 34.07 -26.76 2.01
N LEU C 428 33.48 -27.25 3.08
CA LEU C 428 33.58 -26.59 4.38
C LEU C 428 32.82 -27.39 5.41
N TRP C 429 33.07 -27.08 6.68
CA TRP C 429 32.33 -27.74 7.75
C TRP C 429 31.47 -26.70 8.44
N VAL C 430 30.27 -27.09 8.84
CA VAL C 430 29.39 -26.21 9.58
C VAL C 430 29.22 -26.96 10.87
N ILE C 431 29.65 -26.36 11.97
CA ILE C 431 29.57 -27.02 13.27
C ILE C 431 28.75 -26.18 14.25
N ASP C 432 28.39 -26.80 15.38
CA ASP C 432 27.65 -26.14 16.44
C ASP C 432 26.22 -25.86 16.02
N PHE C 433 25.51 -26.90 15.64
CA PHE C 433 24.11 -26.72 15.23
C PHE C 433 23.26 -26.56 16.49
N PRO C 434 22.08 -25.94 16.35
CA PRO C 434 21.31 -25.86 17.60
C PRO C 434 20.97 -27.30 17.94
N MET C 435 20.65 -27.56 19.21
CA MET C 435 20.30 -28.90 19.64
C MET C 435 18.89 -29.19 19.16
N PHE C 436 18.02 -28.20 19.31
CA PHE C 436 16.62 -28.34 18.99
C PHE C 436 16.04 -27.29 18.03
N GLU C 437 14.80 -27.54 17.62
CA GLU C 437 14.09 -26.64 16.74
C GLU C 437 12.71 -26.34 17.31
N ASP C 438 12.17 -25.20 16.98
CA ASP C 438 10.83 -24.87 17.46
C ASP C 438 9.93 -25.91 16.81
N ASP C 439 8.96 -26.46 17.55
CA ASP C 439 8.09 -27.46 16.94
C ASP C 439 6.79 -26.82 16.41
N GLY C 440 6.66 -25.52 16.61
CA GLY C 440 5.49 -24.81 16.14
C GLY C 440 4.28 -24.98 17.03
N GLU C 441 4.23 -26.10 17.75
CA GLU C 441 3.11 -26.36 18.64
C GLU C 441 3.51 -26.18 20.11
N GLY C 442 4.65 -25.51 20.34
CA GLY C 442 5.11 -25.27 21.69
C GLY C 442 6.34 -26.03 22.18
N GLY C 443 6.45 -27.30 21.81
CA GLY C 443 7.60 -28.07 22.25
C GLY C 443 8.89 -27.80 21.50
N LEU C 444 9.74 -28.81 21.47
CA LEU C 444 11.02 -28.75 20.79
C LEU C 444 11.23 -30.10 20.15
N THR C 445 12.07 -30.13 19.11
CA THR C 445 12.38 -31.38 18.42
C THR C 445 13.86 -31.34 18.06
N ALA C 446 14.46 -32.50 17.84
CA ALA C 446 15.89 -32.53 17.54
C ALA C 446 16.24 -31.99 16.17
N MET C 447 17.34 -31.26 16.09
CA MET C 447 17.79 -30.75 14.80
C MET C 447 18.22 -32.01 14.01
N HIS C 448 19.27 -32.69 14.48
CA HIS C 448 19.76 -33.91 13.84
C HIS C 448 18.88 -35.09 14.33
N HIS C 449 19.17 -35.60 15.53
CA HIS C 449 18.39 -36.68 16.13
C HIS C 449 18.61 -36.58 17.64
N PRO C 450 17.66 -37.10 18.44
CA PRO C 450 17.66 -37.12 19.92
C PRO C 450 18.84 -37.73 20.66
N PHE C 451 19.76 -38.36 19.95
CA PHE C 451 20.91 -38.97 20.60
C PHE C 451 22.17 -38.12 20.43
N THR C 452 21.98 -36.85 20.09
CA THR C 452 23.07 -35.89 19.90
C THR C 452 23.34 -35.18 21.22
N SER C 453 24.60 -35.10 21.63
CA SER C 453 24.93 -34.44 22.90
C SER C 453 25.26 -32.96 22.81
N PRO C 454 25.05 -32.25 23.93
CA PRO C 454 25.33 -30.81 23.96
C PRO C 454 26.83 -30.55 23.80
N LYS C 455 27.17 -29.41 23.26
CA LYS C 455 28.54 -29.09 23.05
C LYS C 455 29.26 -28.81 24.36
N ASP C 456 28.65 -28.02 25.22
CA ASP C 456 29.33 -27.68 26.44
C ASP C 456 28.43 -27.57 27.64
N MET C 457 27.22 -28.11 27.54
CA MET C 457 26.28 -28.01 28.64
C MET C 457 26.14 -29.24 29.54
N THR C 458 25.78 -28.93 30.78
CA THR C 458 25.53 -29.91 31.83
C THR C 458 24.10 -30.36 31.59
N ALA C 459 23.73 -31.55 32.08
CA ALA C 459 22.36 -32.01 31.89
C ALA C 459 21.49 -30.93 32.50
N ALA C 460 21.94 -30.44 33.65
CA ALA C 460 21.24 -29.40 34.39
C ALA C 460 21.05 -28.10 33.60
N GLU C 461 22.10 -27.57 33.01
CA GLU C 461 22.00 -26.31 32.27
C GLU C 461 21.17 -26.48 30.99
N LEU C 462 21.19 -27.67 30.41
CA LEU C 462 20.44 -27.96 29.19
C LEU C 462 18.93 -27.79 29.43
N LYS C 463 18.47 -28.37 30.53
CA LYS C 463 17.07 -28.32 30.91
C LYS C 463 16.68 -26.90 31.32
N ALA C 464 17.59 -26.17 31.93
CA ALA C 464 17.24 -24.82 32.35
C ALA C 464 17.16 -23.88 31.17
N ALA C 465 17.79 -24.27 30.06
CA ALA C 465 17.79 -23.43 28.88
C ALA C 465 18.06 -24.24 27.63
N PRO C 466 17.05 -24.94 27.12
CA PRO C 466 17.18 -25.77 25.92
C PRO C 466 17.05 -25.01 24.60
N GLU C 467 16.17 -24.01 24.57
CA GLU C 467 15.94 -23.22 23.36
C GLU C 467 17.14 -23.12 22.42
N ASN C 468 18.18 -22.45 22.89
CA ASN C 468 19.38 -22.24 22.08
C ASN C 468 20.56 -23.12 22.38
N ALA C 469 20.36 -24.14 23.18
CA ALA C 469 21.46 -25.04 23.50
C ALA C 469 22.17 -25.46 22.20
N VAL C 470 23.49 -25.34 22.19
CA VAL C 470 24.31 -25.71 21.04
C VAL C 470 24.72 -27.18 21.11
N ALA C 471 24.56 -27.89 19.99
CA ALA C 471 24.90 -29.31 19.90
C ALA C 471 26.28 -29.57 19.35
N ASN C 472 26.77 -30.80 19.59
CA ASN C 472 28.05 -31.25 19.06
C ASN C 472 27.62 -31.96 17.76
N ALA C 473 27.17 -31.15 16.80
CA ALA C 473 26.67 -31.67 15.55
C ALA C 473 27.27 -30.91 14.39
N TYR C 474 27.87 -31.65 13.48
CA TYR C 474 28.53 -31.07 12.32
C TYR C 474 27.97 -31.55 10.99
N ASP C 475 28.15 -30.72 9.97
CA ASP C 475 27.72 -31.03 8.62
C ASP C 475 28.84 -30.72 7.62
N MET C 476 29.04 -31.59 6.62
CA MET C 476 30.04 -31.28 5.61
C MET C 476 29.29 -30.78 4.37
N VAL C 477 29.56 -29.54 3.98
CA VAL C 477 28.92 -28.95 2.84
C VAL C 477 29.90 -28.79 1.70
N ILE C 478 29.43 -29.02 0.48
CA ILE C 478 30.23 -28.83 -0.72
C ILE C 478 29.33 -28.11 -1.71
N ASN C 479 29.78 -26.94 -2.19
CA ASN C 479 29.03 -26.13 -3.15
C ASN C 479 27.54 -25.97 -2.82
N GLY C 480 27.20 -25.71 -1.56
CA GLY C 480 25.82 -25.51 -1.18
C GLY C 480 25.03 -26.77 -0.92
N TYR C 481 25.72 -27.92 -0.90
CA TYR C 481 25.04 -29.16 -0.65
C TYR C 481 25.44 -29.92 0.63
N GLU C 482 24.49 -30.15 1.54
CA GLU C 482 24.76 -30.92 2.74
C GLU C 482 25.09 -32.32 2.18
N VAL C 483 26.38 -32.70 2.12
CA VAL C 483 26.71 -34.02 1.59
C VAL C 483 26.92 -35.03 2.71
N GLY C 484 26.83 -34.52 3.93
CA GLY C 484 27.04 -35.40 5.06
C GLY C 484 26.98 -34.66 6.38
N GLY C 485 26.77 -35.44 7.42
CA GLY C 485 26.68 -34.88 8.75
C GLY C 485 26.47 -35.97 9.79
N GLY C 486 26.80 -35.63 11.03
CA GLY C 486 26.64 -36.58 12.11
C GLY C 486 26.74 -35.83 13.41
N SER C 487 27.21 -36.50 14.46
CA SER C 487 27.34 -35.84 15.73
C SER C 487 27.96 -36.75 16.76
N VAL C 488 28.28 -36.17 17.91
CA VAL C 488 28.85 -36.95 19.00
C VAL C 488 27.62 -37.47 19.74
N ARG C 489 27.53 -38.78 19.89
CA ARG C 489 26.38 -39.34 20.58
C ARG C 489 26.51 -39.15 22.10
N ILE C 490 25.37 -39.21 22.79
CA ILE C 490 25.32 -39.09 24.24
C ILE C 490 25.69 -40.47 24.78
N HIS C 491 26.66 -40.54 25.68
CA HIS C 491 27.08 -41.84 26.23
C HIS C 491 26.74 -41.97 27.70
N ASN C 492 25.92 -41.04 28.17
CA ASN C 492 25.47 -40.99 29.55
C ASN C 492 23.91 -41.12 29.57
N GLY C 493 23.43 -42.20 30.16
CA GLY C 493 22.01 -42.44 30.22
C GLY C 493 21.17 -41.30 30.76
N ASP C 494 21.53 -40.78 31.93
CA ASP C 494 20.79 -39.69 32.55
C ASP C 494 20.69 -38.51 31.61
N MET C 495 21.75 -38.28 30.84
CA MET C 495 21.74 -37.18 29.90
C MET C 495 20.68 -37.49 28.88
N GLN C 496 20.75 -38.69 28.28
CA GLN C 496 19.80 -39.11 27.24
C GLN C 496 18.34 -38.99 27.67
N GLN C 497 18.08 -39.07 28.96
CA GLN C 497 16.71 -38.96 29.43
C GLN C 497 16.30 -37.51 29.55
N THR C 498 17.26 -36.65 29.90
CA THR C 498 16.92 -35.24 30.00
C THR C 498 16.49 -34.78 28.63
N VAL C 499 17.29 -35.07 27.61
CA VAL C 499 16.96 -34.70 26.25
C VAL C 499 15.54 -35.22 25.90
N PHE C 500 15.25 -36.46 26.31
CA PHE C 500 13.93 -37.01 26.01
C PHE C 500 12.87 -36.12 26.63
N GLY C 501 13.02 -35.82 27.92
CA GLY C 501 12.06 -34.97 28.57
C GLY C 501 11.95 -33.66 27.81
N ILE C 502 13.09 -33.10 27.44
CA ILE C 502 13.09 -31.84 26.71
C ILE C 502 12.32 -32.07 25.42
N LEU C 503 12.59 -33.19 24.75
CA LEU C 503 11.92 -33.53 23.51
C LEU C 503 10.44 -33.96 23.73
N GLY C 504 9.91 -33.62 24.90
CA GLY C 504 8.54 -33.97 25.23
C GLY C 504 8.19 -35.46 25.32
N ILE C 505 9.13 -36.35 25.08
CA ILE C 505 8.79 -37.77 25.16
C ILE C 505 8.84 -38.32 26.60
N ASN C 506 7.64 -38.42 27.19
CA ASN C 506 7.47 -38.91 28.56
C ASN C 506 8.01 -40.33 28.69
N GLU C 507 7.99 -40.85 29.90
CA GLU C 507 8.52 -42.17 30.24
C GLU C 507 7.92 -43.44 29.64
N GLU C 508 6.61 -43.47 29.43
CA GLU C 508 6.03 -44.66 28.85
C GLU C 508 6.52 -44.81 27.40
N GLU C 509 6.49 -43.72 26.65
CA GLU C 509 6.96 -43.78 25.28
C GLU C 509 8.47 -43.99 25.29
N GLN C 510 9.17 -43.34 26.22
CA GLN C 510 10.61 -43.53 26.33
C GLN C 510 10.93 -45.01 26.35
N ARG C 511 10.34 -45.74 27.28
CA ARG C 511 10.59 -47.19 27.36
C ARG C 511 10.09 -47.95 26.14
N GLU C 512 8.99 -47.50 25.56
CA GLU C 512 8.45 -48.16 24.37
C GLU C 512 9.38 -48.02 23.16
N LYS C 513 9.76 -46.78 22.85
CA LYS C 513 10.61 -46.50 21.70
C LYS C 513 12.13 -46.61 21.87
N PHE C 514 12.65 -46.39 23.08
CA PHE C 514 14.10 -46.43 23.28
C PHE C 514 14.60 -47.23 24.49
N GLY C 515 13.75 -48.10 25.02
CA GLY C 515 14.11 -48.91 26.16
C GLY C 515 15.38 -49.73 26.08
N PHE C 516 15.56 -50.50 25.01
CA PHE C 516 16.75 -51.31 24.84
C PHE C 516 17.98 -50.43 24.79
N LEU C 517 17.85 -49.27 24.13
CA LEU C 517 18.97 -48.35 24.04
C LEU C 517 19.29 -47.80 25.42
N LEU C 518 18.26 -47.39 26.14
CA LEU C 518 18.41 -46.84 27.48
C LEU C 518 19.07 -47.82 28.42
N ASP C 519 18.73 -49.10 28.29
CA ASP C 519 19.37 -50.11 29.15
C ASP C 519 20.82 -50.28 28.79
N ALA C 520 21.09 -50.30 27.48
CA ALA C 520 22.43 -50.44 26.96
C ALA C 520 23.38 -49.41 27.60
N LEU C 521 22.96 -48.15 27.64
CA LEU C 521 23.78 -47.08 28.22
C LEU C 521 24.27 -47.34 29.64
N LYS C 522 23.74 -48.35 30.29
CA LYS C 522 24.12 -48.67 31.65
C LYS C 522 25.33 -49.57 31.78
N TYR C 523 26.00 -49.90 30.68
CA TYR C 523 27.10 -50.84 30.81
C TYR C 523 28.48 -50.49 30.33
N GLY C 524 28.89 -49.24 30.51
CA GLY C 524 30.22 -48.82 30.11
C GLY C 524 30.25 -48.19 28.73
N THR C 525 29.17 -47.50 28.39
CA THR C 525 29.13 -46.87 27.09
C THR C 525 30.33 -45.94 26.99
N PRO C 526 31.16 -46.11 25.94
CA PRO C 526 32.34 -45.26 25.78
C PRO C 526 31.91 -44.04 25.02
N PRO C 527 32.78 -43.01 24.95
CA PRO C 527 32.32 -41.87 24.16
C PRO C 527 32.30 -42.28 22.68
N HIS C 528 31.25 -41.88 21.99
CA HIS C 528 31.15 -42.20 20.59
C HIS C 528 30.56 -41.11 19.72
N ALA C 529 30.96 -41.14 18.46
CA ALA C 529 30.55 -40.17 17.47
C ALA C 529 30.79 -40.77 16.11
N GLY C 530 29.96 -40.33 15.16
CA GLY C 530 30.07 -40.80 13.80
C GLY C 530 29.49 -39.76 12.88
N LEU C 531 29.17 -40.18 11.67
CA LEU C 531 28.61 -39.32 10.65
C LEU C 531 28.03 -40.20 9.55
N ALA C 532 27.24 -39.61 8.66
CA ALA C 532 26.70 -40.39 7.57
C ALA C 532 26.71 -39.52 6.31
N PHE C 533 27.29 -40.04 5.23
CA PHE C 533 27.36 -39.32 3.95
C PHE C 533 26.24 -39.72 3.00
N GLY C 534 25.81 -38.79 2.16
CA GLY C 534 24.80 -39.13 1.19
C GLY C 534 25.58 -39.63 0.00
N LEU C 535 25.57 -40.94 -0.25
CA LEU C 535 26.33 -41.48 -1.37
C LEU C 535 25.87 -40.90 -2.72
N ASP C 536 24.56 -40.71 -2.87
CA ASP C 536 24.00 -40.19 -4.10
C ASP C 536 24.54 -38.80 -4.46
N ARG C 537 24.36 -37.82 -3.57
CA ARG C 537 24.85 -36.46 -3.84
C ARG C 537 26.32 -36.43 -4.20
N LEU C 538 27.10 -37.22 -3.47
CA LEU C 538 28.56 -37.32 -3.66
C LEU C 538 28.83 -37.73 -5.08
N THR C 539 28.02 -38.67 -5.55
CA THR C 539 28.14 -39.19 -6.90
C THR C 539 27.62 -38.16 -7.91
N MET C 540 26.62 -37.37 -7.53
CA MET C 540 26.09 -36.35 -8.43
C MET C 540 27.16 -35.30 -8.65
N LEU C 541 27.67 -34.75 -7.55
CA LEU C 541 28.71 -33.73 -7.63
C LEU C 541 29.91 -34.22 -8.38
N LEU C 542 30.32 -35.45 -8.08
CA LEU C 542 31.50 -36.04 -8.71
C LEU C 542 31.31 -36.43 -10.18
N THR C 543 30.10 -36.36 -10.71
CA THR C 543 29.93 -36.74 -12.09
C THR C 543 29.19 -35.69 -12.89
N GLY C 544 29.21 -34.46 -12.38
CA GLY C 544 28.55 -33.37 -13.09
C GLY C 544 27.03 -33.45 -13.24
N THR C 545 26.39 -34.45 -12.64
CA THR C 545 24.95 -34.62 -12.74
C THR C 545 24.11 -33.74 -11.82
N ASP C 546 22.92 -33.39 -12.31
CA ASP C 546 21.98 -32.58 -11.55
C ASP C 546 20.78 -33.42 -11.11
N ASN C 547 20.52 -34.48 -11.86
CA ASN C 547 19.38 -35.37 -11.63
C ASN C 547 19.78 -36.70 -10.97
N ILE C 548 19.38 -36.84 -9.71
CA ILE C 548 19.70 -38.00 -8.89
C ILE C 548 19.37 -39.34 -9.52
N ARG C 549 18.37 -39.38 -10.40
CA ARG C 549 17.97 -40.61 -11.08
C ARG C 549 19.10 -41.06 -12.01
N ASP C 550 19.94 -40.10 -12.37
CA ASP C 550 21.06 -40.33 -13.24
C ASP C 550 22.20 -41.11 -12.60
N VAL C 551 22.25 -41.11 -11.26
CA VAL C 551 23.31 -41.80 -10.55
C VAL C 551 22.85 -43.10 -9.94
N ILE C 552 21.57 -43.43 -10.13
CA ILE C 552 21.02 -44.67 -9.60
C ILE C 552 20.63 -45.49 -10.83
N ALA C 553 20.94 -46.80 -10.84
CA ALA C 553 20.63 -47.64 -12.00
C ALA C 553 19.14 -47.74 -12.23
N PHE C 554 18.40 -48.07 -11.17
CA PHE C 554 16.98 -48.22 -11.29
C PHE C 554 16.22 -47.28 -10.39
N PRO C 555 16.08 -46.03 -10.80
CA PRO C 555 15.36 -45.07 -9.97
C PRO C 555 13.87 -45.20 -10.12
N LYS C 556 13.14 -44.71 -9.12
CA LYS C 556 11.68 -44.71 -9.14
C LYS C 556 11.36 -43.29 -9.53
N THR C 557 10.17 -43.06 -10.03
CA THR C 557 9.79 -41.72 -10.42
C THR C 557 9.60 -40.90 -9.13
N THR C 558 9.13 -39.66 -9.30
CA THR C 558 8.88 -38.77 -8.18
C THR C 558 7.63 -39.24 -7.42
N ALA C 559 6.89 -40.21 -7.98
CA ALA C 559 5.70 -40.71 -7.32
C ALA C 559 6.01 -42.05 -6.64
N ALA C 560 7.30 -42.34 -6.51
CA ALA C 560 7.72 -43.57 -5.88
C ALA C 560 7.34 -44.76 -6.77
N ALA C 561 7.28 -44.51 -8.07
CA ALA C 561 6.90 -45.59 -8.99
C ALA C 561 8.04 -46.04 -9.90
N CYS C 562 8.07 -47.34 -10.16
CA CYS C 562 9.05 -47.93 -11.06
C CYS C 562 8.29 -48.15 -12.38
N LEU C 563 8.61 -47.36 -13.41
CA LEU C 563 7.95 -47.44 -14.71
C LEU C 563 8.27 -48.68 -15.53
N MET C 564 9.41 -49.30 -15.28
CA MET C 564 9.89 -50.46 -16.00
C MET C 564 9.25 -51.80 -15.62
N THR C 565 8.88 -51.97 -14.35
CA THR C 565 8.28 -53.22 -13.91
C THR C 565 6.90 -53.01 -13.29
N GLU C 566 6.52 -51.74 -13.21
CA GLU C 566 5.23 -51.32 -12.69
C GLU C 566 4.95 -51.69 -11.25
N ALA C 567 5.62 -50.98 -10.35
CA ALA C 567 5.52 -51.15 -8.91
C ALA C 567 5.30 -49.73 -8.39
N PRO C 568 4.55 -49.57 -7.30
CA PRO C 568 3.88 -50.61 -6.51
C PRO C 568 2.63 -51.13 -7.23
N SER C 569 2.06 -52.22 -6.73
CA SER C 569 0.87 -52.80 -7.35
C SER C 569 -0.07 -53.49 -6.37
N PHE C 570 -1.21 -53.97 -6.86
CA PHE C 570 -2.16 -54.67 -5.99
C PHE C 570 -1.59 -56.06 -5.76
N ALA C 571 -1.71 -56.56 -4.54
CA ALA C 571 -1.21 -57.88 -4.18
C ALA C 571 -2.34 -58.91 -4.35
N ASN C 572 -1.97 -60.18 -4.52
CA ASN C 572 -2.99 -61.21 -4.66
C ASN C 572 -3.64 -61.37 -3.30
N PRO C 573 -4.98 -61.30 -3.24
CA PRO C 573 -5.72 -61.43 -1.99
C PRO C 573 -5.20 -62.54 -1.07
N THR C 574 -4.75 -63.64 -1.66
CA THR C 574 -4.22 -64.77 -0.90
C THR C 574 -3.15 -64.22 0.02
N ALA C 575 -2.15 -63.61 -0.59
CA ALA C 575 -1.03 -63.02 0.13
C ALA C 575 -1.51 -62.18 1.31
N LEU C 576 -2.50 -61.32 1.07
CA LEU C 576 -3.06 -60.46 2.09
C LEU C 576 -3.75 -61.27 3.17
N ALA C 577 -4.22 -62.45 2.81
CA ALA C 577 -4.90 -63.35 3.74
C ALA C 577 -3.89 -63.94 4.71
N GLU C 578 -2.80 -64.45 4.15
CA GLU C 578 -1.75 -65.05 4.95
C GLU C 578 -1.04 -63.96 5.76
N LEU C 579 -1.19 -62.71 5.36
CA LEU C 579 -0.58 -61.61 6.10
C LEU C 579 -1.56 -61.04 7.12
N SER C 580 -2.74 -61.65 7.19
CA SER C 580 -3.75 -61.24 8.13
C SER C 580 -4.13 -59.75 7.96
N ILE C 581 -3.96 -59.23 6.76
CA ILE C 581 -4.31 -57.83 6.51
C ILE C 581 -5.16 -57.65 5.25
N GLN C 582 -5.92 -56.57 5.24
CA GLN C 582 -6.77 -56.27 4.11
C GLN C 582 -6.72 -54.78 3.83
N VAL C 583 -7.04 -54.42 2.58
CA VAL C 583 -7.03 -53.03 2.19
C VAL C 583 -8.36 -52.39 2.54
N VAL C 584 -8.33 -51.24 3.19
CA VAL C 584 -9.58 -50.58 3.51
C VAL C 584 -9.97 -49.73 2.30
N LYS C 585 -10.32 -50.38 1.19
CA LYS C 585 -10.76 -49.63 0.01
C LYS C 585 -11.98 -48.93 0.57
N LYS C 586 -11.86 -47.61 0.78
CA LYS C 586 -12.94 -46.85 1.37
C LYS C 586 -14.08 -46.51 0.43
N ALA C 587 -15.28 -46.79 0.91
CA ALA C 587 -16.49 -46.49 0.16
C ALA C 587 -16.94 -45.15 0.68
N GLU C 588 -16.58 -44.10 -0.03
CA GLU C 588 -16.96 -42.73 0.33
C GLU C 588 -18.04 -42.30 -0.68
N ASN C 589 -18.76 -41.23 -0.37
CA ASN C 589 -19.79 -40.74 -1.28
C ASN C 589 -19.20 -40.56 -2.68
N ASN C 590 -17.86 -40.52 -2.74
CA ASN C 590 -17.12 -40.33 -3.99
C ASN C 590 -17.78 -39.24 -4.83
MG MG D . -7.53 37.82 8.84
MG MG E . -10.32 -5.68 0.94
MG MG F . 19.93 -31.42 7.00
#